data_6FUG
#
_entry.id   6FUG
#
_cell.length_a   66.523
_cell.length_b   68.482
_cell.length_c   73.380
_cell.angle_alpha   95.21
_cell.angle_beta   116.70
_cell.angle_gamma   102.43
#
_symmetry.space_group_name_H-M   'P 1'
#
loop_
_entity.id
_entity.type
_entity.pdbx_description
1 polymer 'Complement factor D'
2 non-polymer 3-[[3-[[3-(aminomethyl)phenyl]amino]-1~{H}-pyrazolo[3,4-d]pyrimidin-4-yl]amino]phenol
3 water water
#
_entity_poly.entity_id   1
_entity_poly.type   'polypeptide(L)'
_entity_poly.pdbx_seq_one_letter_code
;ILGGREAEAHARPYMASVQLNGAHLCGGVLVAEQWVLSAAHCLEDAADGKVQVLLGAHSLSQPEPSKRLYDVLRAVPHPD
SQPDTIDHDLLLLQLSEKATLGPAVRPLPWQRVDRDVAPGTLCDVAGWGIVNHAGRRPDSLQHVLLPVLDRATCNRRTHH
DGAITERLMCAESNRRDSCKGDSGGPLVCGGVLEGVVTSGSRVCGNRKKPGIYTRVASYAAWIDSVLASAAA
;
_entity_poly.pdbx_strand_id   A,B,C,D,E,F
#
loop_
_chem_comp.id
_chem_comp.type
_chem_comp.name
_chem_comp.formula
E85 non-polymer 3-[[3-[[3-(aminomethyl)phenyl]amino]-1~{H}-pyrazolo[3,4-d]pyrimidin-4-yl]amino]phenol 'C18 H17 N7 O'
#
# COMPACT_ATOMS: atom_id res chain seq x y z
N ILE A 1 -23.78 -17.46 19.16
CA ILE A 1 -22.75 -16.36 19.07
C ILE A 1 -22.39 -15.85 20.47
N LEU A 2 -21.11 -15.88 20.83
CA LEU A 2 -20.61 -15.29 22.10
C LEU A 2 -20.13 -13.89 21.81
N GLY A 3 -20.43 -12.97 22.70
CA GLY A 3 -19.94 -11.59 22.62
C GLY A 3 -20.63 -10.73 21.57
N GLY A 4 -21.80 -11.14 21.11
CA GLY A 4 -22.53 -10.41 20.05
C GLY A 4 -23.72 -9.64 20.57
N ARG A 5 -24.55 -9.22 19.64
CA ARG A 5 -25.75 -8.38 19.88
C ARG A 5 -26.89 -9.06 19.11
N GLU A 6 -28.13 -8.77 19.53
CA GLU A 6 -29.30 -9.13 18.76
C GLU A 6 -29.22 -8.37 17.43
N ALA A 7 -29.40 -9.10 16.33
CA ALA A 7 -29.37 -8.50 15.01
C ALA A 7 -30.66 -7.71 14.75
N GLU A 8 -30.59 -6.80 13.81
CA GLU A 8 -31.75 -6.11 13.31
C GLU A 8 -32.60 -7.18 12.62
N ALA A 9 -33.87 -7.28 13.01
CA ALA A 9 -34.78 -8.23 12.43
C ALA A 9 -34.74 -8.19 10.93
N HIS A 10 -34.49 -9.35 10.32
CA HIS A 10 -34.57 -9.52 8.87
C HIS A 10 -33.59 -8.71 8.04
N ALA A 11 -32.56 -8.14 8.66
CA ALA A 11 -31.54 -7.43 7.91
C ALA A 11 -30.54 -8.38 7.23
N ARG A 12 -30.62 -9.67 7.55
CA ARG A 12 -29.80 -10.73 6.93
C ARG A 12 -30.77 -11.76 6.35
N PRO A 13 -31.44 -11.40 5.25
CA PRO A 13 -32.52 -12.21 4.71
C PRO A 13 -32.08 -13.58 4.15
N TYR A 14 -30.77 -13.79 4.04
CA TYR A 14 -30.13 -15.05 3.64
C TYR A 14 -30.03 -16.11 4.76
N MET A 15 -30.30 -15.69 5.98
CA MET A 15 -30.01 -16.48 7.15
C MET A 15 -31.06 -17.56 7.31
N ALA A 16 -30.61 -18.78 7.59
CA ALA A 16 -31.50 -19.94 7.73
C ALA A 16 -31.18 -20.69 9.00
N SER A 17 -32.22 -21.19 9.68
CA SER A 17 -32.05 -22.13 10.78
C SER A 17 -32.34 -23.54 10.25
N VAL A 18 -31.36 -24.41 10.34
CA VAL A 18 -31.53 -25.79 9.97
C VAL A 18 -32.02 -26.50 11.23
N GLN A 19 -33.20 -27.11 11.12
CA GLN A 19 -33.91 -27.68 12.26
C GLN A 19 -34.02 -29.20 12.22
N LEU A 20 -33.92 -29.79 13.40
CA LEU A 20 -33.96 -31.24 13.58
C LEU A 20 -35.04 -31.56 14.58
N ASN A 21 -36.11 -32.20 14.10
CA ASN A 21 -37.26 -32.56 14.93
C ASN A 21 -37.84 -31.35 15.65
N GLY A 22 -38.09 -30.28 14.89
CA GLY A 22 -38.72 -29.06 15.41
C GLY A 22 -37.87 -28.10 16.23
N ALA A 23 -36.57 -28.39 16.37
CA ALA A 23 -35.68 -27.55 17.17
C ALA A 23 -34.53 -27.03 16.31
N HIS A 24 -34.01 -25.83 16.62
CA HIS A 24 -32.84 -25.28 15.93
C HIS A 24 -31.63 -26.19 16.21
N LEU A 25 -30.93 -26.58 15.14
CA LEU A 25 -29.75 -27.40 15.24
C LEU A 25 -28.48 -26.68 14.72
N CYS A 26 -28.58 -26.02 13.58
CA CYS A 26 -27.46 -25.46 12.87
C CYS A 26 -27.89 -24.24 12.08
N GLY A 27 -26.93 -23.36 11.77
CA GLY A 27 -27.16 -22.27 10.87
C GLY A 27 -27.07 -22.78 9.45
N GLY A 28 -27.55 -21.96 8.53
CA GLY A 28 -27.35 -22.18 7.13
C GLY A 28 -27.51 -20.87 6.40
N VAL A 29 -27.19 -20.90 5.10
CA VAL A 29 -27.28 -19.76 4.23
C VAL A 29 -28.05 -20.06 2.96
N LEU A 30 -29.05 -19.25 2.66
CA LEU A 30 -29.77 -19.38 1.40
C LEU A 30 -28.90 -18.91 0.26
N VAL A 31 -28.58 -19.80 -0.68
CA VAL A 31 -27.68 -19.45 -1.80
C VAL A 31 -28.36 -19.55 -3.17
N ALA A 32 -29.54 -20.12 -3.22
CA ALA A 32 -30.42 -20.02 -4.36
C ALA A 32 -31.83 -20.15 -3.83
N GLU A 33 -32.81 -19.92 -4.68
CA GLU A 33 -34.21 -20.02 -4.30
C GLU A 33 -34.53 -21.34 -3.63
N GLN A 34 -33.95 -22.43 -4.10
CA GLN A 34 -34.24 -23.76 -3.57
C GLN A 34 -33.09 -24.44 -2.80
N TRP A 35 -32.03 -23.71 -2.45
CA TRP A 35 -30.82 -24.34 -1.89
C TRP A 35 -30.25 -23.59 -0.72
N VAL A 36 -29.98 -24.34 0.36
CA VAL A 36 -29.36 -23.83 1.56
C VAL A 36 -28.03 -24.56 1.80
N LEU A 37 -26.97 -23.76 2.05
CA LEU A 37 -25.64 -24.27 2.34
C LEU A 37 -25.45 -24.28 3.85
N SER A 38 -24.95 -25.39 4.37
CA SER A 38 -24.68 -25.54 5.79
C SER A 38 -23.45 -26.45 5.98
N ALA A 39 -23.28 -27.00 7.16
CA ALA A 39 -22.11 -27.86 7.46
C ALA A 39 -22.46 -29.34 7.49
N ALA A 40 -21.66 -30.19 6.86
CA ALA A 40 -21.91 -31.65 6.85
C ALA A 40 -22.03 -32.23 8.25
N HIS A 41 -21.19 -31.79 9.18
CA HIS A 41 -21.21 -32.35 10.54
C HIS A 41 -22.55 -32.16 11.22
N CYS A 42 -23.33 -31.16 10.79
CA CYS A 42 -24.69 -30.96 11.33
C CYS A 42 -25.62 -32.16 11.20
N LEU A 43 -25.45 -32.92 10.14
CA LEU A 43 -26.28 -34.10 9.85
C LEU A 43 -25.65 -35.39 10.44
N GLY A 49 -34.13 -39.21 11.35
CA GLY A 49 -34.39 -37.85 11.85
C GLY A 49 -35.03 -36.93 10.80
N LYS A 50 -35.88 -36.03 11.27
CA LYS A 50 -36.63 -35.08 10.42
C LYS A 50 -35.96 -33.67 10.27
N VAL A 51 -35.49 -33.37 9.07
CA VAL A 51 -34.69 -32.17 8.81
C VAL A 51 -35.54 -31.13 8.06
N GLN A 52 -35.66 -29.92 8.62
CA GLN A 52 -36.32 -28.82 7.94
C GLN A 52 -35.48 -27.55 7.96
N VAL A 53 -35.89 -26.55 7.20
CA VAL A 53 -35.20 -25.27 7.13
C VAL A 53 -36.21 -24.16 7.35
N LEU A 54 -35.88 -23.29 8.30
CA LEU A 54 -36.70 -22.14 8.63
C LEU A 54 -36.07 -20.91 8.00
N LEU A 55 -36.76 -20.30 7.03
CA LEU A 55 -36.37 -19.04 6.41
C LEU A 55 -37.20 -17.84 6.90
N GLY A 56 -36.68 -16.64 6.67
CA GLY A 56 -37.33 -15.40 7.04
C GLY A 56 -37.55 -15.16 8.54
N ALA A 57 -36.76 -15.80 9.38
CA ALA A 57 -36.95 -15.70 10.82
C ALA A 57 -36.01 -14.67 11.46
N HIS A 58 -36.52 -14.08 12.56
CA HIS A 58 -35.68 -13.41 13.50
C HIS A 58 -35.79 -14.17 14.80
N SER A 59 -37.00 -14.19 15.35
CA SER A 59 -37.32 -14.92 16.57
C SER A 59 -37.73 -16.31 16.18
N LEU A 60 -37.24 -17.30 16.93
CA LEU A 60 -37.71 -18.70 16.80
C LEU A 60 -39.15 -18.90 17.31
N SER A 61 -39.59 -18.11 18.31
CA SER A 61 -40.88 -18.31 18.99
C SER A 61 -42.02 -17.36 18.60
N GLN A 62 -41.72 -16.15 18.14
CA GLN A 62 -42.75 -15.12 17.92
C GLN A 62 -43.22 -15.05 16.47
N PRO A 63 -44.52 -14.79 16.25
CA PRO A 63 -45.07 -14.75 14.89
C PRO A 63 -44.43 -13.64 14.07
N GLU A 64 -44.00 -13.99 12.85
CA GLU A 64 -43.48 -13.00 11.92
C GLU A 64 -44.04 -13.34 10.56
N PRO A 65 -44.50 -12.31 9.82
CA PRO A 65 -45.13 -12.59 8.50
C PRO A 65 -44.26 -13.34 7.51
N SER A 66 -42.95 -13.15 7.59
CA SER A 66 -41.98 -13.78 6.68
C SER A 66 -41.52 -15.19 7.11
N LYS A 67 -41.74 -15.59 8.34
CA LYS A 67 -41.29 -16.92 8.78
C LYS A 67 -41.98 -18.01 7.96
N ARG A 68 -41.18 -18.87 7.32
CA ARG A 68 -41.71 -20.05 6.67
C ARG A 68 -40.79 -21.24 6.90
N LEU A 69 -41.40 -22.39 7.18
CA LEU A 69 -40.65 -23.62 7.42
C LEU A 69 -40.70 -24.44 6.13
N TYR A 70 -39.58 -25.06 5.75
CA TYR A 70 -39.48 -25.81 4.48
C TYR A 70 -38.96 -27.21 4.76
N ASP A 71 -39.54 -28.19 4.07
CA ASP A 71 -38.99 -29.54 4.12
C ASP A 71 -37.81 -29.62 3.17
N VAL A 72 -36.94 -30.57 3.41
CA VAL A 72 -35.75 -30.81 2.65
C VAL A 72 -35.93 -32.06 1.79
N LEU A 73 -35.92 -31.87 0.47
CA LEU A 73 -35.98 -32.96 -0.51
C LEU A 73 -34.71 -33.78 -0.52
N ARG A 74 -33.56 -33.11 -0.54
CA ARG A 74 -32.27 -33.78 -0.62
C ARG A 74 -31.20 -33.09 0.28
N ALA A 75 -30.36 -33.92 0.87
CA ALA A 75 -29.21 -33.47 1.64
C ALA A 75 -27.97 -33.98 0.91
N VAL A 76 -27.10 -33.06 0.47
CA VAL A 76 -25.91 -33.40 -0.33
C VAL A 76 -24.62 -32.98 0.39
N PRO A 77 -24.02 -33.88 1.19
CA PRO A 77 -22.72 -33.56 1.78
C PRO A 77 -21.65 -33.57 0.72
N HIS A 78 -20.54 -32.89 0.98
CA HIS A 78 -19.43 -32.93 0.05
C HIS A 78 -18.92 -34.37 -0.02
N PRO A 79 -18.63 -34.90 -1.24
CA PRO A 79 -18.13 -36.27 -1.42
C PRO A 79 -16.98 -36.67 -0.49
N ASP A 80 -16.05 -35.75 -0.26
CA ASP A 80 -14.88 -36.00 0.58
C ASP A 80 -15.11 -35.71 2.06
N SER A 81 -16.32 -35.30 2.47
CA SER A 81 -16.59 -35.07 3.89
C SER A 81 -16.56 -36.37 4.68
N GLN A 82 -16.08 -36.28 5.92
CA GLN A 82 -16.01 -37.46 6.79
C GLN A 82 -16.19 -37.04 8.24
N PRO A 83 -16.81 -37.90 9.08
CA PRO A 83 -17.10 -37.55 10.50
C PRO A 83 -15.88 -37.24 11.36
N ASP A 84 -14.75 -37.87 11.06
CA ASP A 84 -13.51 -37.66 11.78
C ASP A 84 -12.84 -36.30 11.52
N THR A 85 -12.77 -35.89 10.25
CA THR A 85 -12.00 -34.72 9.84
C THR A 85 -12.75 -33.40 9.91
N ILE A 86 -12.02 -32.30 9.80
CA ILE A 86 -12.60 -30.94 9.65
C ILE A 86 -12.70 -30.45 8.19
N ASP A 87 -12.21 -31.26 7.25
CA ASP A 87 -12.06 -30.86 5.87
C ASP A 87 -13.32 -31.18 5.08
N HIS A 88 -13.64 -30.32 4.13
CA HIS A 88 -14.77 -30.53 3.20
C HIS A 88 -16.13 -30.56 3.90
N ASP A 89 -16.25 -29.78 4.98
CA ASP A 89 -17.40 -29.80 5.85
C ASP A 89 -18.58 -28.92 5.33
N LEU A 90 -19.02 -29.18 4.09
CA LEU A 90 -20.14 -28.45 3.50
C LEU A 90 -21.26 -29.41 3.20
N LEU A 91 -22.46 -28.85 3.17
CA LEU A 91 -23.68 -29.59 2.99
C LEU A 91 -24.62 -28.70 2.21
N LEU A 92 -25.21 -29.23 1.15
CA LEU A 92 -26.22 -28.51 0.41
C LEU A 92 -27.58 -29.16 0.61
N LEU A 93 -28.54 -28.34 1.04
CA LEU A 93 -29.90 -28.81 1.33
C LEU A 93 -30.83 -28.23 0.26
N GLN A 94 -31.52 -29.12 -0.44
CA GLN A 94 -32.50 -28.68 -1.42
C GLN A 94 -33.85 -28.64 -0.74
N LEU A 95 -34.49 -27.50 -0.81
CA LEU A 95 -35.80 -27.31 -0.22
C LEU A 95 -36.89 -27.99 -1.07
N SER A 96 -38.04 -28.24 -0.45
CA SER A 96 -39.23 -28.83 -1.10
CA SER A 96 -39.23 -28.82 -1.09
C SER A 96 -39.82 -28.01 -2.24
N GLU A 97 -39.59 -26.72 -2.20
CA GLU A 97 -39.98 -25.86 -3.30
C GLU A 97 -39.14 -24.61 -3.22
N LYS A 98 -39.13 -23.86 -4.31
CA LYS A 98 -38.48 -22.55 -4.34
C LYS A 98 -39.05 -21.72 -3.22
N ALA A 99 -38.18 -21.03 -2.49
CA ALA A 99 -38.57 -20.17 -1.40
C ALA A 99 -39.26 -18.92 -1.88
N THR A 100 -40.21 -18.43 -1.10
CA THR A 100 -40.86 -17.17 -1.44
C THR A 100 -39.93 -16.04 -1.06
N LEU A 101 -39.50 -15.28 -2.05
CA LEU A 101 -38.58 -14.19 -1.82
C LEU A 101 -39.33 -12.93 -1.43
N GLY A 102 -38.68 -12.12 -0.60
CA GLY A 102 -39.24 -10.86 -0.13
C GLY A 102 -38.15 -10.05 0.54
N PRO A 103 -38.53 -8.99 1.26
CA PRO A 103 -37.51 -8.21 1.99
C PRO A 103 -36.77 -9.05 3.05
N ALA A 104 -37.43 -10.06 3.61
CA ALA A 104 -36.87 -10.87 4.68
C ALA A 104 -36.27 -12.24 4.25
N VAL A 105 -36.39 -12.58 2.96
CA VAL A 105 -35.91 -13.86 2.42
C VAL A 105 -35.28 -13.60 1.05
N ARG A 106 -33.96 -13.74 0.98
CA ARG A 106 -33.19 -13.35 -0.22
C ARG A 106 -31.89 -14.15 -0.22
N PRO A 107 -31.58 -14.84 -1.35
CA PRO A 107 -30.30 -15.54 -1.39
C PRO A 107 -29.11 -14.60 -1.28
N LEU A 108 -27.99 -15.10 -0.77
CA LEU A 108 -26.76 -14.33 -0.66
C LEU A 108 -25.83 -14.88 -1.73
N PRO A 109 -25.26 -14.01 -2.57
CA PRO A 109 -24.22 -14.50 -3.46
C PRO A 109 -22.94 -14.82 -2.73
N TRP A 110 -22.20 -15.74 -3.31
CA TRP A 110 -21.04 -16.28 -2.69
C TRP A 110 -19.83 -16.10 -3.60
N GLN A 111 -18.67 -16.14 -2.97
CA GLN A 111 -17.41 -15.82 -3.59
C GLN A 111 -17.00 -17.00 -4.44
N ARG A 112 -16.74 -16.78 -5.71
CA ARG A 112 -16.25 -17.85 -6.59
C ARG A 112 -14.83 -17.66 -7.09
N VAL A 113 -14.20 -16.54 -6.73
CA VAL A 113 -12.80 -16.28 -7.05
C VAL A 113 -12.01 -16.85 -5.89
N ASP A 114 -11.21 -17.87 -6.17
CA ASP A 114 -10.53 -18.61 -5.13
C ASP A 114 -9.29 -17.88 -4.67
N ARG A 115 -9.51 -16.85 -3.86
CA ARG A 115 -8.44 -16.12 -3.22
C ARG A 115 -8.86 -15.74 -1.82
N ASP A 116 -7.90 -15.76 -0.89
CA ASP A 116 -8.18 -15.47 0.48
C ASP A 116 -8.75 -14.09 0.69
N VAL A 117 -9.58 -14.00 1.70
CA VAL A 117 -9.99 -12.73 2.26
C VAL A 117 -8.74 -12.16 2.96
N ALA A 118 -8.46 -10.88 2.71
CA ALA A 118 -7.33 -10.20 3.33
C ALA A 118 -7.44 -10.26 4.86
N PRO A 119 -6.37 -10.72 5.53
CA PRO A 119 -6.33 -10.71 6.99
C PRO A 119 -6.63 -9.33 7.56
N GLY A 120 -7.33 -9.32 8.70
CA GLY A 120 -7.84 -8.11 9.27
C GLY A 120 -9.18 -7.61 8.75
N THR A 121 -9.65 -8.10 7.59
CA THR A 121 -10.99 -7.73 7.08
C THR A 121 -12.06 -8.09 8.10
N LEU A 122 -13.04 -7.21 8.29
CA LEU A 122 -14.14 -7.50 9.22
C LEU A 122 -15.27 -8.23 8.48
N CYS A 123 -15.61 -9.42 8.97
CA CYS A 123 -16.73 -10.21 8.45
C CYS A 123 -17.80 -10.46 9.52
N ASP A 124 -19.03 -10.57 9.05
CA ASP A 124 -20.22 -10.73 9.88
C ASP A 124 -20.57 -12.20 9.97
N VAL A 125 -20.73 -12.68 11.21
CA VAL A 125 -21.17 -14.04 11.49
C VAL A 125 -22.44 -13.94 12.31
N ALA A 126 -23.46 -14.69 11.94
CA ALA A 126 -24.74 -14.65 12.64
C ALA A 126 -25.24 -16.06 12.89
N GLY A 127 -26.07 -16.19 13.91
CA GLY A 127 -26.67 -17.47 14.22
C GLY A 127 -27.53 -17.43 15.47
N TRP A 128 -28.25 -18.52 15.68
CA TRP A 128 -29.02 -18.77 16.90
C TRP A 128 -28.26 -19.77 17.78
N GLY A 129 -26.94 -19.85 17.68
CA GLY A 129 -26.17 -20.72 18.56
C GLY A 129 -26.12 -20.13 19.95
N ILE A 130 -25.45 -20.86 20.85
CA ILE A 130 -25.44 -20.48 22.29
C ILE A 130 -24.71 -19.15 22.54
N VAL A 131 -25.23 -18.38 23.50
CA VAL A 131 -24.75 -17.01 23.77
C VAL A 131 -23.86 -16.89 25.00
N ASN A 132 -23.74 -17.96 25.79
CA ASN A 132 -22.78 -18.00 26.90
C ASN A 132 -22.27 -19.43 27.12
N HIS A 133 -21.25 -19.57 27.98
CA HIS A 133 -20.65 -20.88 28.21
C HIS A 133 -21.57 -21.86 28.95
N ALA A 134 -22.60 -21.32 29.62
CA ALA A 134 -23.67 -22.16 30.20
C ALA A 134 -24.64 -22.79 29.19
N GLY A 135 -24.51 -22.47 27.88
CA GLY A 135 -25.36 -23.08 26.85
C GLY A 135 -26.73 -22.45 26.66
N ARG A 136 -26.89 -21.22 27.16
CA ARG A 136 -28.12 -20.48 26.96
C ARG A 136 -28.37 -20.29 25.45
N ARG A 137 -29.56 -20.65 25.00
CA ARG A 137 -29.95 -20.57 23.59
C ARG A 137 -30.84 -19.34 23.40
N PRO A 138 -30.46 -18.40 22.51
CA PRO A 138 -31.29 -17.23 22.28
C PRO A 138 -32.56 -17.54 21.51
N ASP A 139 -33.60 -16.77 21.78
CA ASP A 139 -34.81 -16.78 20.97
C ASP A 139 -34.57 -16.11 19.62
N SER A 140 -33.75 -15.06 19.60
CA SER A 140 -33.64 -14.23 18.41
C SER A 140 -32.21 -14.30 17.84
N LEU A 141 -32.09 -13.97 16.55
CA LEU A 141 -30.83 -14.08 15.83
C LEU A 141 -29.78 -13.13 16.42
N GLN A 142 -28.58 -13.65 16.64
CA GLN A 142 -27.44 -12.88 17.11
C GLN A 142 -26.41 -12.72 15.98
N HIS A 143 -25.56 -11.71 16.12
CA HIS A 143 -24.46 -11.56 15.19
C HIS A 143 -23.29 -10.90 15.85
N VAL A 144 -22.16 -10.97 15.15
CA VAL A 144 -20.96 -10.31 15.59
C VAL A 144 -20.05 -10.11 14.39
N LEU A 145 -19.28 -9.00 14.40
CA LEU A 145 -18.26 -8.74 13.39
C LEU A 145 -16.94 -9.25 13.91
N LEU A 146 -16.21 -10.00 13.10
CA LEU A 146 -14.94 -10.64 13.49
C LEU A 146 -13.89 -10.42 12.41
N PRO A 147 -12.65 -10.09 12.81
CA PRO A 147 -11.59 -9.94 11.83
C PRO A 147 -11.01 -11.25 11.38
N VAL A 148 -10.72 -11.34 10.10
CA VAL A 148 -10.07 -12.52 9.52
C VAL A 148 -8.64 -12.58 10.03
N LEU A 149 -8.18 -13.77 10.34
CA LEU A 149 -6.85 -14.03 10.85
C LEU A 149 -6.12 -14.69 9.72
N ASP A 150 -4.91 -14.24 9.40
CA ASP A 150 -4.16 -14.89 8.32
C ASP A 150 -3.86 -16.38 8.66
N ARG A 151 -3.82 -17.20 7.64
CA ARG A 151 -3.64 -18.63 7.76
C ARG A 151 -2.34 -19.02 8.47
N ALA A 152 -1.28 -18.26 8.24
CA ALA A 152 0.03 -18.56 8.84
C ALA A 152 -0.04 -18.48 10.37
N THR A 153 -0.49 -17.35 10.89
CA THR A 153 -0.75 -17.18 12.32
C THR A 153 -1.69 -18.27 12.86
N CYS A 154 -2.78 -18.50 12.12
CA CYS A 154 -3.76 -19.50 12.51
C CYS A 154 -3.13 -20.88 12.60
N ASN A 155 -2.19 -21.17 11.72
CA ASN A 155 -1.42 -22.42 11.77
C ASN A 155 -0.29 -22.32 12.79
N ARG A 157 -0.88 -26.10 11.94
CA ARG A 157 -0.98 -27.48 11.59
C ARG A 157 -2.20 -27.66 10.68
N ALA A 163 -3.40 -27.50 11.26
CA ALA A 163 -4.67 -27.99 10.64
C ALA A 163 -5.38 -27.09 9.61
N ILE A 164 -5.09 -25.78 9.58
CA ILE A 164 -5.75 -24.88 8.64
C ILE A 164 -5.18 -25.05 7.21
N THR A 165 -5.88 -25.81 6.38
CA THR A 165 -5.56 -25.97 4.96
C THR A 165 -5.91 -24.70 4.13
N GLU A 166 -5.56 -24.71 2.84
CA GLU A 166 -5.93 -23.62 1.91
C GLU A 166 -7.44 -23.54 1.60
N ARG A 167 -8.17 -24.58 2.02
CA ARG A 167 -9.64 -24.67 1.87
C ARG A 167 -10.37 -24.11 3.11
N LEU A 168 -9.62 -23.64 4.11
CA LEU A 168 -10.16 -23.18 5.38
C LEU A 168 -9.59 -21.78 5.64
N MET A 169 -10.24 -21.04 6.55
CA MET A 169 -9.79 -19.72 6.94
C MET A 169 -10.15 -19.57 8.41
N CYS A 170 -9.55 -18.57 9.04
CA CYS A 170 -9.80 -18.34 10.45
C CYS A 170 -10.24 -16.96 10.71
N ALA A 171 -11.04 -16.80 11.76
CA ALA A 171 -11.37 -15.50 12.30
C ALA A 171 -11.02 -15.50 13.78
N GLU A 172 -10.71 -14.31 14.28
CA GLU A 172 -10.38 -14.13 15.67
C GLU A 172 -11.54 -14.52 16.55
N SER A 173 -11.18 -15.09 17.70
CA SER A 173 -12.13 -15.61 18.66
C SER A 173 -11.94 -15.02 20.07
N ASN A 174 -11.43 -13.80 20.13
CA ASN A 174 -11.13 -13.12 21.40
C ASN A 174 -12.41 -12.61 22.05
N ARG A 175 -13.04 -13.47 22.86
CA ARG A 175 -14.34 -13.22 23.52
C ARG A 175 -15.56 -13.21 22.55
N ARG A 176 -15.47 -12.41 21.48
CA ARG A 176 -16.41 -12.48 20.36
C ARG A 176 -16.11 -13.76 19.53
N ASP A 177 -17.10 -14.62 19.35
CA ASP A 177 -16.87 -15.86 18.61
C ASP A 177 -18.16 -16.56 18.22
N SER A 178 -18.06 -17.44 17.21
CA SER A 178 -19.11 -18.41 16.92
C SER A 178 -19.05 -19.54 17.96
N CYS A 179 -20.16 -20.24 18.13
CA CYS A 179 -20.20 -21.35 19.08
C CYS A 179 -21.27 -22.36 18.67
N LYS A 180 -21.48 -23.38 19.50
CA LYS A 180 -22.44 -24.44 19.28
C LYS A 180 -23.82 -23.93 18.83
N GLY A 181 -24.28 -24.54 17.73
CA GLY A 181 -25.51 -24.10 17.06
C GLY A 181 -25.32 -23.06 15.97
N ASP A 182 -24.14 -22.45 15.89
CA ASP A 182 -23.79 -21.51 14.80
C ASP A 182 -23.17 -22.20 13.61
N SER A 183 -22.74 -23.45 13.80
CA SER A 183 -22.20 -24.27 12.73
C SER A 183 -23.12 -24.29 11.52
N GLY A 184 -22.52 -24.14 10.35
CA GLY A 184 -23.21 -24.12 9.09
C GLY A 184 -23.66 -22.74 8.66
N GLY A 185 -23.51 -21.78 9.57
CA GLY A 185 -23.93 -20.43 9.32
C GLY A 185 -22.89 -19.67 8.53
N PRO A 186 -23.26 -18.48 8.05
CA PRO A 186 -22.46 -17.72 7.11
C PRO A 186 -21.42 -16.81 7.77
N LEU A 187 -20.22 -16.77 7.17
CA LEU A 187 -19.25 -15.69 7.40
C LEU A 187 -19.31 -14.82 6.16
N VAL A 188 -19.76 -13.59 6.32
CA VAL A 188 -20.07 -12.68 5.19
C VAL A 188 -19.15 -11.48 5.25
N CYS A 189 -18.38 -11.25 4.18
CA CYS A 189 -17.40 -10.14 4.15
C CYS A 189 -17.80 -9.21 3.01
N GLY A 190 -18.16 -7.97 3.36
CA GLY A 190 -18.60 -6.98 2.39
C GLY A 190 -19.84 -7.40 1.60
N GLY A 191 -20.79 -8.05 2.28
CA GLY A 191 -22.01 -8.54 1.63
C GLY A 191 -21.89 -9.80 0.75
N VAL A 192 -20.73 -10.44 0.77
CA VAL A 192 -20.49 -11.67 -0.01
C VAL A 192 -20.20 -12.83 0.92
N LEU A 193 -20.85 -13.96 0.68
CA LEU A 193 -20.55 -15.17 1.47
C LEU A 193 -19.12 -15.59 1.19
N GLU A 194 -18.30 -15.68 2.23
CA GLU A 194 -16.92 -16.12 2.10
C GLU A 194 -16.67 -17.41 2.82
N GLY A 195 -17.37 -17.64 3.92
CA GLY A 195 -17.17 -18.87 4.66
C GLY A 195 -18.40 -19.46 5.32
N VAL A 196 -18.24 -20.70 5.76
CA VAL A 196 -19.25 -21.38 6.49
C VAL A 196 -18.64 -21.85 7.81
N VAL A 197 -19.36 -21.60 8.91
CA VAL A 197 -18.88 -22.02 10.23
C VAL A 197 -18.79 -23.56 10.30
N THR A 198 -17.65 -24.10 10.72
CA THR A 198 -17.53 -25.58 10.93
C THR A 198 -17.67 -25.91 12.40
N ARG A 202 -15.41 -28.04 19.31
CA ARG A 202 -14.38 -26.99 19.31
C ARG A 202 -14.73 -25.87 20.33
N VAL A 203 -13.71 -25.13 20.66
CA VAL A 203 -13.68 -24.15 21.73
C VAL A 203 -14.41 -22.88 21.30
N CYS A 204 -14.94 -22.13 22.27
CA CYS A 204 -15.59 -20.84 21.99
C CYS A 204 -15.04 -19.74 22.89
N GLY A 205 -14.80 -18.57 22.33
CA GLY A 205 -14.40 -17.37 23.08
C GLY A 205 -12.93 -17.32 23.45
N ASN A 206 -12.13 -18.29 22.99
CA ASN A 206 -10.72 -18.42 23.37
C ASN A 206 -9.82 -17.97 22.21
N ARG A 207 -9.23 -16.78 22.36
CA ARG A 207 -8.31 -16.21 21.35
C ARG A 207 -7.21 -17.15 20.85
N LYS A 208 -6.75 -18.06 21.71
CA LYS A 208 -5.73 -19.04 21.31
C LYS A 208 -6.23 -20.07 20.28
N LYS A 209 -7.56 -20.29 20.23
CA LYS A 209 -8.20 -21.17 19.22
C LYS A 209 -9.23 -20.43 18.34
N PRO A 210 -8.75 -19.76 17.27
CA PRO A 210 -9.58 -19.05 16.30
C PRO A 210 -10.73 -19.91 15.74
N GLY A 211 -11.87 -19.27 15.45
CA GLY A 211 -12.95 -19.98 14.76
C GLY A 211 -12.40 -20.40 13.40
N ILE A 212 -12.76 -21.60 13.00
CA ILE A 212 -12.41 -22.16 11.71
C ILE A 212 -13.65 -22.14 10.79
N TYR A 213 -13.46 -21.71 9.56
CA TYR A 213 -14.56 -21.52 8.61
C TYR A 213 -14.15 -22.15 7.28
N THR A 214 -15.09 -22.83 6.62
CA THR A 214 -14.80 -23.40 5.31
C THR A 214 -14.92 -22.32 4.25
N ARG A 215 -13.92 -22.23 3.37
CA ARG A 215 -13.89 -21.21 2.33
C ARG A 215 -14.73 -21.63 1.14
N VAL A 216 -15.85 -20.94 0.90
CA VAL A 216 -16.78 -21.37 -0.14
C VAL A 216 -16.19 -21.28 -1.53
N ALA A 217 -15.30 -20.34 -1.75
CA ALA A 217 -14.59 -20.21 -3.02
C ALA A 217 -13.79 -21.45 -3.38
N SER A 218 -13.20 -22.14 -2.40
CA SER A 218 -12.51 -23.42 -2.68
C SER A 218 -13.47 -24.48 -3.21
N TYR A 219 -14.77 -24.34 -2.97
CA TYR A 219 -15.74 -25.35 -3.38
C TYR A 219 -16.70 -24.86 -4.45
N ALA A 220 -16.29 -23.83 -5.17
CA ALA A 220 -17.14 -23.15 -6.15
C ALA A 220 -17.67 -24.08 -7.19
N ALA A 221 -16.77 -24.91 -7.72
CA ALA A 221 -17.12 -25.85 -8.78
C ALA A 221 -18.12 -26.88 -8.31
N TRP A 222 -17.92 -27.42 -7.11
CA TRP A 222 -18.86 -28.38 -6.53
C TRP A 222 -20.23 -27.73 -6.29
N ILE A 223 -20.27 -26.53 -5.71
CA ILE A 223 -21.54 -25.88 -5.45
C ILE A 223 -22.30 -25.61 -6.74
N ASP A 224 -21.63 -25.05 -7.76
CA ASP A 224 -22.27 -24.86 -9.09
C ASP A 224 -22.83 -26.12 -9.64
N SER A 225 -22.02 -27.17 -9.63
N SER A 225 -22.02 -27.17 -9.63
CA SER A 225 -22.40 -28.45 -10.20
CA SER A 225 -22.40 -28.45 -10.20
C SER A 225 -23.69 -29.01 -9.57
C SER A 225 -23.69 -29.01 -9.57
N VAL A 226 -23.82 -28.89 -8.25
CA VAL A 226 -25.02 -29.38 -7.54
C VAL A 226 -26.25 -28.52 -7.84
N LEU A 227 -26.09 -27.20 -7.76
CA LEU A 227 -27.19 -26.28 -8.12
C LEU A 227 -27.62 -26.42 -9.59
N ALA A 228 -26.66 -26.65 -10.49
CA ALA A 228 -26.97 -26.85 -11.92
C ALA A 228 -27.76 -28.12 -12.23
N SER A 229 -27.79 -29.11 -11.32
CA SER A 229 -28.77 -30.21 -11.40
C SER A 229 -30.10 -29.73 -10.79
N ALA A 230 -30.88 -29.02 -11.60
CA ALA A 230 -32.17 -28.41 -11.20
C ALA A 230 -33.31 -29.08 -11.95
N ILE B 1 1.07 8.44 36.94
CA ILE B 1 2.17 9.45 36.83
C ILE B 1 2.72 9.79 38.24
N LEU B 2 4.03 9.59 38.46
CA LEU B 2 4.68 10.00 39.71
C LEU B 2 5.29 11.36 39.50
N GLY B 3 5.17 12.24 40.50
CA GLY B 3 5.80 13.54 40.49
C GLY B 3 5.17 14.57 39.57
N GLY B 4 3.92 14.33 39.16
CA GLY B 4 3.20 15.24 38.26
C GLY B 4 2.16 16.10 38.96
N ARG B 5 1.35 16.78 38.15
CA ARG B 5 0.19 17.53 38.58
C ARG B 5 -1.08 17.06 37.93
N GLU B 6 -2.22 17.43 38.50
CA GLU B 6 -3.51 17.27 37.83
C GLU B 6 -3.47 18.13 36.57
N ALA B 7 -3.83 17.54 35.44
CA ALA B 7 -3.86 18.24 34.17
C ALA B 7 -5.06 19.16 34.12
N GLU B 8 -4.98 20.16 33.25
CA GLU B 8 -6.10 21.02 32.95
C GLU B 8 -7.14 20.11 32.27
N ALA B 9 -8.36 20.11 32.79
CA ALA B 9 -9.42 19.31 32.23
C ALA B 9 -9.51 19.51 30.73
N HIS B 10 -9.47 18.41 29.99
CA HIS B 10 -9.72 18.40 28.54
C HIS B 10 -8.73 19.19 27.69
N ALA B 11 -7.58 19.57 28.25
CA ALA B 11 -6.56 20.25 27.47
C ALA B 11 -5.75 19.25 26.60
N ARG B 12 -5.93 17.95 26.81
CA ARG B 12 -5.32 16.89 26.02
C ARG B 12 -6.44 16.03 25.44
N PRO B 13 -7.16 16.57 24.45
CA PRO B 13 -8.37 15.92 23.94
C PRO B 13 -8.17 14.59 23.24
N TYR B 14 -6.93 14.24 22.96
CA TYR B 14 -6.50 12.94 22.40
C TYR B 14 -6.41 11.78 23.40
N MET B 15 -6.52 12.11 24.68
N MET B 15 -6.52 12.11 24.68
CA MET B 15 -6.20 11.19 25.74
CA MET B 15 -6.20 11.19 25.74
C MET B 15 -7.34 10.22 25.91
C MET B 15 -7.34 10.21 25.90
N ALA B 16 -7.01 8.93 26.04
CA ALA B 16 -8.01 7.87 26.16
C ALA B 16 -7.67 6.99 27.35
N SER B 17 -8.69 6.54 28.08
CA SER B 17 -8.54 5.47 29.08
C SER B 17 -9.04 4.18 28.46
N VAL B 18 -8.16 3.20 28.38
CA VAL B 18 -8.50 1.87 27.92
C VAL B 18 -8.99 1.11 29.16
N GLN B 19 -10.23 0.64 29.11
CA GLN B 19 -10.92 0.08 30.27
C GLN B 19 -11.25 -1.40 30.14
N LEU B 20 -11.15 -2.11 31.26
CA LEU B 20 -11.43 -3.54 31.36
C LEU B 20 -12.50 -3.74 32.41
N ASN B 21 -13.67 -4.18 31.96
CA ASN B 21 -14.82 -4.41 32.83
C ASN B 21 -15.16 -3.16 33.66
N GLY B 22 -15.26 -2.02 33.00
CA GLY B 22 -15.64 -0.74 33.64
C GLY B 22 -14.60 -0.01 34.46
N ALA B 23 -13.37 -0.51 34.50
CA ALA B 23 -12.30 0.09 35.30
C ALA B 23 -11.12 0.48 34.38
N HIS B 24 -10.41 1.55 34.74
CA HIS B 24 -9.22 1.98 33.98
C HIS B 24 -8.14 0.92 34.07
N LEU B 25 -7.59 0.56 32.92
CA LEU B 25 -6.50 -0.41 32.83
C LEU B 25 -5.20 0.22 32.26
N CYS B 26 -5.33 1.00 31.18
CA CYS B 26 -4.19 1.51 30.44
C CYS B 26 -4.55 2.83 29.80
N GLY B 27 -3.53 3.62 29.47
CA GLY B 27 -3.71 4.81 28.67
C GLY B 27 -3.80 4.44 27.23
N GLY B 28 -4.27 5.38 26.42
CA GLY B 28 -4.22 5.27 25.00
C GLY B 28 -4.29 6.65 24.40
N VAL B 29 -4.09 6.69 23.07
CA VAL B 29 -4.14 7.92 22.31
C VAL B 29 -5.06 7.80 21.10
N LEU B 30 -6.00 8.72 20.98
CA LEU B 30 -6.86 8.77 19.79
C LEU B 30 -6.03 9.27 18.60
N VAL B 31 -5.90 8.45 17.57
CA VAL B 31 -5.04 8.83 16.39
C VAL B 31 -5.83 8.94 15.09
N ALA B 32 -7.08 8.49 15.09
CA ALA B 32 -8.02 8.78 14.03
C ALA B 32 -9.38 8.73 14.67
N GLU B 33 -10.40 9.14 13.91
CA GLU B 33 -11.77 9.12 14.37
C GLU B 33 -12.19 7.79 14.98
N GLN B 34 -11.74 6.68 14.39
CA GLN B 34 -12.16 5.36 14.87
C GLN B 34 -11.03 4.50 15.48
N TRP B 35 -9.86 5.09 15.78
CA TRP B 35 -8.70 4.29 16.19
C TRP B 35 -7.95 4.87 17.35
N VAL B 36 -7.67 4.01 18.35
CA VAL B 36 -6.89 4.34 19.51
C VAL B 36 -5.63 3.47 19.56
N LEU B 37 -4.47 4.12 19.76
CA LEU B 37 -3.21 3.45 19.89
C LEU B 37 -2.88 3.28 21.40
N SER B 38 -2.45 2.09 21.79
CA SER B 38 -2.07 1.78 23.14
C SER B 38 -0.93 0.76 23.15
N ALA B 39 -0.71 0.07 24.26
CA ALA B 39 0.38 -0.93 24.39
C ALA B 39 -0.14 -2.36 24.33
N ALA B 40 0.52 -3.23 23.58
CA ALA B 40 0.10 -4.65 23.48
C ALA B 40 0.04 -5.32 24.84
N HIS B 41 0.98 -5.03 25.73
CA HIS B 41 1.00 -5.68 27.07
C HIS B 41 -0.27 -5.41 27.84
N CYS B 42 -0.99 -4.35 27.53
CA CYS B 42 -2.29 -4.06 28.16
C CYS B 42 -3.33 -5.15 28.03
N LEU B 43 -3.31 -5.84 26.90
CA LEU B 43 -4.26 -6.91 26.57
C LEU B 43 -3.67 -8.29 26.95
N GLU B 44 -3.16 -8.48 28.16
CA GLU B 44 -2.59 -9.75 28.62
C GLU B 44 -3.49 -10.43 29.71
N GLY B 49 -10.92 -10.05 28.89
CA GLY B 49 -12.29 -9.72 29.35
C GLY B 49 -13.03 -8.77 28.40
N LYS B 50 -13.82 -7.85 28.96
CA LYS B 50 -14.57 -6.85 28.16
C LYS B 50 -13.86 -5.45 28.06
N VAL B 51 -13.38 -5.12 26.85
CA VAL B 51 -12.51 -4.00 26.60
C VAL B 51 -13.27 -2.82 25.99
N GLN B 52 -13.19 -1.65 26.62
CA GLN B 52 -13.79 -0.42 26.10
C GLN B 52 -12.80 0.75 26.14
N VAL B 53 -13.17 1.86 25.52
CA VAL B 53 -12.34 3.05 25.48
C VAL B 53 -13.17 4.24 25.87
N LEU B 54 -12.67 4.98 26.87
CA LEU B 54 -13.31 6.17 27.38
C LEU B 54 -12.61 7.38 26.79
N LEU B 55 -13.31 8.16 25.96
CA LEU B 55 -12.83 9.43 25.40
C LEU B 55 -13.45 10.65 26.09
N GLY B 56 -12.82 11.81 25.92
CA GLY B 56 -13.28 13.06 26.48
C GLY B 56 -13.31 13.19 27.99
N ALA B 57 -12.51 12.40 28.68
CA ALA B 57 -12.54 12.34 30.13
C ALA B 57 -11.46 13.20 30.79
N HIS B 58 -11.80 13.71 31.97
CA HIS B 58 -10.82 14.18 32.91
C HIS B 58 -10.89 13.31 34.13
N SER B 59 -12.04 13.30 34.79
CA SER B 59 -12.32 12.42 35.92
C SER B 59 -12.83 11.09 35.39
N LEU B 60 -12.34 10.00 35.96
CA LEU B 60 -12.89 8.66 35.68
C LEU B 60 -14.31 8.43 36.24
N SER B 61 -14.62 9.07 37.37
CA SER B 61 -15.86 8.80 38.12
C SER B 61 -16.99 9.84 37.95
N GLN B 62 -16.67 11.09 37.68
CA GLN B 62 -17.67 12.17 37.71
C GLN B 62 -18.22 12.49 36.33
N PRO B 63 -19.53 12.85 36.27
CA PRO B 63 -20.17 13.15 34.99
C PRO B 63 -19.53 14.37 34.32
N GLU B 64 -19.24 14.23 33.03
CA GLU B 64 -18.72 15.32 32.22
C GLU B 64 -19.45 15.26 30.89
N PRO B 65 -19.84 16.43 30.36
CA PRO B 65 -20.58 16.45 29.08
C PRO B 65 -19.85 15.77 27.90
N SER B 66 -18.52 15.82 27.91
CA SER B 66 -17.72 15.23 26.82
C SER B 66 -17.38 13.75 27.01
N LYS B 67 -17.53 13.21 28.20
CA LYS B 67 -17.22 11.80 28.42
C LYS B 67 -18.11 10.91 27.58
N ARG B 68 -17.49 10.05 26.77
CA ARG B 68 -18.21 8.98 26.10
C ARG B 68 -17.42 7.68 26.14
N LEU B 69 -18.13 6.58 26.39
CA LEU B 69 -17.50 5.26 26.43
C LEU B 69 -17.77 4.58 25.09
N TYR B 70 -16.76 3.88 24.55
CA TYR B 70 -16.87 3.22 23.23
C TYR B 70 -16.49 1.76 23.36
N ASP B 71 -17.22 0.91 22.64
CA ASP B 71 -16.84 -0.49 22.55
C ASP B 71 -15.77 -0.63 21.50
N VAL B 72 -15.00 -1.70 21.59
CA VAL B 72 -13.92 -2.00 20.69
C VAL B 72 -14.33 -3.13 19.77
N LEU B 73 -14.39 -2.85 18.46
CA LEU B 73 -14.65 -3.86 17.43
C LEU B 73 -13.47 -4.82 17.27
N ARG B 74 -12.26 -4.25 17.19
CA ARG B 74 -11.04 -5.00 16.94
C ARG B 74 -9.85 -4.51 17.77
N ALA B 75 -9.05 -5.48 18.22
CA ALA B 75 -7.78 -5.22 18.90
C ALA B 75 -6.68 -5.79 18.02
N VAL B 76 -5.76 -4.95 17.55
CA VAL B 76 -4.71 -5.34 16.60
C VAL B 76 -3.30 -5.11 17.22
N PRO B 77 -2.73 -6.14 17.86
CA PRO B 77 -1.37 -6.00 18.35
C PRO B 77 -0.41 -6.02 17.18
N HIS B 78 0.79 -5.50 17.40
CA HIS B 78 1.80 -5.58 16.36
C HIS B 78 2.13 -7.07 16.13
N PRO B 79 2.26 -7.51 14.85
CA PRO B 79 2.59 -8.90 14.52
C PRO B 79 3.77 -9.51 15.31
N ASP B 80 4.81 -8.71 15.52
CA ASP B 80 6.00 -9.14 16.24
C ASP B 80 5.93 -8.97 17.75
N SER B 81 4.81 -8.47 18.29
CA SER B 81 4.70 -8.31 19.74
CA SER B 81 4.70 -8.31 19.74
C SER B 81 4.64 -9.67 20.43
N GLN B 82 5.22 -9.74 21.62
CA GLN B 82 5.20 -10.96 22.42
C GLN B 82 5.16 -10.61 23.90
N PRO B 83 4.49 -11.46 24.73
CA PRO B 83 4.33 -11.18 26.18
C PRO B 83 5.63 -11.06 26.98
N ASP B 84 6.66 -11.77 26.54
CA ASP B 84 7.99 -11.72 27.20
C ASP B 84 8.75 -10.40 26.97
N THR B 85 8.79 -9.94 25.73
CA THR B 85 9.69 -8.86 25.33
C THR B 85 9.11 -7.44 25.49
N ILE B 86 9.98 -6.45 25.40
CA ILE B 86 9.59 -5.03 25.34
C ILE B 86 9.50 -4.44 23.91
N ASP B 87 9.81 -5.26 22.91
CA ASP B 87 9.89 -4.78 21.53
CA ASP B 87 9.89 -4.78 21.53
C ASP B 87 8.51 -4.92 20.87
N HIS B 88 8.19 -3.94 20.02
CA HIS B 88 6.96 -3.98 19.21
C HIS B 88 5.67 -3.94 20.05
N ASP B 89 5.74 -3.26 21.19
CA ASP B 89 4.67 -3.25 22.18
C ASP B 89 3.56 -2.20 21.84
N LEU B 90 2.99 -2.29 20.65
CA LEU B 90 1.90 -1.39 20.23
C LEU B 90 0.65 -2.18 19.96
N LEU B 91 -0.46 -1.49 20.10
CA LEU B 91 -1.77 -2.09 19.96
C LEU B 91 -2.67 -1.03 19.35
N LEU B 92 -3.40 -1.41 18.31
CA LEU B 92 -4.40 -0.53 17.74
C LEU B 92 -5.80 -1.04 18.01
N LEU B 93 -6.63 -0.17 18.58
CA LEU B 93 -7.99 -0.50 18.97
C LEU B 93 -8.95 0.26 18.06
N GLN B 94 -9.80 -0.48 17.37
CA GLN B 94 -10.82 0.11 16.52
C GLN B 94 -12.07 0.25 17.33
N LEU B 95 -12.58 1.46 17.40
CA LEU B 95 -13.80 1.76 18.12
C LEU B 95 -15.03 1.26 17.32
N SER B 96 -16.14 1.07 18.04
CA SER B 96 -17.44 0.66 17.45
C SER B 96 -18.02 1.64 16.45
N GLU B 97 -17.65 2.89 16.55
CA GLU B 97 -18.02 3.88 15.58
C GLU B 97 -17.05 5.04 15.67
N LYS B 98 -17.07 5.88 14.64
CA LYS B 98 -16.31 7.11 14.63
C LYS B 98 -16.67 7.90 15.87
N ALA B 99 -15.65 8.44 16.54
CA ALA B 99 -15.84 9.23 17.75
C ALA B 99 -16.42 10.58 17.44
N THR B 100 -17.24 11.09 18.35
CA THR B 100 -17.76 12.46 18.22
C THR B 100 -16.65 13.40 18.64
N LEU B 101 -16.22 14.22 17.69
CA LEU B 101 -15.18 15.19 17.95
C LEU B 101 -15.76 16.46 18.52
N GLY B 102 -14.97 17.13 19.34
CA GLY B 102 -15.32 18.39 19.96
C GLY B 102 -14.09 19.05 20.57
N PRO B 103 -14.27 20.07 21.41
CA PRO B 103 -13.13 20.66 22.09
C PRO B 103 -12.40 19.67 23.01
N ALA B 104 -13.10 18.69 23.55
CA ALA B 104 -12.52 17.73 24.51
C ALA B 104 -12.15 16.36 23.90
N VAL B 105 -12.44 16.15 22.60
CA VAL B 105 -12.15 14.88 21.91
C VAL B 105 -11.62 15.18 20.50
N ARG B 106 -10.34 14.91 20.28
CA ARG B 106 -9.66 15.29 19.04
C ARG B 106 -8.49 14.35 18.81
N PRO B 107 -8.37 13.74 17.62
CA PRO B 107 -7.19 12.90 17.39
C PRO B 107 -5.89 13.72 17.45
N LEU B 108 -4.80 13.05 17.79
CA LEU B 108 -3.48 13.66 17.83
C LEU B 108 -2.72 13.13 16.62
N PRO B 109 -2.16 14.02 15.79
CA PRO B 109 -1.29 13.53 14.75
C PRO B 109 0.02 13.02 15.30
N TRP B 110 0.59 12.08 14.57
CA TRP B 110 1.73 11.36 15.03
C TRP B 110 2.87 11.49 14.04
N GLN B 111 4.06 11.27 14.55
CA GLN B 111 5.29 11.51 13.82
C GLN B 111 5.47 10.37 12.85
N ARG B 112 5.62 10.69 11.56
CA ARG B 112 5.86 9.65 10.55
C ARG B 112 7.24 9.71 9.91
N VAL B 113 8.04 10.71 10.27
CA VAL B 113 9.41 10.82 9.82
C VAL B 113 10.22 10.07 10.85
N ASP B 114 10.86 8.98 10.43
CA ASP B 114 11.58 8.12 11.32
C ASP B 114 12.94 8.70 11.70
N ARG B 115 12.89 9.69 12.59
CA ARG B 115 14.09 10.29 13.14
C ARG B 115 13.86 10.58 14.60
N ASP B 116 14.90 10.42 15.40
CA ASP B 116 14.79 10.60 16.82
C ASP B 116 14.38 11.99 17.21
N VAL B 117 13.67 12.07 18.32
CA VAL B 117 13.45 13.30 19.01
C VAL B 117 14.82 13.70 19.61
N ALA B 118 15.21 14.95 19.43
CA ALA B 118 16.46 15.44 19.96
C ALA B 118 16.51 15.27 21.48
N PRO B 119 17.59 14.64 22.00
CA PRO B 119 17.77 14.52 23.46
C PRO B 119 17.70 15.86 24.14
N GLY B 120 17.14 15.87 25.34
CA GLY B 120 16.85 17.10 26.05
C GLY B 120 15.52 17.77 25.72
N THR B 121 14.88 17.44 24.59
CA THR B 121 13.54 17.99 24.27
C THR B 121 12.54 17.64 25.39
N LEU B 122 11.71 18.58 25.77
CA LEU B 122 10.69 18.35 26.79
C LEU B 122 9.40 17.81 26.18
N CYS B 123 9.00 16.61 26.60
CA CYS B 123 7.76 15.96 26.14
C CYS B 123 6.78 15.71 27.30
N ASP B 124 5.49 15.77 26.96
CA ASP B 124 4.42 15.65 27.90
C ASP B 124 3.91 14.21 27.91
N VAL B 125 3.83 13.63 29.10
N VAL B 125 3.83 13.63 29.10
CA VAL B 125 3.25 12.31 29.31
CA VAL B 125 3.24 12.32 29.31
C VAL B 125 2.09 12.47 30.29
C VAL B 125 2.09 12.47 30.29
N ALA B 126 0.96 11.88 29.95
CA ALA B 126 -0.23 11.95 30.79
C ALA B 126 -0.85 10.57 30.99
N GLY B 127 -1.57 10.41 32.07
CA GLY B 127 -2.26 9.19 32.33
C GLY B 127 -3.00 9.20 33.67
N TRP B 128 -3.81 8.15 33.86
CA TRP B 128 -4.48 7.89 35.12
C TRP B 128 -3.77 6.74 35.85
N GLY B 129 -2.47 6.57 35.63
CA GLY B 129 -1.73 5.54 36.34
C GLY B 129 -1.49 5.96 37.76
N ILE B 130 -0.83 5.09 38.52
CA ILE B 130 -0.63 5.33 39.97
C ILE B 130 0.26 6.55 40.27
N VAL B 131 -0.09 7.27 41.34
CA VAL B 131 0.57 8.55 41.66
C VAL B 131 1.58 8.48 42.80
N ASN B 132 1.66 7.33 43.48
CA ASN B 132 2.70 7.09 44.48
C ASN B 132 3.06 5.61 44.54
N HIS B 133 4.13 5.28 45.27
CA HIS B 133 4.62 3.91 45.34
C HIS B 133 3.66 2.97 46.09
N ALA B 134 2.76 3.54 46.90
CA ALA B 134 1.67 2.78 47.52
C ALA B 134 0.56 2.33 46.56
N GLY B 135 0.60 2.75 45.28
CA GLY B 135 -0.39 2.33 44.28
C GLY B 135 -1.71 3.10 44.29
N ARG B 136 -1.69 4.28 44.90
CA ARG B 136 -2.86 5.14 44.90
C ARG B 136 -3.22 5.51 43.45
N ARG B 137 -4.48 5.30 43.08
CA ARG B 137 -4.98 5.56 41.74
C ARG B 137 -5.74 6.90 41.74
N PRO B 138 -5.32 7.87 40.89
CA PRO B 138 -6.04 9.13 40.83
C PRO B 138 -7.41 9.01 40.15
N ASP B 139 -8.35 9.83 40.57
CA ASP B 139 -9.61 9.96 39.87
C ASP B 139 -9.44 10.76 38.58
N SER B 140 -8.56 11.76 38.61
CA SER B 140 -8.43 12.69 37.49
C SER B 140 -7.07 12.55 36.78
N LEU B 141 -7.03 12.98 35.53
CA LEU B 141 -5.85 12.84 34.67
C LEU B 141 -4.66 13.59 35.23
N GLN B 142 -3.52 12.94 35.26
CA GLN B 142 -2.26 13.54 35.68
C GLN B 142 -1.33 13.70 34.47
N HIS B 143 -0.35 14.59 34.61
CA HIS B 143 0.66 14.72 33.57
C HIS B 143 1.96 15.18 34.15
N VAL B 144 3.00 15.08 33.33
CA VAL B 144 4.31 15.55 33.69
C VAL B 144 5.10 15.80 32.42
N LEU B 145 5.94 16.83 32.44
CA LEU B 145 6.88 17.11 31.34
C LEU B 145 8.19 16.47 31.67
N LEU B 146 8.77 15.72 30.73
CA LEU B 146 10.00 14.95 30.94
C LEU B 146 10.94 15.20 29.78
N PRO B 147 12.25 15.38 30.05
CA PRO B 147 13.20 15.52 28.96
C PRO B 147 13.58 14.17 28.37
N VAL B 148 13.71 14.14 27.05
CA VAL B 148 14.14 12.95 26.34
C VAL B 148 15.60 12.71 26.67
N LEU B 149 15.94 11.44 26.84
CA LEU B 149 17.26 11.00 27.23
C LEU B 149 17.79 10.36 25.97
N ASP B 150 19.01 10.69 25.56
CA ASP B 150 19.56 10.06 24.36
C ASP B 150 19.73 8.55 24.55
N ARG B 151 19.55 7.83 23.45
CA ARG B 151 19.56 6.38 23.47
C ARG B 151 20.88 5.80 23.96
N ALA B 152 22.01 6.47 23.67
CA ALA B 152 23.32 6.00 24.11
C ALA B 152 23.42 5.93 25.63
N THR B 153 23.17 7.04 26.29
CA THR B 153 23.07 7.10 27.77
C THR B 153 22.08 6.05 28.30
N CYS B 154 20.91 6.01 27.67
CA CYS B 154 19.86 5.08 28.10
C CYS B 154 20.36 3.62 27.99
N ASN B 155 21.16 3.35 26.97
CA ASN B 155 21.81 2.03 26.84
C ASN B 155 23.04 1.93 27.73
N THR B 165 16.62 -0.31 21.76
CA THR B 165 16.75 -0.40 20.29
C THR B 165 16.44 0.94 19.60
N GLU B 166 16.65 0.99 18.29
CA GLU B 166 16.30 2.19 17.47
C GLU B 166 14.79 2.43 17.34
N ARG B 167 13.99 1.43 17.76
CA ARG B 167 12.54 1.50 17.77
C ARG B 167 11.97 2.03 19.12
N LEU B 168 12.86 2.33 20.05
CA LEU B 168 12.52 2.76 21.40
C LEU B 168 13.24 4.06 21.71
N MET B 169 12.76 4.77 22.73
CA MET B 169 13.39 6.02 23.18
C MET B 169 13.18 6.08 24.67
N CYS B 170 13.89 6.96 25.34
CA CYS B 170 13.80 7.06 26.78
C CYS B 170 13.56 8.48 27.19
N ALA B 171 12.92 8.63 28.34
CA ALA B 171 12.81 9.90 29.02
C ALA B 171 13.33 9.71 30.44
N GLU B 172 13.84 10.81 31.00
CA GLU B 172 14.31 10.81 32.37
C GLU B 172 13.21 10.45 33.33
N SER B 173 13.61 9.73 34.38
CA SER B 173 12.69 9.20 35.37
C SER B 173 13.09 9.60 36.81
N ASN B 174 13.75 10.76 36.94
CA ASN B 174 14.25 11.23 38.23
C ASN B 174 13.09 11.82 39.07
N ARG B 175 12.44 10.94 39.84
CA ARG B 175 11.24 11.25 40.64
C ARG B 175 9.95 11.51 39.79
N ARG B 176 10.05 12.38 38.79
CA ARG B 176 9.01 12.51 37.76
C ARG B 176 9.07 11.32 36.80
N ASP B 177 7.97 10.57 36.67
CA ASP B 177 7.99 9.37 35.81
C ASP B 177 6.60 8.85 35.49
N SER B 178 6.51 8.08 34.42
CA SER B 178 5.33 7.25 34.13
C SER B 178 5.37 6.01 35.04
N CYS B 179 4.21 5.41 35.27
CA CYS B 179 4.12 4.24 36.14
C CYS B 179 2.90 3.41 35.80
N LYS B 180 2.66 2.37 36.59
CA LYS B 180 1.56 1.42 36.36
C LYS B 180 0.23 2.09 36.09
N GLY B 181 -0.42 1.65 35.00
CA GLY B 181 -1.66 2.25 34.51
C GLY B 181 -1.46 3.37 33.50
N ASP B 182 -0.22 3.86 33.32
CA ASP B 182 0.11 4.86 32.30
C ASP B 182 0.53 4.22 30.99
N SER B 183 0.83 2.92 31.03
CA SER B 183 1.18 2.15 29.85
C SER B 183 0.15 2.35 28.76
N GLY B 184 0.65 2.54 27.55
CA GLY B 184 -0.16 2.75 26.38
C GLY B 184 -0.49 4.19 26.09
N GLY B 185 -0.16 5.05 27.06
CA GLY B 185 -0.45 6.46 26.96
C GLY B 185 0.59 7.18 26.12
N PRO B 186 0.32 8.42 25.76
CA PRO B 186 1.11 9.19 24.82
C PRO B 186 2.29 9.94 25.43
N LEU B 187 3.42 9.93 24.72
CA LEU B 187 4.52 10.87 24.94
CA LEU B 187 4.52 10.88 24.94
C LEU B 187 4.44 11.85 23.77
N VAL B 188 4.12 13.11 24.07
CA VAL B 188 3.83 14.14 23.04
C VAL B 188 4.90 15.22 23.11
N CYS B 189 5.57 15.47 21.99
CA CYS B 189 6.64 16.48 21.93
C CYS B 189 6.23 17.53 20.92
N GLY B 190 6.04 18.77 21.38
CA GLY B 190 5.62 19.88 20.53
C GLY B 190 4.28 19.67 19.83
N GLY B 191 3.33 19.08 20.54
CA GLY B 191 2.01 18.75 19.99
C GLY B 191 1.92 17.56 19.03
N VAL B 192 3.00 16.81 18.87
CA VAL B 192 3.02 15.64 17.99
C VAL B 192 3.28 14.38 18.81
N LEU B 193 2.50 13.33 18.55
CA LEU B 193 2.74 12.04 19.21
C LEU B 193 4.07 11.49 18.76
N GLU B 194 4.96 11.24 19.69
CA GLU B 194 6.26 10.67 19.39
C GLU B 194 6.45 9.30 19.99
N GLY B 195 5.83 9.05 21.13
CA GLY B 195 5.98 7.75 21.77
C GLY B 195 4.77 7.24 22.51
N VAL B 196 4.84 5.97 22.85
CA VAL B 196 3.83 5.32 23.62
C VAL B 196 4.50 4.67 24.81
N VAL B 197 3.92 4.87 26.00
CA VAL B 197 4.48 4.29 27.23
C VAL B 197 4.41 2.76 27.14
N THR B 198 5.53 2.06 27.39
CA THR B 198 5.52 0.59 27.49
C THR B 198 5.47 0.16 28.95
N ARG B 202 8.22 -2.50 34.84
CA ARG B 202 9.38 -1.72 35.19
C ARG B 202 9.15 -0.87 36.46
N VAL B 203 10.27 -0.37 36.97
CA VAL B 203 10.35 0.49 38.14
C VAL B 203 9.87 1.90 37.81
N CYS B 204 9.48 2.63 38.84
CA CYS B 204 8.99 4.02 38.68
C CYS B 204 9.73 4.99 39.60
N GLY B 205 10.06 6.16 39.07
CA GLY B 205 10.66 7.22 39.87
C GLY B 205 12.16 7.08 40.07
N ASN B 206 12.77 6.06 39.45
CA ASN B 206 14.19 5.74 39.64
C ASN B 206 15.04 6.20 38.44
N ARG B 207 15.75 7.30 38.63
CA ARG B 207 16.65 7.88 37.61
C ARG B 207 17.58 6.88 36.92
N LYS B 208 18.01 5.84 37.63
CA LYS B 208 18.87 4.81 37.07
C LYS B 208 18.17 3.95 36.00
N LYS B 209 16.82 3.86 36.05
CA LYS B 209 15.99 3.19 35.03
C LYS B 209 14.99 4.16 34.33
N PRO B 210 15.45 4.87 33.29
CA PRO B 210 14.61 5.75 32.47
C PRO B 210 13.31 5.10 31.98
N ILE B 212 10.87 3.97 29.34
CA ILE B 212 10.99 3.46 27.99
C ILE B 212 9.67 3.69 27.23
N TYR B 213 9.79 4.19 26.01
CA TYR B 213 8.64 4.56 25.20
C TYR B 213 8.85 3.99 23.79
N THR B 214 7.79 3.46 23.18
CA THR B 214 7.90 2.98 21.82
C THR B 214 7.79 4.15 20.86
N ARG B 215 8.70 4.22 19.89
CA ARG B 215 8.72 5.31 18.92
C ARG B 215 7.74 5.07 17.81
N VAL B 216 6.70 5.89 17.73
CA VAL B 216 5.61 5.65 16.75
C VAL B 216 6.08 5.77 15.32
N ALA B 217 7.05 6.64 15.09
CA ALA B 217 7.63 6.81 13.77
C ALA B 217 8.27 5.53 13.22
N SER B 218 8.88 4.71 14.09
CA SER B 218 9.37 3.39 13.65
C SER B 218 8.27 2.48 13.14
N TYR B 219 7.03 2.72 13.53
CA TYR B 219 5.91 1.85 13.17
C TYR B 219 4.92 2.51 12.23
N ALA B 220 5.37 3.56 11.54
CA ALA B 220 4.50 4.37 10.69
C ALA B 220 3.79 3.58 9.64
N ALA B 221 4.55 2.70 8.98
CA ALA B 221 4.02 1.88 7.91
C ALA B 221 2.95 0.91 8.41
N TRP B 222 3.22 0.27 9.55
CA TRP B 222 2.26 -0.61 10.17
C TRP B 222 0.99 0.14 10.61
N ILE B 223 1.13 1.30 11.24
CA ILE B 223 -0.04 2.06 11.66
C ILE B 223 -0.92 2.49 10.47
N ASP B 224 -0.29 3.02 9.42
CA ASP B 224 -1.05 3.36 8.18
C ASP B 224 -1.79 2.17 7.62
N SER B 225 -1.08 1.05 7.51
N SER B 225 -1.09 1.05 7.51
CA SER B 225 -1.65 -0.15 6.94
CA SER B 225 -1.65 -0.15 6.94
C SER B 225 -2.89 -0.64 7.68
C SER B 225 -2.89 -0.64 7.68
N VAL B 226 -2.87 -0.58 9.01
CA VAL B 226 -4.02 -1.00 9.85
C VAL B 226 -5.19 -0.03 9.72
N LEU B 227 -4.92 1.26 9.83
CA LEU B 227 -5.94 2.29 9.62
C LEU B 227 -6.58 2.22 8.23
N ALA B 228 -5.76 1.95 7.21
CA ALA B 228 -6.28 1.77 5.84
C ALA B 228 -7.26 0.51 5.71
N ILE C 1 -19.94 11.37 -12.27
CA ILE C 1 -20.95 11.38 -11.16
C ILE C 1 -21.31 12.84 -10.76
N LEU C 2 -22.59 13.20 -10.84
CA LEU C 2 -23.04 14.52 -10.36
C LEU C 2 -23.57 14.36 -8.96
N GLY C 3 -23.25 15.32 -8.09
CA GLY C 3 -23.76 15.34 -6.73
C GLY C 3 -23.08 14.37 -5.77
N GLY C 4 -21.91 13.85 -6.15
CA GLY C 4 -21.18 12.90 -5.33
C GLY C 4 -19.98 13.46 -4.61
N ARG C 5 -19.18 12.56 -4.02
CA ARG C 5 -17.93 12.88 -3.32
C ARG C 5 -16.80 12.06 -3.89
N GLU C 6 -15.56 12.48 -3.65
CA GLU C 6 -14.40 11.66 -3.94
C GLU C 6 -14.47 10.41 -3.09
N ALA C 7 -14.31 9.25 -3.71
CA ALA C 7 -14.34 7.98 -3.00
C ALA C 7 -13.03 7.80 -2.24
N GLU C 8 -13.08 6.94 -1.23
CA GLU C 8 -11.91 6.52 -0.49
C GLU C 8 -11.07 5.74 -1.50
N ALA C 9 -9.80 6.11 -1.64
CA ALA C 9 -8.89 5.44 -2.55
C ALA C 9 -8.96 3.92 -2.36
N HIS C 10 -9.22 3.22 -3.45
CA HIS C 10 -9.15 1.75 -3.49
C HIS C 10 -10.15 1.01 -2.59
N ALA C 11 -11.16 1.70 -2.08
CA ALA C 11 -12.20 1.06 -1.29
C ALA C 11 -13.22 0.34 -2.17
N ARG C 12 -13.16 0.54 -3.49
CA ARG C 12 -14.02 -0.19 -4.46
C ARG C 12 -13.07 -0.88 -5.43
N PRO C 13 -12.41 -1.96 -4.98
CA PRO C 13 -11.33 -2.58 -5.74
C PRO C 13 -11.78 -3.25 -7.04
N TYR C 14 -13.10 -3.39 -7.24
CA TYR C 14 -13.71 -3.90 -8.45
C TYR C 14 -13.82 -2.88 -9.62
N MET C 15 -13.54 -1.63 -9.32
CA MET C 15 -13.83 -0.54 -10.22
C MET C 15 -12.80 -0.49 -11.30
N ALA C 16 -13.24 -0.35 -12.55
CA ALA C 16 -12.34 -0.36 -13.71
C ALA C 16 -12.64 0.85 -14.59
N SER C 17 -11.60 1.46 -15.14
CA SER C 17 -11.74 2.48 -16.19
C SER C 17 -11.46 1.81 -17.53
N VAL C 18 -12.45 1.83 -18.41
CA VAL C 18 -12.30 1.33 -19.75
C VAL C 18 -11.78 2.51 -20.58
N GLN C 19 -10.61 2.33 -21.18
CA GLN C 19 -9.87 3.39 -21.84
C GLN C 19 -9.74 3.22 -23.35
N LEU C 20 -9.74 4.34 -24.06
CA LEU C 20 -9.64 4.40 -25.50
C LEU C 20 -8.46 5.30 -25.84
N ASN C 21 -7.41 4.71 -26.39
CA ASN C 21 -6.19 5.41 -26.75
C ASN C 21 -5.62 6.19 -25.56
N GLY C 22 -5.49 5.52 -24.42
CA GLY C 22 -4.90 6.11 -23.21
C GLY C 22 -5.74 7.09 -22.38
N ALA C 23 -7.01 7.27 -22.76
CA ALA C 23 -7.90 8.19 -22.04
C ALA C 23 -9.13 7.45 -21.51
N HIS C 24 -9.67 7.90 -20.37
CA HIS C 24 -10.88 7.27 -19.80
C HIS C 24 -12.06 7.49 -20.73
N LEU C 25 -12.79 6.42 -21.03
CA LEU C 25 -13.99 6.45 -21.85
C LEU C 25 -15.26 6.02 -21.10
N CYS C 26 -15.17 4.95 -20.32
CA CYS C 26 -16.32 4.32 -19.68
C CYS C 26 -15.88 3.64 -18.40
N GLY C 27 -16.85 3.42 -17.51
CA GLY C 27 -16.64 2.61 -16.34
C GLY C 27 -16.76 1.15 -16.71
N GLY C 28 -16.29 0.32 -15.81
CA GLY C 28 -16.51 -1.11 -15.90
C GLY C 28 -16.34 -1.71 -14.53
N VAL C 29 -16.68 -2.99 -14.43
CA VAL C 29 -16.58 -3.74 -13.19
C VAL C 29 -15.82 -5.05 -13.37
N LEU C 30 -14.82 -5.27 -12.55
CA LEU C 30 -14.11 -6.55 -12.56
C LEU C 30 -15.00 -7.63 -11.97
N VAL C 31 -15.33 -8.66 -12.76
CA VAL C 31 -16.26 -9.71 -12.30
C VAL C 31 -15.62 -11.10 -12.27
N ALA C 32 -14.42 -11.23 -12.83
CA ALA C 32 -13.57 -12.38 -12.62
C ALA C 32 -12.15 -11.92 -12.80
N GLU C 33 -11.20 -12.78 -12.49
CA GLU C 33 -9.79 -12.46 -12.63
C GLU C 33 -9.45 -11.90 -14.00
N GLN C 34 -10.05 -12.44 -15.06
CA GLN C 34 -9.72 -12.01 -16.43
C GLN C 34 -10.86 -11.28 -17.17
N TRP C 35 -11.90 -10.84 -16.47
CA TRP C 35 -13.10 -10.33 -17.15
C TRP C 35 -13.65 -9.09 -16.51
N VAL C 36 -13.92 -8.08 -17.36
CA VAL C 36 -14.55 -6.84 -16.97
C VAL C 36 -15.89 -6.68 -17.70
N LEU C 37 -16.93 -6.34 -16.95
CA LEU C 37 -18.25 -6.07 -17.49
C LEU C 37 -18.41 -4.56 -17.66
N SER C 38 -18.94 -4.15 -18.81
CA SER C 38 -19.20 -2.76 -19.10
C SER C 38 -20.43 -2.66 -20.00
N ALA C 39 -20.62 -1.53 -20.65
CA ALA C 39 -21.81 -1.34 -21.52
C ALA C 39 -21.44 -1.45 -23.01
N ALA C 40 -22.23 -2.18 -23.80
CA ALA C 40 -21.94 -2.33 -25.24
C ALA C 40 -21.80 -0.99 -25.96
N HIS C 41 -22.64 0.00 -25.61
CA HIS C 41 -22.58 1.27 -26.34
C HIS C 41 -21.24 1.97 -26.18
N CYS C 42 -20.48 1.63 -25.15
CA CYS C 42 -19.10 2.15 -24.98
C CYS C 42 -18.16 1.88 -26.15
N LEU C 43 -18.35 0.77 -26.84
CA LEU C 43 -17.55 0.41 -28.00
C LEU C 43 -17.89 1.05 -29.35
N GLU C 44 -19.14 1.36 -29.64
CA GLU C 44 -19.54 2.20 -30.81
C GLU C 44 -18.50 2.83 -31.80
N GLY C 49 -11.21 1.99 -31.85
CA GLY C 49 -9.77 2.29 -31.70
C GLY C 49 -9.04 1.27 -30.83
N LYS C 50 -8.07 1.74 -30.02
CA LYS C 50 -7.32 0.84 -29.10
C LYS C 50 -7.88 0.82 -27.63
N VAL C 51 -8.43 -0.33 -27.23
CA VAL C 51 -9.19 -0.46 -26.00
C VAL C 51 -8.38 -1.15 -24.91
N GLN C 52 -8.25 -0.50 -23.75
CA GLN C 52 -7.58 -1.09 -22.59
C GLN C 52 -8.41 -0.90 -21.31
N VAL C 53 -7.98 -1.58 -20.24
CA VAL C 53 -8.68 -1.53 -18.96
C VAL C 53 -7.68 -1.23 -17.88
N LEU C 54 -7.97 -0.18 -17.11
CA LEU C 54 -7.13 0.23 -16.01
C LEU C 54 -7.77 -0.25 -14.71
N LEU C 55 -7.08 -1.16 -14.01
CA LEU C 55 -7.50 -1.65 -12.68
C LEU C 55 -6.66 -1.08 -11.55
N GLY C 56 -7.19 -1.17 -10.34
CA GLY C 56 -6.50 -0.69 -9.14
C GLY C 56 -6.27 0.78 -9.02
N ALA C 57 -7.07 1.58 -9.72
CA ALA C 57 -6.87 3.02 -9.80
C ALA C 57 -7.74 3.81 -8.83
N HIS C 58 -7.20 4.93 -8.40
CA HIS C 58 -7.99 5.98 -7.80
C HIS C 58 -7.90 7.20 -8.70
N SER C 59 -6.67 7.71 -8.85
CA SER C 59 -6.37 8.76 -9.79
C SER C 59 -6.11 8.17 -11.17
N LEU C 60 -6.67 8.80 -12.19
CA LEU C 60 -6.35 8.45 -13.58
C LEU C 60 -4.92 8.83 -14.01
N SER C 61 -4.38 9.93 -13.46
CA SER C 61 -3.12 10.51 -13.93
C SER C 61 -1.87 10.20 -13.08
N GLN C 62 -2.04 9.99 -11.77
CA GLN C 62 -0.91 9.85 -10.87
C GLN C 62 -0.49 8.44 -10.58
N PRO C 63 0.83 8.21 -10.42
CA PRO C 63 1.33 6.86 -10.15
C PRO C 63 0.81 6.32 -8.83
N GLU C 64 0.34 5.08 -8.85
CA GLU C 64 -0.13 4.38 -7.67
C GLU C 64 0.40 2.96 -7.77
N PRO C 65 0.87 2.39 -6.65
CA PRO C 65 1.45 1.03 -6.69
C PRO C 65 0.50 -0.06 -7.23
N SER C 66 -0.81 0.12 -7.02
CA SER C 66 -1.79 -0.88 -7.48
C SER C 66 -2.29 -0.68 -8.92
N LYS C 67 -2.08 0.50 -9.49
CA LYS C 67 -2.53 0.74 -10.86
C LYS C 67 -1.84 -0.21 -11.82
N ARG C 68 -2.65 -0.93 -12.60
CA ARG C 68 -2.13 -1.63 -13.76
C ARG C 68 -3.06 -1.49 -14.95
N LEU C 69 -2.48 -1.28 -16.13
CA LEU C 69 -3.23 -1.15 -17.36
C LEU C 69 -3.19 -2.52 -18.06
N TYR C 70 -4.32 -2.95 -18.64
CA TYR C 70 -4.42 -4.26 -19.28
C TYR C 70 -4.96 -4.10 -20.69
N ASP C 71 -4.40 -4.89 -21.61
CA ASP C 71 -4.95 -4.95 -22.96
C ASP C 71 -6.15 -5.89 -22.95
N VAL C 72 -7.01 -5.71 -23.93
CA VAL C 72 -8.21 -6.49 -24.09
C VAL C 72 -8.04 -7.49 -25.24
N LEU C 73 -8.08 -8.78 -24.93
CA LEU C 73 -8.05 -9.86 -25.90
C LEU C 73 -9.32 -9.94 -26.72
N ARG C 74 -10.46 -9.86 -26.03
CA ARG C 74 -11.79 -9.99 -26.65
C ARG C 74 -12.82 -9.02 -26.05
N ALA C 75 -13.67 -8.48 -26.92
CA ALA C 75 -14.85 -7.73 -26.55
C ALA C 75 -16.07 -8.56 -26.97
N VAL C 76 -16.92 -8.91 -26.00
CA VAL C 76 -18.08 -9.77 -26.24
C VAL C 76 -19.41 -9.02 -25.89
N PRO C 77 -20.03 -8.39 -26.90
CA PRO C 77 -21.32 -7.78 -26.66
C PRO C 77 -22.38 -8.86 -26.49
N HIS C 78 -23.49 -8.52 -25.87
CA HIS C 78 -24.57 -9.49 -25.79
C HIS C 78 -25.09 -9.79 -27.23
N PRO C 79 -25.36 -11.05 -27.56
CA PRO C 79 -25.88 -11.46 -28.88
C PRO C 79 -27.06 -10.64 -29.41
N ASP C 80 -27.97 -10.27 -28.54
CA ASP C 80 -29.13 -9.45 -28.89
C ASP C 80 -28.90 -7.96 -28.84
N SER C 81 -27.70 -7.49 -28.52
CA SER C 81 -27.42 -6.05 -28.47
CA SER C 81 -27.42 -6.06 -28.47
C SER C 81 -27.48 -5.46 -29.87
N GLN C 82 -27.95 -4.22 -29.95
CA GLN C 82 -28.01 -3.50 -31.22
C GLN C 82 -27.77 -2.02 -31.01
N PRO C 83 -27.16 -1.33 -32.01
CA PRO C 83 -26.81 0.10 -31.88
C PRO C 83 -28.00 1.04 -31.65
N ASP C 84 -29.16 0.67 -32.18
CA ASP C 84 -30.38 1.46 -32.00
C ASP C 84 -30.99 1.43 -30.58
N THR C 85 -31.08 0.23 -30.01
CA THR C 85 -31.85 0.00 -28.78
C THR C 85 -31.05 0.21 -27.49
N ILE C 86 -31.78 0.29 -26.38
CA ILE C 86 -31.19 0.30 -25.02
C ILE C 86 -31.21 -1.07 -24.33
N ASP C 87 -31.73 -2.09 -25.02
CA ASP C 87 -31.87 -3.44 -24.46
C ASP C 87 -30.60 -4.24 -24.71
N HIS C 88 -30.24 -5.07 -23.73
CA HIS C 88 -29.11 -5.99 -23.84
C HIS C 88 -27.75 -5.27 -24.00
N ASP C 89 -27.64 -4.09 -23.39
CA ASP C 89 -26.47 -3.22 -23.52
C ASP C 89 -25.35 -3.62 -22.52
N LEU C 90 -24.90 -4.88 -22.60
CA LEU C 90 -23.79 -5.37 -21.79
C LEU C 90 -22.66 -5.77 -22.69
N LEU C 91 -21.47 -5.72 -22.10
CA LEU C 91 -20.27 -6.00 -22.80
C LEU C 91 -19.32 -6.66 -21.86
N LEU C 92 -18.75 -7.79 -22.28
CA LEU C 92 -17.72 -8.45 -21.48
C LEU C 92 -16.38 -8.32 -22.15
N LEU C 93 -15.40 -7.82 -21.40
CA LEU C 93 -14.06 -7.57 -21.89
C LEU C 93 -13.13 -8.56 -21.22
N GLN C 94 -12.44 -9.34 -22.03
CA GLN C 94 -11.46 -10.30 -21.54
C GLN C 94 -10.11 -9.61 -21.56
N LEU C 95 -9.46 -9.60 -20.40
CA LEU C 95 -8.15 -9.00 -20.27
C LEU C 95 -7.08 -9.94 -20.88
N SER C 96 -5.93 -9.35 -21.22
CA SER C 96 -4.75 -10.08 -21.76
C SER C 96 -4.16 -11.13 -20.85
N GLU C 97 -4.38 -10.98 -19.55
CA GLU C 97 -4.02 -12.00 -18.60
C GLU C 97 -4.84 -11.80 -17.35
N LYS C 98 -4.86 -12.83 -16.52
CA LYS C 98 -5.53 -12.75 -15.22
C LYS C 98 -4.92 -11.59 -14.46
N ALA C 99 -5.77 -10.79 -13.84
CA ALA C 99 -5.37 -9.60 -13.12
C ALA C 99 -4.71 -9.96 -11.82
N THR C 100 -3.73 -9.16 -11.40
CA THR C 100 -3.10 -9.35 -10.10
C THR C 100 -4.05 -8.83 -9.05
N LEU C 101 -4.50 -9.73 -8.19
CA LEU C 101 -5.43 -9.37 -7.13
C LEU C 101 -4.65 -8.89 -5.92
N GLY C 102 -5.28 -7.97 -5.18
CA GLY C 102 -4.72 -7.41 -3.96
C GLY C 102 -5.79 -6.67 -3.19
N PRO C 103 -5.39 -5.87 -2.21
CA PRO C 103 -6.37 -5.03 -1.52
C PRO C 103 -7.09 -4.03 -2.44
N ALA C 104 -6.42 -3.60 -3.50
CA ALA C 104 -6.97 -2.57 -4.40
C ALA C 104 -7.57 -3.12 -5.71
N VAL C 105 -7.48 -4.44 -5.94
CA VAL C 105 -7.98 -5.09 -7.16
C VAL C 105 -8.64 -6.41 -6.77
N ARG C 106 -9.95 -6.46 -6.89
CA ARG C 106 -10.73 -7.60 -6.38
C ARG C 106 -12.04 -7.69 -7.20
N PRO C 107 -12.34 -8.87 -7.78
CA PRO C 107 -13.63 -8.97 -8.46
C PRO C 107 -14.81 -8.77 -7.52
N LEU C 108 -15.92 -8.30 -8.08
CA LEU C 108 -17.16 -8.09 -7.31
C LEU C 108 -18.10 -9.20 -7.74
N PRO C 109 -18.65 -9.96 -6.77
CA PRO C 109 -19.68 -10.89 -7.16
C PRO C 109 -20.98 -10.16 -7.50
N TRP C 110 -21.74 -10.82 -8.34
CA TRP C 110 -22.88 -10.26 -8.96
C TRP C 110 -24.10 -11.14 -8.68
N GLN C 111 -25.26 -10.50 -8.81
CA GLN C 111 -26.51 -11.08 -8.42
C GLN C 111 -26.93 -12.06 -9.50
N ARG C 112 -27.19 -13.31 -9.13
CA ARG C 112 -27.65 -14.29 -10.09
C ARG C 112 -29.10 -14.76 -9.89
N VAL C 113 -29.74 -14.28 -8.83
CA VAL C 113 -31.14 -14.55 -8.56
C VAL C 113 -31.91 -13.47 -9.26
N ASP C 114 -32.69 -13.85 -10.26
CA ASP C 114 -33.38 -12.88 -11.11
C ASP C 114 -34.62 -12.35 -10.41
N ARG C 115 -34.39 -11.44 -9.47
CA ARG C 115 -35.46 -10.71 -8.82
C ARG C 115 -35.09 -9.29 -8.61
N ASP C 116 -36.05 -8.38 -8.74
CA ASP C 116 -35.76 -6.97 -8.64
C ASP C 116 -35.19 -6.60 -7.30
N VAL C 117 -34.33 -5.58 -7.34
CA VAL C 117 -33.91 -4.92 -6.12
C VAL C 117 -35.14 -4.14 -5.64
N ALA C 118 -35.44 -4.25 -4.34
CA ALA C 118 -36.58 -3.56 -3.75
C ALA C 118 -36.46 -2.05 -3.96
N PRO C 119 -37.51 -1.42 -4.52
CA PRO C 119 -37.55 0.04 -4.65
C PRO C 119 -37.26 0.73 -3.33
N GLY C 120 -36.57 1.86 -3.40
CA GLY C 120 -36.08 2.55 -2.22
C GLY C 120 -34.74 2.07 -1.68
N THR C 121 -34.28 0.86 -2.03
CA THR C 121 -32.93 0.40 -1.62
C THR C 121 -31.85 1.38 -2.07
N LEU C 122 -30.89 1.64 -1.20
CA LEU C 122 -29.77 2.52 -1.54
C LEU C 122 -28.62 1.72 -2.17
N CYS C 123 -28.26 2.10 -3.39
CA CYS C 123 -27.15 1.49 -4.13
C CYS C 123 -26.07 2.50 -4.48
N ASP C 124 -24.84 2.03 -4.53
CA ASP C 124 -23.64 2.82 -4.75
C ASP C 124 -23.29 2.76 -6.24
N VAL C 125 -23.11 3.94 -6.82
CA VAL C 125 -22.65 4.08 -8.20
C VAL C 125 -21.35 4.89 -8.14
N ALA C 126 -20.35 4.44 -8.86
CA ALA C 126 -19.05 5.11 -8.89
C ALA C 126 -18.56 5.24 -10.32
N GLY C 127 -17.70 6.22 -10.54
CA GLY C 127 -17.12 6.42 -11.83
C GLY C 127 -16.25 7.65 -11.91
N TRP C 128 -15.54 7.74 -13.03
CA TRP C 128 -14.75 8.91 -13.39
C TRP C 128 -15.48 9.72 -14.45
N GLY C 129 -16.80 9.65 -14.49
CA GLY C 129 -17.57 10.45 -15.45
C GLY C 129 -17.60 11.90 -14.99
N ILE C 130 -18.25 12.74 -15.80
CA ILE C 130 -18.23 14.21 -15.54
C ILE C 130 -18.95 14.58 -14.23
N VAL C 131 -18.41 15.60 -13.54
CA VAL C 131 -18.88 15.99 -12.20
C VAL C 131 -19.75 17.24 -12.16
N ASN C 132 -19.86 17.94 -13.29
CA ASN C 132 -20.79 19.07 -13.40
C ASN C 132 -21.29 19.20 -14.84
N HIS C 133 -22.28 20.08 -15.02
CA HIS C 133 -22.91 20.25 -16.33
C HIS C 133 -21.98 20.92 -17.36
N ALA C 134 -20.92 21.57 -16.88
CA ALA C 134 -19.83 22.06 -17.75
C ALA C 134 -18.92 20.97 -18.35
N GLY C 135 -19.09 19.70 -17.94
CA GLY C 135 -18.28 18.57 -18.48
C GLY C 135 -16.90 18.41 -17.85
N ARG C 136 -16.70 19.02 -16.68
CA ARG C 136 -15.46 18.84 -15.96
C ARG C 136 -15.26 17.35 -15.64
N ARG C 137 -14.08 16.84 -15.98
CA ARG C 137 -13.72 15.46 -15.76
C ARG C 137 -12.83 15.35 -14.53
N PRO C 138 -13.23 14.54 -13.52
CA PRO C 138 -12.38 14.41 -12.32
C PRO C 138 -11.14 13.57 -12.58
N ASP C 139 -10.07 13.88 -11.89
CA ASP C 139 -8.88 13.01 -11.91
C ASP C 139 -9.10 11.74 -11.07
N SER C 140 -9.84 11.88 -9.99
CA SER C 140 -10.05 10.79 -9.06
C SER C 140 -11.49 10.25 -9.04
N LEU C 141 -11.62 9.01 -8.59
CA LEU C 141 -12.90 8.28 -8.60
C LEU C 141 -13.93 8.97 -7.73
N GLN C 142 -15.13 9.14 -8.26
CA GLN C 142 -16.27 9.68 -7.53
C GLN C 142 -17.32 8.60 -7.27
N HIS C 143 -18.18 8.84 -6.29
CA HIS C 143 -19.30 7.95 -6.05
C HIS C 143 -20.47 8.67 -5.45
N VAL C 144 -21.62 8.00 -5.45
CA VAL C 144 -22.82 8.52 -4.85
C VAL C 144 -23.74 7.35 -4.54
N LEU C 145 -24.52 7.50 -3.46
CA LEU C 145 -25.57 6.52 -3.12
C LEU C 145 -26.88 7.01 -3.71
N LEU C 146 -27.61 6.13 -4.39
CA LEU C 146 -28.88 6.47 -5.07
C LEU C 146 -29.95 5.44 -4.73
N PRO C 147 -31.19 5.90 -4.46
CA PRO C 147 -32.25 4.94 -4.21
C PRO C 147 -32.84 4.38 -5.50
N VAL C 148 -33.14 3.09 -5.48
CA VAL C 148 -33.77 2.42 -6.60
C VAL C 148 -35.19 2.93 -6.74
N LEU C 149 -35.64 3.12 -7.96
CA LEU C 149 -36.95 3.65 -8.28
C LEU C 149 -37.68 2.45 -8.85
N ASP C 150 -38.91 2.21 -8.41
CA ASP C 150 -39.67 1.08 -8.97
C ASP C 150 -39.94 1.28 -10.46
N ARG C 151 -39.97 0.18 -11.18
CA ARG C 151 -40.12 0.16 -12.62
C ARG C 151 -41.41 0.83 -13.10
N ALA C 152 -42.50 0.70 -12.33
CA ALA C 152 -43.78 1.27 -12.71
C ALA C 152 -43.70 2.80 -12.78
N THR C 153 -43.26 3.42 -11.69
CA THR C 153 -42.99 4.87 -11.67
C THR C 153 -42.04 5.28 -12.79
N CYS C 154 -40.95 4.52 -12.93
CA CYS C 154 -39.94 4.81 -13.95
C CYS C 154 -40.56 4.76 -15.35
N ASN C 155 -41.51 3.84 -15.56
CA ASN C 155 -42.24 3.80 -16.82
C ASN C 155 -43.38 4.83 -16.84
N ARG C 156 -40.50 6.46 -20.38
CA ARG C 156 -41.91 6.48 -20.84
C ARG C 156 -42.43 5.05 -21.03
N ARG C 157 -42.49 4.53 -22.26
CA ARG C 157 -42.70 3.08 -22.44
C ARG C 157 -41.51 2.11 -22.01
N ALA C 163 -40.29 2.62 -21.80
CA ALA C 163 -39.04 1.91 -22.16
C ALA C 163 -38.42 0.88 -21.19
N ILE C 164 -38.73 1.01 -19.90
CA ILE C 164 -38.06 0.20 -18.87
C ILE C 164 -38.66 -1.21 -18.84
N THR C 165 -37.99 -2.15 -19.49
CA THR C 165 -38.32 -3.59 -19.47
C THR C 165 -37.97 -4.26 -18.12
N GLU C 166 -38.31 -5.55 -17.99
CA GLU C 166 -37.95 -6.35 -16.80
C GLU C 166 -36.44 -6.66 -16.69
N ARG C 167 -35.71 -6.37 -17.77
CA ARG C 167 -34.25 -6.53 -17.83
C ARG C 167 -33.50 -5.24 -17.41
N LEU C 168 -34.25 -4.20 -17.06
CA LEU C 168 -33.71 -2.89 -16.72
C LEU C 168 -34.27 -2.45 -15.37
N MET C 169 -33.62 -1.47 -14.75
CA MET C 169 -34.08 -0.91 -13.48
C MET C 169 -33.71 0.56 -13.49
N CYS C 170 -34.25 1.34 -12.59
CA CYS C 170 -33.97 2.75 -12.51
C CYS C 170 -33.54 3.16 -11.15
N ALA C 171 -32.80 4.24 -11.07
CA ALA C 171 -32.46 4.91 -9.83
C ALA C 171 -32.80 6.38 -9.98
N GLU C 172 -33.12 6.98 -8.83
CA GLU C 172 -33.43 8.40 -8.79
C GLU C 172 -32.25 9.21 -9.24
N SER C 173 -32.56 10.31 -9.93
CA SER C 173 -31.60 11.20 -10.51
C SER C 173 -31.80 12.65 -10.05
N ASN C 174 -32.32 12.84 -8.85
CA ASN C 174 -32.59 14.17 -8.30
C ASN C 174 -31.30 14.86 -7.82
N ARG C 175 -30.63 15.55 -8.75
CA ARG C 175 -29.33 16.22 -8.54
C ARG C 175 -28.13 15.25 -8.40
N ARG C 176 -28.26 14.25 -7.53
CA ARG C 176 -27.35 13.09 -7.51
C ARG C 176 -27.64 12.19 -8.70
N ASP C 177 -26.64 11.93 -9.55
CA ASP C 177 -26.88 11.08 -10.74
C ASP C 177 -25.59 10.60 -11.37
N SER C 178 -25.71 9.52 -12.15
CA SER C 178 -24.63 9.09 -13.06
C SER C 178 -24.68 10.01 -14.29
N CYS C 179 -23.57 10.11 -15.00
CA CYS C 179 -23.48 10.99 -16.16
C CYS C 179 -22.42 10.49 -17.13
N LYS C 180 -22.17 11.28 -18.18
CA LYS C 180 -21.21 10.92 -19.24
C LYS C 180 -19.86 10.47 -18.69
N GLY C 181 -19.41 9.32 -19.17
CA GLY C 181 -18.20 8.65 -18.69
C GLY C 181 -18.42 7.66 -17.55
N ASP C 182 -19.62 7.64 -16.96
CA ASP C 182 -19.99 6.66 -15.92
C ASP C 182 -20.64 5.41 -16.50
N SER C 183 -21.04 5.49 -17.76
CA SER C 183 -21.58 4.35 -18.48
C SER C 183 -20.69 3.15 -18.38
N GLY C 184 -21.30 1.99 -18.15
CA GLY C 184 -20.62 0.71 -18.03
C GLY C 184 -20.17 0.41 -16.60
N GLY C 185 -20.31 1.41 -15.73
CA GLY C 185 -19.89 1.28 -14.36
C GLY C 185 -20.95 0.57 -13.54
N PRO C 186 -20.59 0.19 -12.32
CA PRO C 186 -21.39 -0.66 -11.46
C PRO C 186 -22.42 0.09 -10.61
N LEU C 187 -23.62 -0.50 -10.50
CA LEU C 187 -24.59 -0.14 -9.46
C LEU C 187 -24.53 -1.29 -8.47
N VAL C 188 -24.07 -1.01 -7.26
CA VAL C 188 -23.79 -2.04 -6.24
C VAL C 188 -24.72 -1.86 -5.05
N CYS C 189 -25.49 -2.87 -4.71
CA CYS C 189 -26.49 -2.79 -3.64
C CYS C 189 -26.11 -3.84 -2.58
N GLY C 190 -25.77 -3.39 -1.39
CA GLY C 190 -25.31 -4.24 -0.31
C GLY C 190 -24.07 -5.04 -0.64
N GLY C 191 -23.12 -4.44 -1.34
CA GLY C 191 -21.88 -5.13 -1.75
C GLY C 191 -21.99 -6.12 -2.91
N VAL C 192 -23.16 -6.19 -3.55
CA VAL C 192 -23.38 -7.10 -4.67
C VAL C 192 -23.67 -6.30 -5.93
N LEU C 193 -23.03 -6.66 -7.04
CA LEU C 193 -23.32 -6.00 -8.31
C LEU C 193 -24.76 -6.33 -8.72
N GLU C 194 -25.57 -5.30 -8.92
CA GLU C 194 -26.93 -5.45 -9.35
C GLU C 194 -27.17 -4.85 -10.71
N GLY C 195 -26.46 -3.81 -11.06
CA GLY C 195 -26.69 -3.17 -12.36
C GLY C 195 -25.47 -2.58 -13.00
N VAL C 196 -25.65 -2.24 -14.27
CA VAL C 196 -24.61 -1.59 -15.04
C VAL C 196 -25.21 -0.33 -15.63
N VAL C 197 -24.49 0.79 -15.51
CA VAL C 197 -24.96 2.07 -16.05
C VAL C 197 -25.04 1.98 -17.57
N THR C 198 -26.18 2.33 -18.18
CA THR C 198 -26.29 2.37 -19.68
C THR C 198 -26.13 3.85 -20.12
N ARG C 202 -28.03 11.11 -23.02
CA ARG C 202 -29.10 11.29 -22.04
C ARG C 202 -28.71 12.33 -20.95
N VAL C 203 -29.75 12.81 -20.30
CA VAL C 203 -29.71 13.92 -19.36
C VAL C 203 -29.12 13.46 -18.03
N CYS C 204 -28.56 14.40 -17.27
CA CYS C 204 -28.00 14.13 -15.95
C CYS C 204 -28.52 15.11 -14.91
N GLY C 205 -28.82 14.60 -13.71
CA GLY C 205 -29.22 15.44 -12.60
C GLY C 205 -30.70 15.84 -12.61
N ASN C 206 -31.47 15.30 -13.57
CA ASN C 206 -32.86 15.66 -13.79
C ASN C 206 -33.81 14.55 -13.27
N ARG C 207 -34.43 14.81 -12.10
CA ARG C 207 -35.36 13.87 -11.47
C ARG C 207 -36.44 13.30 -12.41
N LYS C 208 -36.87 14.09 -13.39
CA LYS C 208 -37.87 13.65 -14.37
C LYS C 208 -37.35 12.51 -15.29
N LYS C 209 -36.03 12.40 -15.46
CA LYS C 209 -35.38 11.31 -16.23
C LYS C 209 -34.40 10.47 -15.35
N PRO C 210 -34.92 9.48 -14.62
CA PRO C 210 -34.12 8.56 -13.80
C PRO C 210 -32.96 7.91 -14.56
N GLY C 211 -31.85 7.65 -13.87
CA GLY C 211 -30.79 6.83 -14.49
C GLY C 211 -31.37 5.46 -14.79
N ILE C 212 -31.02 4.92 -15.93
CA ILE C 212 -31.40 3.57 -16.36
C ILE C 212 -30.18 2.64 -16.23
N TYR C 213 -30.37 1.45 -15.70
CA TYR C 213 -29.29 0.51 -15.39
C TYR C 213 -29.70 -0.88 -15.88
N THR C 214 -28.77 -1.62 -16.48
CA THR C 214 -29.09 -2.97 -16.91
C THR C 214 -28.96 -3.92 -15.73
N ARG C 215 -29.96 -4.78 -15.54
CA ARG C 215 -29.99 -5.71 -14.42
C ARG C 215 -29.15 -6.93 -14.71
N VAL C 216 -28.05 -7.11 -14.00
CA VAL C 216 -27.12 -8.22 -14.31
C VAL C 216 -27.71 -9.58 -14.07
N ALA C 217 -28.62 -9.68 -13.11
CA ALA C 217 -29.32 -10.92 -12.85
C ALA C 217 -30.13 -11.42 -14.05
N SER C 218 -30.71 -10.52 -14.84
CA SER C 218 -31.37 -10.94 -16.09
C SER C 218 -30.41 -11.61 -17.08
N TYR C 219 -29.11 -11.35 -16.96
CA TYR C 219 -28.13 -11.88 -17.91
C TYR C 219 -27.19 -12.89 -17.28
N ALA C 220 -27.60 -13.49 -16.17
CA ALA C 220 -26.75 -14.38 -15.38
C ALA C 220 -26.21 -15.54 -16.16
N ALA C 221 -27.11 -16.17 -16.91
CA ALA C 221 -26.78 -17.34 -17.72
C ALA C 221 -25.76 -16.99 -18.81
N TRP C 222 -25.97 -15.86 -19.49
CA TRP C 222 -25.02 -15.40 -20.48
C TRP C 222 -23.66 -15.07 -19.88
N ILE C 223 -23.63 -14.35 -18.76
CA ILE C 223 -22.34 -14.00 -18.13
C ILE C 223 -21.58 -15.28 -17.71
N ASP C 224 -22.25 -16.23 -17.05
CA ASP C 224 -21.60 -17.52 -16.72
C ASP C 224 -21.02 -18.22 -17.93
N SER C 225 -21.84 -18.31 -18.97
N SER C 225 -21.84 -18.31 -18.97
CA SER C 225 -21.46 -19.01 -20.18
CA SER C 225 -21.46 -19.02 -20.19
C SER C 225 -20.19 -18.44 -20.82
C SER C 225 -20.19 -18.44 -20.82
N VAL C 226 -20.08 -17.12 -20.85
CA VAL C 226 -18.89 -16.44 -21.42
C VAL C 226 -17.64 -16.64 -20.54
N LEU C 227 -17.80 -16.42 -19.24
CA LEU C 227 -16.69 -16.67 -18.29
C LEU C 227 -16.23 -18.12 -18.30
N ALA C 228 -17.17 -19.06 -18.42
CA ALA C 228 -16.83 -20.49 -18.47
C ALA C 228 -16.04 -20.91 -19.72
N SER C 229 -16.04 -20.12 -20.80
CA SER C 229 -15.08 -20.29 -21.90
C SER C 229 -13.74 -19.62 -21.52
N ALA C 230 -12.93 -20.35 -20.75
CA ALA C 230 -11.66 -19.87 -20.22
C ALA C 230 -10.51 -20.69 -20.82
N ILE D 1 3.87 38.81 5.41
CA ILE D 1 2.97 38.86 6.60
C ILE D 1 2.72 40.33 7.04
N LEU D 2 1.46 40.77 7.06
CA LEU D 2 1.09 42.10 7.57
C LEU D 2 0.68 41.97 9.01
N GLY D 3 1.13 42.92 9.83
CA GLY D 3 0.74 42.97 11.23
C GLY D 3 1.44 41.96 12.13
N GLY D 4 2.55 41.37 11.66
CA GLY D 4 3.26 40.36 12.44
C GLY D 4 4.53 40.84 13.13
N ARG D 5 5.29 39.90 13.67
CA ARG D 5 6.60 40.11 14.26
C ARG D 5 7.64 39.23 13.58
N GLU D 6 8.90 39.60 13.75
CA GLU D 6 10.00 38.73 13.37
C GLU D 6 9.91 37.47 14.23
N ALA D 7 9.98 36.32 13.60
CA ALA D 7 9.91 35.04 14.29
C ALA D 7 11.23 34.77 15.00
N GLU D 8 11.19 33.91 15.99
CA GLU D 8 12.39 33.41 16.65
C GLU D 8 13.12 32.59 15.57
N ALA D 9 14.39 32.90 15.35
CA ALA D 9 15.20 32.20 14.37
C ALA D 9 15.08 30.69 14.57
N HIS D 10 14.71 30.00 13.49
CA HIS D 10 14.71 28.54 13.43
C HIS D 10 13.74 27.84 14.39
N ALA D 11 12.80 28.56 14.99
CA ALA D 11 11.79 27.95 15.82
C ALA D 11 10.68 27.29 14.99
N ARG D 12 10.68 27.52 13.67
CA ARG D 12 9.75 26.87 12.73
C ARG D 12 10.59 26.14 11.70
N PRO D 13 11.21 25.02 12.10
CA PRO D 13 12.20 24.35 11.27
C PRO D 13 11.65 23.72 9.99
N TYR D 14 10.32 23.67 9.88
CA TYR D 14 9.58 23.19 8.70
C TYR D 14 9.46 24.24 7.56
N MET D 15 9.82 25.47 7.84
N MET D 15 9.81 25.48 7.86
CA MET D 15 9.53 26.59 6.98
CA MET D 15 9.54 26.59 6.99
C MET D 15 10.50 26.59 5.81
C MET D 15 10.50 26.57 5.80
N ALA D 16 9.96 26.77 4.60
CA ALA D 16 10.75 26.76 3.39
C ALA D 16 10.45 28.00 2.56
N SER D 17 11.49 28.57 1.92
CA SER D 17 11.32 29.59 0.89
C SER D 17 11.47 28.93 -0.46
N VAL D 18 10.42 29.02 -1.27
CA VAL D 18 10.47 28.54 -2.64
C VAL D 18 10.99 29.69 -3.47
N GLN D 19 12.11 29.46 -4.15
CA GLN D 19 12.85 30.52 -4.84
C GLN D 19 12.90 30.37 -6.36
N LEU D 20 12.85 31.50 -7.04
CA LEU D 20 12.82 31.59 -8.49
C LEU D 20 13.97 32.47 -8.94
N ASN D 21 14.94 31.85 -9.60
CA ASN D 21 16.13 32.56 -10.07
C ASN D 21 16.83 33.32 -8.94
N GLY D 22 17.08 32.65 -7.82
CA GLY D 22 17.80 33.22 -6.69
C GLY D 22 17.05 34.17 -5.75
N ALA D 23 15.76 34.38 -5.99
CA ALA D 23 14.96 35.31 -5.19
C ALA D 23 13.77 34.56 -4.56
N HIS D 24 13.32 34.99 -3.38
CA HIS D 24 12.14 34.40 -2.73
C HIS D 24 10.90 34.67 -3.58
N LEU D 25 10.12 33.63 -3.84
CA LEU D 25 8.86 33.72 -4.57
C LEU D 25 7.62 33.35 -3.72
N CYS D 26 7.73 32.27 -2.97
CA CYS D 26 6.61 31.67 -2.26
C CYS D 26 7.08 30.98 -1.02
N GLY D 27 6.18 30.80 -0.06
CA GLY D 27 6.44 29.97 1.10
C GLY D 27 6.23 28.52 0.74
N GLY D 28 6.72 27.66 1.61
CA GLY D 28 6.42 26.25 1.53
C GLY D 28 6.64 25.62 2.88
N VAL D 29 6.25 24.35 2.99
CA VAL D 29 6.38 23.58 4.20
C VAL D 29 7.05 22.23 3.97
N LEU D 30 8.10 21.94 4.71
CA LEU D 30 8.74 20.63 4.66
C LEU D 30 7.81 19.59 5.30
N VAL D 31 7.36 18.59 4.51
CA VAL D 31 6.42 17.58 5.03
C VAL D 31 7.01 16.17 5.03
N ALA D 32 8.14 15.98 4.37
CA ALA D 32 8.94 14.78 4.54
C ALA D 32 10.37 15.21 4.25
N GLU D 33 11.31 14.30 4.48
CA GLU D 33 12.71 14.55 4.25
C GLU D 33 12.98 15.08 2.86
N GLN D 34 12.28 14.57 1.84
CA GLN D 34 12.55 14.99 0.46
C GLN D 34 11.41 15.81 -0.21
N TRP D 35 10.43 16.30 0.56
CA TRP D 35 9.22 16.87 -0.01
C TRP D 35 8.79 18.14 0.67
N VAL D 36 8.51 19.16 -0.17
CA VAL D 36 7.98 20.43 0.28
C VAL D 36 6.62 20.68 -0.36
N LEU D 37 5.64 21.06 0.47
CA LEU D 37 4.30 21.40 0.02
C LEU D 37 4.21 22.91 -0.12
N SER D 38 3.64 23.36 -1.24
CA SER D 38 3.41 24.77 -1.49
C SER D 38 2.13 24.94 -2.32
N ALA D 39 1.97 26.08 -2.97
CA ALA D 39 0.74 26.34 -3.77
C ALA D 39 0.98 26.21 -5.26
N ALA D 40 0.10 25.52 -5.99
CA ALA D 40 0.27 25.34 -7.45
C ALA D 40 0.42 26.66 -8.19
N HIS D 41 -0.36 27.68 -7.80
CA HIS D 41 -0.34 28.96 -8.52
C HIS D 41 1.04 29.60 -8.48
N CYS D 42 1.87 29.25 -7.47
CA CYS D 42 3.23 29.77 -7.38
C CYS D 42 4.11 29.48 -8.61
N LEU D 43 3.87 28.35 -9.27
CA LEU D 43 4.69 27.89 -10.37
C LEU D 43 4.22 28.35 -11.75
N GLU D 44 3.93 29.64 -11.92
CA GLU D 44 3.52 30.20 -13.25
C GLU D 44 4.50 31.25 -13.65
N GLY D 49 10.58 29.31 -14.67
CA GLY D 49 12.03 29.57 -14.63
C GLY D 49 12.83 28.52 -13.86
N LYS D 50 13.85 28.95 -13.15
CA LYS D 50 14.70 28.02 -12.31
C LYS D 50 14.33 27.96 -10.80
N VAL D 51 13.76 26.84 -10.37
CA VAL D 51 13.08 26.73 -9.07
C VAL D 51 13.94 25.98 -8.06
N GLN D 52 14.20 26.61 -6.91
CA GLN D 52 14.90 25.95 -5.80
C GLN D 52 14.16 26.14 -4.47
N VAL D 53 14.60 25.43 -3.44
CA VAL D 53 14.00 25.51 -2.13
C VAL D 53 15.08 25.73 -1.09
N LEU D 54 14.89 26.77 -0.29
CA LEU D 54 15.81 27.15 0.76
C LEU D 54 15.23 26.65 2.10
N LEU D 55 15.92 25.71 2.73
CA LEU D 55 15.59 25.22 4.07
C LEU D 55 16.54 25.76 5.16
N GLY D 56 16.09 25.68 6.41
CA GLY D 56 16.88 26.11 7.55
C GLY D 56 17.19 27.58 7.65
N ALA D 57 16.42 28.44 6.99
CA ALA D 57 16.68 29.86 6.96
C ALA D 57 15.87 30.63 8.00
N HIS D 58 16.48 31.74 8.44
CA HIS D 58 15.75 32.80 9.08
C HIS D 58 15.87 34.02 8.21
N SER D 59 17.09 34.49 8.04
CA SER D 59 17.41 35.62 7.18
C SER D 59 17.66 35.08 5.79
N LEU D 60 17.14 35.77 4.78
CA LEU D 60 17.46 35.50 3.36
C LEU D 60 18.91 35.89 2.99
N SER D 61 19.47 36.93 3.64
CA SER D 61 20.76 37.51 3.26
C SER D 61 21.96 37.14 4.14
N GLN D 62 21.75 36.81 5.41
CA GLN D 62 22.86 36.63 6.36
C GLN D 62 23.25 35.17 6.53
N PRO D 63 24.57 34.90 6.72
CA PRO D 63 25.04 33.52 6.86
C PRO D 63 24.47 32.85 8.09
N GLU D 64 23.95 31.62 7.92
CA GLU D 64 23.46 30.83 9.03
C GLU D 64 23.89 29.40 8.80
N PRO D 65 24.39 28.73 9.86
CA PRO D 65 24.94 27.38 9.67
C PRO D 65 23.98 26.36 9.05
N SER D 66 22.68 26.51 9.31
CA SER D 66 21.64 25.60 8.84
C SER D 66 21.09 25.93 7.46
N LYS D 67 21.33 27.12 6.92
CA LYS D 67 20.81 27.45 5.59
C LYS D 67 21.35 26.51 4.55
N ARG D 68 20.46 25.86 3.82
CA ARG D 68 20.87 25.07 2.66
C ARG D 68 19.85 25.25 1.52
N LEU D 69 20.37 25.38 0.32
CA LEU D 69 19.55 25.56 -0.88
C LEU D 69 19.46 24.21 -1.57
N TYR D 70 18.29 23.85 -2.07
CA TYR D 70 18.07 22.54 -2.71
C TYR D 70 17.44 22.73 -4.08
N ASP D 71 17.89 21.93 -5.04
CA ASP D 71 17.26 21.89 -6.34
C ASP D 71 16.02 21.02 -6.26
N VAL D 72 15.10 21.27 -7.20
CA VAL D 72 13.85 20.55 -7.27
C VAL D 72 13.90 19.56 -8.43
N LEU D 73 13.81 18.27 -8.13
CA LEU D 73 13.75 17.21 -9.11
C LEU D 73 12.42 17.19 -9.85
N ARG D 74 11.33 17.31 -9.07
CA ARG D 74 9.99 17.25 -9.62
C ARG D 74 9.04 18.25 -8.92
N ALA D 75 8.15 18.85 -9.74
CA ALA D 75 7.08 19.68 -9.28
C ALA D 75 5.77 18.95 -9.63
N VAL D 76 4.96 18.63 -8.61
CA VAL D 76 3.73 17.87 -8.79
C VAL D 76 2.49 18.68 -8.35
N PRO D 77 1.84 19.39 -9.28
CA PRO D 77 0.59 20.05 -8.93
C PRO D 77 -0.50 19.04 -8.75
N HIS D 78 -1.55 19.41 -8.01
CA HIS D 78 -2.67 18.51 -7.87
C HIS D 78 -3.31 18.28 -9.27
N PRO D 79 -3.65 17.02 -9.61
CA PRO D 79 -4.26 16.69 -10.91
C PRO D 79 -5.44 17.60 -11.34
N ASP D 80 -6.28 17.96 -10.38
CA ASP D 80 -7.44 18.80 -10.64
C ASP D 80 -7.15 20.30 -10.54
N SER D 81 -5.91 20.71 -10.30
CA SER D 81 -5.59 22.14 -10.24
CA SER D 81 -5.59 22.13 -10.25
C SER D 81 -5.69 22.74 -11.64
N GLN D 82 -6.14 23.99 -11.70
CA GLN D 82 -6.27 24.71 -12.95
C GLN D 82 -6.01 26.20 -12.75
N PRO D 83 -5.47 26.88 -13.80
CA PRO D 83 -5.11 28.31 -13.70
C PRO D 83 -6.25 29.27 -13.35
N ASP D 84 -7.46 28.92 -13.78
CA ASP D 84 -8.65 29.74 -13.49
C ASP D 84 -9.12 29.69 -12.01
N THR D 85 -9.17 28.49 -11.45
CA THR D 85 -9.83 28.25 -10.16
C THR D 85 -8.91 28.44 -8.94
N ILE D 86 -9.54 28.53 -7.78
CA ILE D 86 -8.84 28.50 -6.47
C ILE D 86 -8.85 27.10 -5.80
N ASP D 87 -9.45 26.11 -6.45
CA ASP D 87 -9.61 24.77 -5.89
C ASP D 87 -8.40 23.93 -6.25
N HIS D 88 -8.01 23.05 -5.33
CA HIS D 88 -6.94 22.07 -5.53
C HIS D 88 -5.57 22.73 -5.73
N ASP D 89 -5.36 23.90 -5.12
CA ASP D 89 -4.18 24.72 -5.33
C ASP D 89 -2.96 24.23 -4.45
N LEU D 90 -2.60 22.96 -4.57
CA LEU D 90 -1.46 22.41 -3.86
C LEU D 90 -0.40 21.96 -4.83
N LEU D 91 0.82 21.97 -4.35
CA LEU D 91 1.97 21.65 -5.16
C LEU D 91 2.94 20.92 -4.28
N LEU D 92 3.42 19.78 -4.75
CA LEU D 92 4.45 19.04 -4.05
C LEU D 92 5.77 19.11 -4.79
N LEU D 93 6.81 19.55 -4.10
CA LEU D 93 8.13 19.74 -4.67
C LEU D 93 9.05 18.69 -4.06
N GLN D 94 9.64 17.87 -4.92
CA GLN D 94 10.60 16.87 -4.50
C GLN D 94 11.97 17.50 -4.61
N LEU D 95 12.70 17.47 -3.51
CA LEU D 95 14.03 18.01 -3.46
C LEU D 95 15.01 17.02 -4.12
N SER D 96 16.18 17.55 -4.52
CA SER D 96 17.27 16.77 -5.13
C SER D 96 17.84 15.67 -4.27
N GLU D 97 17.71 15.81 -2.97
CA GLU D 97 18.10 14.76 -2.05
C GLU D 97 17.36 15.00 -0.75
N LYS D 98 17.35 13.96 0.08
CA LYS D 98 16.78 14.06 1.41
C LYS D 98 17.49 15.18 2.14
N ALA D 99 16.72 16.01 2.83
CA ALA D 99 17.23 17.19 3.51
C ALA D 99 17.99 16.78 4.75
N THR D 100 19.03 17.53 5.10
CA THR D 100 19.76 17.29 6.33
C THR D 100 18.93 17.82 7.47
N LEU D 101 18.51 16.93 8.36
CA LEU D 101 17.69 17.31 9.49
C LEU D 101 18.57 17.75 10.65
N GLY D 102 18.03 18.69 11.42
CA GLY D 102 18.71 19.21 12.60
C GLY D 102 17.73 20.03 13.43
N PRO D 103 18.22 20.80 14.40
CA PRO D 103 17.33 21.68 15.15
C PRO D 103 16.61 22.72 14.26
N ALA D 104 17.22 23.12 13.15
CA ALA D 104 16.66 24.15 12.29
C ALA D 104 15.93 23.65 11.02
N VAL D 105 15.95 22.33 10.79
CA VAL D 105 15.33 21.71 9.61
C VAL D 105 14.64 20.42 10.05
N ARG D 106 13.31 20.42 10.01
CA ARG D 106 12.52 19.32 10.57
C ARG D 106 11.15 19.32 9.87
N PRO D 107 10.73 18.15 9.31
CA PRO D 107 9.39 18.15 8.70
C PRO D 107 8.30 18.40 9.72
N LEU D 108 7.18 18.94 9.26
CA LEU D 108 6.01 19.20 10.10
C LEU D 108 4.98 18.14 9.74
N PRO D 109 4.45 17.41 10.74
CA PRO D 109 3.33 16.55 10.43
C PRO D 109 2.07 17.31 10.15
N TRP D 110 1.23 16.70 9.34
CA TRP D 110 0.07 17.35 8.81
C TRP D 110 -1.17 16.54 9.17
N GLN D 111 -2.29 17.24 9.13
CA GLN D 111 -3.55 16.73 9.60
C GLN D 111 -4.11 15.79 8.54
N ARG D 112 -4.41 14.56 8.93
CA ARG D 112 -5.03 13.61 8.00
C ARG D 112 -6.46 13.23 8.33
N VAL D 113 -6.98 13.72 9.44
CA VAL D 113 -8.36 13.52 9.84
C VAL D 113 -9.13 14.66 9.21
N ASP D 114 -10.02 14.32 8.28
CA ASP D 114 -10.71 15.32 7.48
C ASP D 114 -11.86 15.92 8.26
N ARG D 115 -11.53 16.81 9.18
CA ARG D 115 -12.52 17.56 9.94
C ARG D 115 -12.04 18.97 10.14
N ASP D 116 -12.95 19.94 10.07
CA ASP D 116 -12.57 21.32 10.20
C ASP D 116 -11.88 21.64 11.50
N VAL D 117 -10.99 22.61 11.41
CA VAL D 117 -10.44 23.26 12.57
C VAL D 117 -11.58 24.11 13.15
N ALA D 118 -11.80 24.00 14.46
CA ALA D 118 -12.85 24.76 15.13
C ALA D 118 -12.66 26.26 14.91
N PRO D 119 -13.70 26.97 14.45
CA PRO D 119 -13.65 28.43 14.34
C PRO D 119 -13.23 29.09 15.63
N GLY D 120 -12.46 30.17 15.51
CA GLY D 120 -11.84 30.81 16.64
C GLY D 120 -10.50 30.25 17.08
N THR D 121 -10.15 29.01 16.69
CA THR D 121 -8.81 28.44 17.02
C THR D 121 -7.70 29.37 16.48
N LEU D 122 -6.66 29.57 17.27
CA LEU D 122 -5.52 30.36 16.82
C LEU D 122 -4.48 29.51 16.10
N CYS D 123 -4.20 29.87 14.85
CA CYS D 123 -3.16 29.22 14.04
C CYS D 123 -2.06 30.18 13.61
N ASP D 124 -0.86 29.65 13.47
CA ASP D 124 0.35 30.38 13.17
C ASP D 124 0.58 30.33 11.67
N VAL D 125 0.79 31.51 11.07
N VAL D 125 0.79 31.51 11.07
CA VAL D 125 1.14 31.64 9.67
CA VAL D 125 1.14 31.64 9.67
C VAL D 125 2.46 32.40 9.63
C VAL D 125 2.46 32.40 9.63
N ALA D 126 3.39 31.91 8.81
CA ALA D 126 4.70 32.51 8.71
C ALA D 126 5.09 32.62 7.24
N GLY D 127 5.99 33.56 6.96
CA GLY D 127 6.50 33.73 5.63
C GLY D 127 7.43 34.92 5.50
N TRP D 128 8.09 34.99 4.34
CA TRP D 128 8.89 36.13 3.94
C TRP D 128 8.11 36.98 2.93
N GLY D 129 6.78 36.96 2.96
CA GLY D 129 5.99 37.81 2.09
C GLY D 129 6.06 39.25 2.55
N ILE D 130 5.40 40.15 1.80
CA ILE D 130 5.51 41.60 2.07
C ILE D 130 4.89 42.01 3.43
N VAL D 131 5.53 42.97 4.09
CA VAL D 131 5.17 43.37 5.47
C VAL D 131 4.37 44.66 5.59
N ASN D 132 4.22 45.38 4.48
CA ASN D 132 3.34 46.56 4.44
C ASN D 132 2.75 46.73 3.03
N HIS D 133 1.79 47.64 2.91
CA HIS D 133 1.09 47.84 1.64
C HIS D 133 1.99 48.48 0.57
N ALA D 134 3.11 49.10 0.99
CA ALA D 134 4.16 49.55 0.07
C ALA D 134 4.98 48.44 -0.58
N GLY D 135 4.78 47.17 -0.19
CA GLY D 135 5.50 46.02 -0.80
C GLY D 135 6.89 45.76 -0.27
N ARG D 136 7.19 46.33 0.90
CA ARG D 136 8.47 46.10 1.54
C ARG D 136 8.62 44.60 1.82
N ARG D 137 9.74 44.02 1.37
CA ARG D 137 10.03 42.61 1.54
C ARG D 137 11.01 42.43 2.70
N PRO D 138 10.64 41.62 3.72
CA PRO D 138 11.54 41.47 4.86
C PRO D 138 12.74 40.61 4.54
N ASP D 139 13.86 40.89 5.21
CA ASP D 139 15.01 40.00 5.18
C ASP D 139 14.76 38.73 5.98
N SER D 140 14.04 38.85 7.09
CA SER D 140 13.91 37.74 8.02
C SER D 140 12.45 37.25 8.10
N LEU D 141 12.28 36.00 8.54
CA LEU D 141 10.98 35.35 8.59
C LEU D 141 10.05 36.08 9.55
N GLN D 142 8.83 36.31 9.09
CA GLN D 142 7.77 36.91 9.90
C GLN D 142 6.70 35.87 10.22
N HIS D 143 5.96 36.13 11.28
CA HIS D 143 4.81 35.31 11.60
C HIS D 143 3.72 36.09 12.28
N VAL D 144 2.57 35.48 12.35
CA VAL D 144 1.43 36.05 13.05
C VAL D 144 0.49 34.93 13.42
N LEU D 145 -0.19 35.07 14.57
CA LEU D 145 -1.26 34.16 14.98
C LEU D 145 -2.58 34.71 14.50
N LEU D 146 -3.40 33.88 13.86
CA LEU D 146 -4.68 34.31 13.29
C LEU D 146 -5.77 33.32 13.69
N PRO D 147 -6.96 33.84 14.08
CA PRO D 147 -8.06 32.95 14.39
C PRO D 147 -8.77 32.45 13.14
N VAL D 148 -9.15 31.17 13.17
CA VAL D 148 -9.91 30.56 12.09
C VAL D 148 -11.30 31.16 12.07
N LEU D 149 -11.82 31.39 10.89
CA LEU D 149 -13.11 32.03 10.66
C LEU D 149 -13.97 30.91 10.15
N ASP D 150 -15.18 30.74 10.68
CA ASP D 150 -16.04 29.67 10.19
C ASP D 150 -16.41 29.89 8.71
N ARG D 151 -16.57 28.78 8.00
CA ARG D 151 -16.81 28.78 6.57
C ARG D 151 -18.08 29.52 6.17
N ALA D 152 -19.11 29.47 7.01
CA ALA D 152 -20.39 30.12 6.72
C ALA D 152 -20.20 31.64 6.62
N THR D 153 -19.66 32.24 7.68
CA THR D 153 -19.30 33.66 7.69
C THR D 153 -18.39 34.01 6.49
N CYS D 154 -17.37 33.18 6.28
CA CYS D 154 -16.42 33.40 5.20
C CYS D 154 -17.14 33.39 3.84
N ASN D 155 -18.14 32.53 3.70
CA ASN D 155 -18.97 32.52 2.49
C ASN D 155 -20.03 33.62 2.53
N THR D 165 -15.29 26.38 -0.43
CA THR D 165 -15.67 24.97 -0.40
C THR D 165 -15.27 24.25 0.91
N GLU D 166 -15.68 22.99 1.06
CA GLU D 166 -15.28 22.16 2.22
C GLU D 166 -13.79 21.75 2.19
N ARG D 167 -13.11 22.01 1.06
CA ARG D 167 -11.69 21.76 0.88
C ARG D 167 -10.83 23.01 1.25
N LEU D 168 -11.48 24.09 1.66
CA LEU D 168 -10.84 25.36 1.97
C LEU D 168 -11.27 25.81 3.36
N MET D 169 -10.53 26.74 3.94
CA MET D 169 -10.87 27.31 5.24
C MET D 169 -10.44 28.75 5.21
N CYS D 170 -10.89 29.54 6.17
CA CYS D 170 -10.51 30.94 6.23
C CYS D 170 -9.96 31.31 7.56
N ALA D 171 -9.11 32.32 7.57
CA ALA D 171 -8.67 32.97 8.78
C ALA D 171 -8.95 34.46 8.68
N GLU D 172 -9.18 35.07 9.83
CA GLU D 172 -9.40 36.50 9.92
C GLU D 172 -8.21 37.26 9.37
N SER D 173 -8.53 38.37 8.70
CA SER D 173 -7.56 39.22 8.06
C SER D 173 -7.65 40.67 8.51
N ASN D 174 -8.07 40.88 9.75
CA ASN D 174 -8.27 42.22 10.33
C ASN D 174 -6.90 42.82 10.72
N ARG D 175 -6.29 43.51 9.76
CA ARG D 175 -4.94 44.11 9.86
C ARG D 175 -3.78 43.08 9.90
N ARG D 176 -3.88 42.07 10.77
CA ARG D 176 -3.03 40.89 10.72
C ARG D 176 -3.45 39.99 9.56
N ASP D 177 -2.53 39.69 8.64
CA ASP D 177 -2.89 38.85 7.48
C ASP D 177 -1.67 38.30 6.75
N SER D 178 -1.89 37.24 5.97
CA SER D 178 -0.94 36.77 4.97
C SER D 178 -1.03 37.71 3.75
N CYS D 179 0.03 37.78 2.97
CA CYS D 179 0.08 38.66 1.79
C CYS D 179 1.08 38.15 0.76
N LYS D 180 1.27 38.90 -0.30
CA LYS D 180 2.14 38.53 -1.43
C LYS D 180 3.49 38.00 -0.99
N GLY D 181 3.85 36.83 -1.52
CA GLY D 181 5.06 36.11 -1.12
C GLY D 181 4.84 35.10 0.01
N ASP D 182 3.70 35.14 0.69
CA ASP D 182 3.35 34.16 1.74
C ASP D 182 2.58 32.96 1.20
N SER D 183 2.08 33.09 -0.04
CA SER D 183 1.45 31.96 -0.71
C SER D 183 2.29 30.72 -0.68
N GLY D 184 1.65 29.60 -0.39
CA GLY D 184 2.27 28.28 -0.32
C GLY D 184 2.79 27.95 1.08
N GLY D 185 2.77 28.95 1.96
CA GLY D 185 3.27 28.80 3.30
C GLY D 185 2.26 28.14 4.20
N PRO D 186 2.70 27.74 5.40
CA PRO D 186 1.92 26.91 6.31
C PRO D 186 0.99 27.69 7.23
N LEU D 187 -0.23 27.18 7.43
CA LEU D 187 -1.09 27.54 8.53
C LEU D 187 -1.04 26.38 9.51
N VAL D 188 -0.47 26.60 10.68
CA VAL D 188 -0.17 25.55 11.67
C VAL D 188 -1.00 25.78 12.92
N CYS D 189 -1.80 24.80 13.31
CA CYS D 189 -2.70 24.93 14.48
C CYS D 189 -2.28 23.85 15.50
N GLY D 190 -1.80 24.29 16.66
CA GLY D 190 -1.30 23.42 17.70
C GLY D 190 -0.16 22.52 17.27
N GLY D 191 0.76 23.07 16.49
CA GLY D 191 1.91 22.28 15.96
C GLY D 191 1.62 21.31 14.82
N VAL D 192 0.40 21.34 14.27
CA VAL D 192 0.03 20.46 13.16
C VAL D 192 -0.30 21.29 11.94
N LEU D 193 0.25 20.93 10.78
CA LEU D 193 -0.10 21.62 9.54
C LEU D 193 -1.57 21.39 9.23
N GLU D 194 -2.32 22.46 9.10
CA GLU D 194 -3.74 22.38 8.76
C GLU D 194 -4.03 22.99 7.42
N GLY D 195 -3.28 24.01 7.05
CA GLY D 195 -3.56 24.67 5.77
C GLY D 195 -2.36 25.20 5.04
N VAL D 196 -2.60 25.56 3.79
CA VAL D 196 -1.60 26.16 2.97
C VAL D 196 -2.17 27.44 2.42
N VAL D 197 -1.40 28.53 2.50
CA VAL D 197 -1.84 29.84 1.99
C VAL D 197 -2.02 29.74 0.47
N THR D 198 -3.16 30.15 -0.08
CA THR D 198 -3.38 30.21 -1.55
C THR D 198 -3.21 31.67 -2.00
N ARG D 202 -5.13 38.45 -4.35
CA ARG D 202 -6.11 38.83 -3.34
C ARG D 202 -5.58 39.98 -2.46
N VAL D 203 -6.53 40.56 -1.73
CA VAL D 203 -6.32 41.71 -0.86
C VAL D 203 -5.63 41.29 0.42
N CYS D 204 -4.95 42.22 1.08
CA CYS D 204 -4.28 41.96 2.36
C CYS D 204 -4.67 42.97 3.44
N GLY D 205 -4.89 42.48 4.65
CA GLY D 205 -5.16 43.34 5.80
C GLY D 205 -6.62 43.80 5.89
N ASN D 206 -7.49 43.30 5.00
CA ASN D 206 -8.88 43.72 4.89
C ASN D 206 -9.82 42.65 5.47
N ARG D 207 -10.33 42.93 6.67
CA ARG D 207 -11.27 42.03 7.38
C ARG D 207 -12.44 41.52 6.54
N LYS D 208 -12.90 42.32 5.59
CA LYS D 208 -14.00 41.92 4.69
C LYS D 208 -13.62 40.78 3.73
N LYS D 209 -12.30 40.62 3.44
CA LYS D 209 -11.77 39.50 2.63
C LYS D 209 -10.75 38.63 3.42
N PRO D 210 -11.25 37.65 4.20
CA PRO D 210 -10.44 36.70 4.95
C PRO D 210 -9.36 36.00 4.11
N GLY D 211 -8.22 35.69 4.71
CA GLY D 211 -7.23 34.85 4.03
C GLY D 211 -7.89 33.50 3.75
N ILE D 212 -7.65 32.97 2.59
CA ILE D 212 -8.13 31.65 2.19
C ILE D 212 -6.96 30.65 2.20
N TYR D 213 -7.21 29.48 2.77
CA TYR D 213 -6.16 28.48 2.98
C TYR D 213 -6.69 27.12 2.51
N THR D 214 -5.84 26.34 1.82
CA THR D 214 -6.26 25.01 1.41
C THR D 214 -6.10 24.05 2.58
N ARG D 215 -7.14 23.24 2.84
CA ARG D 215 -7.14 22.30 3.93
C ARG D 215 -6.40 21.04 3.56
N VAL D 216 -5.25 20.79 4.19
CA VAL D 216 -4.42 19.64 3.81
C VAL D 216 -5.08 18.31 4.07
N ALA D 217 -5.91 18.24 5.09
CA ALA D 217 -6.66 17.04 5.41
C ALA D 217 -7.57 16.59 4.26
N SER D 218 -8.16 17.54 3.53
CA SER D 218 -8.95 17.18 2.33
C SER D 218 -8.10 16.49 1.27
N TYR D 219 -6.78 16.66 1.29
CA TYR D 219 -5.92 16.09 0.26
C TYR D 219 -4.98 15.01 0.78
N ALA D 220 -5.35 14.41 1.91
CA ALA D 220 -4.50 13.46 2.60
C ALA D 220 -4.06 12.29 1.74
N ALA D 221 -5.03 11.74 1.04
CA ALA D 221 -4.80 10.56 0.19
C ALA D 221 -3.86 10.89 -0.96
N TRP D 222 -4.06 12.06 -1.60
CA TRP D 222 -3.14 12.49 -2.64
C TRP D 222 -1.73 12.74 -2.13
N ILE D 223 -1.60 13.43 -0.99
CA ILE D 223 -0.26 13.69 -0.44
C ILE D 223 0.47 12.39 -0.11
N ASP D 224 -0.21 11.45 0.58
CA ASP D 224 0.41 10.12 0.85
C ASP D 224 0.87 9.43 -0.40
N SER D 225 -0.01 9.40 -1.39
CA SER D 225 0.26 8.70 -2.63
C SER D 225 1.51 9.23 -3.33
N VAL D 226 1.69 10.55 -3.34
CA VAL D 226 2.86 11.17 -3.99
C VAL D 226 4.15 10.91 -3.19
N LEU D 227 4.10 11.11 -1.88
CA LEU D 227 5.24 10.78 -1.01
C LEU D 227 5.63 9.31 -1.07
N ALA D 228 4.65 8.42 -1.15
CA ALA D 228 4.91 6.97 -1.24
C ALA D 228 5.59 6.53 -2.54
N SER D 229 5.57 7.35 -3.60
CA SER D 229 6.43 7.16 -4.77
C SER D 229 7.82 7.76 -4.47
N ALA D 230 8.65 6.97 -3.77
CA ALA D 230 9.99 7.39 -3.33
C ALA D 230 11.04 6.52 -4.03
N ILE E 1 17.59 -14.17 11.30
CA ILE E 1 18.79 -13.32 11.49
C ILE E 1 18.92 -12.86 12.98
N LEU E 2 20.03 -13.19 13.63
CA LEU E 2 20.32 -12.73 15.00
C LEU E 2 21.17 -11.50 14.90
N GLY E 3 20.87 -10.50 15.74
CA GLY E 3 21.69 -9.29 15.85
C GLY E 3 21.57 -8.31 14.69
N GLY E 4 20.50 -8.44 13.90
CA GLY E 4 20.25 -7.56 12.77
C GLY E 4 19.16 -6.54 13.03
N ARG E 5 18.77 -5.85 11.95
CA ARG E 5 17.71 -4.84 11.95
C ARG E 5 16.64 -5.25 10.93
N GLU E 6 15.45 -4.67 11.08
CA GLU E 6 14.44 -4.74 10.04
C GLU E 6 14.99 -4.04 8.81
N ALA E 7 14.91 -4.71 7.66
CA ALA E 7 15.41 -4.15 6.42
C ALA E 7 14.45 -3.08 5.93
N GLU E 8 14.96 -2.20 5.08
CA GLU E 8 14.12 -1.23 4.38
C GLU E 8 13.21 -2.08 3.46
N ALA E 9 11.91 -1.86 3.55
CA ALA E 9 10.97 -2.57 2.72
C ALA E 9 11.40 -2.51 1.26
N HIS E 10 11.51 -3.70 0.65
CA HIS E 10 11.75 -3.83 -0.79
C HIS E 10 13.07 -3.30 -1.31
N ALA E 11 14.02 -3.03 -0.41
CA ALA E 11 15.35 -2.61 -0.84
C ALA E 11 16.21 -3.78 -1.31
N ARG E 12 15.74 -5.01 -1.13
CA ARG E 12 16.42 -6.23 -1.64
C ARG E 12 15.39 -6.96 -2.49
N PRO E 13 15.16 -6.43 -3.70
CA PRO E 13 14.15 -6.96 -4.57
C PRO E 13 14.33 -8.39 -5.07
N TYR E 14 15.52 -8.93 -4.87
CA TYR E 14 15.87 -10.33 -5.20
C TYR E 14 15.42 -11.38 -4.15
N MET E 15 14.98 -10.90 -3.00
CA MET E 15 14.79 -11.73 -1.83
C MET E 15 13.51 -12.51 -1.99
N ALA E 16 13.56 -13.80 -1.69
CA ALA E 16 12.43 -14.70 -1.83
C ALA E 16 12.21 -15.48 -0.56
N SER E 17 10.95 -15.69 -0.19
CA SER E 17 10.58 -16.66 0.87
C SER E 17 10.10 -17.92 0.18
N VAL E 18 10.79 -19.03 0.47
CA VAL E 18 10.39 -20.32 -0.03
C VAL E 18 9.41 -20.86 1.00
N GLN E 19 8.19 -21.15 0.55
CA GLN E 19 7.08 -21.47 1.45
C GLN E 19 6.55 -22.89 1.28
N LEU E 20 6.15 -23.48 2.41
CA LEU E 20 5.62 -24.83 2.47
C LEU E 20 4.23 -24.76 3.10
N ASN E 21 3.22 -25.06 2.29
CA ASN E 21 1.83 -25.02 2.71
C ASN E 21 1.45 -23.67 3.31
N GLY E 22 1.79 -22.59 2.60
CA GLY E 22 1.45 -21.22 3.02
C GLY E 22 2.26 -20.58 4.14
N ALA E 23 3.30 -21.24 4.62
CA ALA E 23 4.14 -20.72 5.69
C ALA E 23 5.61 -20.59 5.22
N HIS E 24 6.34 -19.63 5.75
CA HIS E 24 7.77 -19.45 5.43
C HIS E 24 8.55 -20.64 5.93
N LEU E 25 9.39 -21.20 5.06
CA LEU E 25 10.29 -22.31 5.42
C LEU E 25 11.77 -21.94 5.29
N CYS E 26 12.13 -21.27 4.19
CA CYS E 26 13.52 -21.00 3.84
C CYS E 26 13.63 -19.73 3.06
N GLY E 27 14.83 -19.14 3.05
CA GLY E 27 15.11 -18.03 2.17
C GLY E 27 15.44 -18.52 0.81
N GLY E 28 15.42 -17.62 -0.16
CA GLY E 28 15.90 -17.91 -1.49
C GLY E 28 16.25 -16.62 -2.18
N VAL E 29 16.85 -16.75 -3.36
CA VAL E 29 17.27 -15.61 -4.15
C VAL E 29 16.79 -15.74 -5.60
N LEU E 30 16.10 -14.71 -6.10
CA LEU E 30 15.74 -14.67 -7.51
C LEU E 30 16.98 -14.42 -8.36
N VAL E 31 17.34 -15.38 -9.21
CA VAL E 31 18.60 -15.30 -10.01
C VAL E 31 18.37 -15.18 -11.53
N ALA E 32 17.15 -15.45 -11.95
CA ALA E 32 16.69 -15.11 -13.29
C ALA E 32 15.20 -14.91 -13.15
N GLU E 33 14.59 -14.45 -14.25
CA GLU E 33 13.16 -14.14 -14.22
C GLU E 33 12.33 -15.31 -13.74
N GLN E 34 12.69 -16.53 -14.11
CA GLN E 34 11.92 -17.72 -13.73
C GLN E 34 12.62 -18.70 -12.76
N TRP E 35 13.71 -18.27 -12.11
CA TRP E 35 14.49 -19.22 -11.28
C TRP E 35 14.90 -18.62 -9.94
N VAL E 36 14.67 -19.39 -8.88
CA VAL E 36 15.06 -19.05 -7.53
C VAL E 36 16.05 -20.09 -6.98
N LEU E 37 17.16 -19.59 -6.42
CA LEU E 37 18.19 -20.42 -5.82
C LEU E 37 17.95 -20.46 -4.31
N SER E 38 18.02 -21.64 -3.72
CA SER E 38 17.90 -21.85 -2.30
C SER E 38 18.79 -23.00 -1.85
N ALA E 39 18.52 -23.56 -0.68
CA ALA E 39 19.31 -24.67 -0.12
C ALA E 39 18.60 -26.01 -0.27
N ALA E 40 19.31 -27.05 -0.69
CA ALA E 40 18.73 -28.40 -0.83
C ALA E 40 18.11 -28.91 0.45
N HIS E 41 18.73 -28.63 1.60
CA HIS E 41 18.18 -29.08 2.88
C HIS E 41 16.73 -28.64 3.12
N CYS E 42 16.35 -27.52 2.51
CA CYS E 42 14.98 -26.98 2.62
C CYS E 42 13.90 -27.93 2.13
N LEU E 43 14.21 -28.72 1.11
CA LEU E 43 13.25 -29.57 0.43
C LEU E 43 13.26 -31.02 1.01
N GLU E 44 13.59 -31.26 2.28
CA GLU E 44 13.65 -32.66 2.74
C GLU E 44 12.30 -33.26 3.23
N GLY E 49 5.82 -31.56 0.73
CA GLY E 49 4.46 -30.99 0.67
C GLY E 49 4.25 -30.06 -0.52
N LYS E 50 3.47 -28.98 -0.32
CA LYS E 50 3.21 -28.00 -1.40
C LYS E 50 4.12 -26.72 -1.36
N VAL E 51 5.00 -26.59 -2.36
CA VAL E 51 6.08 -25.61 -2.35
C VAL E 51 5.75 -24.41 -3.24
N GLN E 52 5.79 -23.20 -2.67
CA GLN E 52 5.65 -21.98 -3.46
C GLN E 52 6.74 -20.96 -3.12
N VAL E 53 6.81 -19.88 -3.90
CA VAL E 53 7.82 -18.86 -3.70
C VAL E 53 7.13 -17.51 -3.69
N LEU E 54 7.41 -16.75 -2.63
CA LEU E 54 6.84 -15.44 -2.46
C LEU E 54 7.88 -14.40 -2.81
N LEU E 55 7.64 -13.63 -3.87
CA LEU E 55 8.51 -12.51 -4.27
C LEU E 55 7.91 -11.15 -3.92
N GLY E 56 8.75 -10.12 -3.90
CA GLY E 56 8.31 -8.75 -3.62
C GLY E 56 7.77 -8.49 -2.20
N ALA E 57 8.16 -9.33 -1.24
CA ALA E 57 7.65 -9.23 0.11
C ALA E 57 8.58 -8.48 1.06
N HIS E 58 7.97 -7.82 2.03
CA HIS E 58 8.67 -7.38 3.21
C HIS E 58 8.07 -8.09 4.40
N SER E 59 6.78 -7.87 4.63
CA SER E 59 6.02 -8.57 5.66
C SER E 59 5.49 -9.85 5.07
N LEU E 60 5.57 -10.94 5.84
CA LEU E 60 4.91 -12.20 5.47
C LEU E 60 3.37 -12.15 5.54
N SER E 61 2.83 -11.35 6.47
CA SER E 61 1.39 -11.35 6.77
C SER E 61 0.58 -10.17 6.19
N GLN E 62 1.19 -9.02 5.96
CA GLN E 62 0.45 -7.81 5.61
C GLN E 62 0.42 -7.56 4.09
N PRO E 63 -0.72 -7.04 3.58
CA PRO E 63 -0.86 -6.79 2.15
C PRO E 63 0.15 -5.78 1.63
N GLU E 64 0.81 -6.11 0.52
CA GLU E 64 1.73 -5.20 -0.12
C GLU E 64 1.48 -5.28 -1.62
N PRO E 65 1.47 -4.14 -2.31
CA PRO E 65 1.19 -4.14 -3.76
C PRO E 65 2.13 -5.02 -4.60
N SER E 66 3.38 -5.17 -4.16
CA SER E 66 4.37 -5.95 -4.90
C SER E 66 4.39 -7.44 -4.53
N LYS E 67 3.79 -7.84 -3.43
CA LYS E 67 3.77 -9.26 -3.06
C LYS E 67 3.10 -10.09 -4.13
N ARG E 68 3.81 -11.09 -4.63
CA ARG E 68 3.20 -12.08 -5.51
C ARG E 68 3.70 -13.47 -5.14
N LEU E 69 2.79 -14.42 -5.11
CA LEU E 69 3.12 -15.80 -4.77
C LEU E 69 3.20 -16.57 -6.08
N TYR E 70 4.19 -17.47 -6.20
CA TYR E 70 4.42 -18.23 -7.44
C TYR E 70 4.49 -19.71 -7.12
N ASP E 71 3.89 -20.51 -7.99
CA ASP E 71 4.00 -21.96 -7.89
C ASP E 71 5.33 -22.38 -8.50
N VAL E 72 5.80 -23.55 -8.07
CA VAL E 72 7.06 -24.10 -8.52
C VAL E 72 6.80 -25.25 -9.48
N LEU E 73 7.24 -25.09 -10.72
CA LEU E 73 7.17 -26.12 -11.77
C LEU E 73 8.14 -27.26 -11.49
N ARG E 74 9.38 -26.92 -11.12
CA ARG E 74 10.42 -27.91 -10.84
C ARG E 74 11.36 -27.52 -9.69
N ALA E 75 11.74 -28.50 -8.88
CA ALA E 75 12.71 -28.35 -7.82
C ALA E 75 13.93 -29.20 -8.15
N VAL E 76 15.10 -28.58 -8.33
CA VAL E 76 16.32 -29.26 -8.80
C VAL E 76 17.46 -29.16 -7.78
N PRO E 77 17.58 -30.15 -6.88
CA PRO E 77 18.74 -30.13 -5.97
C PRO E 77 20.02 -30.47 -6.71
N HIS E 78 21.15 -30.09 -6.16
CA HIS E 78 22.41 -30.48 -6.76
C HIS E 78 22.54 -32.01 -6.72
N PRO E 79 22.99 -32.65 -7.83
CA PRO E 79 23.16 -34.12 -7.89
C PRO E 79 23.90 -34.74 -6.70
N ASP E 80 24.94 -34.07 -6.23
CA ASP E 80 25.76 -34.54 -5.12
C ASP E 80 25.26 -34.11 -3.75
N SER E 81 24.12 -33.39 -3.67
CA SER E 81 23.58 -33.02 -2.38
CA SER E 81 23.57 -33.01 -2.37
C SER E 81 23.08 -34.25 -1.62
N GLN E 82 23.23 -34.21 -0.30
CA GLN E 82 22.77 -35.32 0.55
C GLN E 82 22.31 -34.78 1.90
N PRO E 83 21.28 -35.44 2.52
CA PRO E 83 20.71 -34.98 3.81
C PRO E 83 21.69 -34.89 4.97
N ASP E 84 22.67 -35.78 4.97
CA ASP E 84 23.71 -35.82 6.03
C ASP E 84 24.71 -34.64 5.96
N THR E 85 25.22 -34.35 4.78
CA THR E 85 26.37 -33.46 4.60
C THR E 85 25.99 -31.97 4.45
N ILE E 86 27.02 -31.13 4.56
CA ILE E 86 26.91 -29.69 4.27
C ILE E 86 27.37 -29.31 2.83
N ASP E 87 27.85 -30.28 2.06
CA ASP E 87 28.44 -30.00 0.76
C ASP E 87 27.36 -30.05 -0.32
N HIS E 88 27.50 -29.18 -1.32
CA HIS E 88 26.62 -29.16 -2.48
C HIS E 88 25.17 -28.81 -2.17
N ASP E 89 24.97 -28.01 -1.12
CA ASP E 89 23.62 -27.77 -0.56
C ASP E 89 22.88 -26.64 -1.32
N LEU E 90 22.74 -26.80 -2.64
CA LEU E 90 22.02 -25.81 -3.48
C LEU E 90 20.81 -26.45 -4.11
N LEU E 91 19.83 -25.63 -4.41
CA LEU E 91 18.56 -26.04 -4.94
C LEU E 91 18.08 -24.97 -5.90
N LEU E 92 17.66 -25.37 -7.09
CA LEU E 92 17.09 -24.42 -8.03
C LEU E 92 15.61 -24.68 -8.24
N LEU E 93 14.82 -23.64 -8.05
CA LEU E 93 13.37 -23.70 -8.15
C LEU E 93 12.92 -22.92 -9.36
N GLN E 94 12.24 -23.59 -10.27
CA GLN E 94 11.68 -22.93 -11.45
C GLN E 94 10.28 -22.49 -11.14
N LEU E 95 10.02 -21.22 -11.33
CA LEU E 95 8.71 -20.66 -11.09
C LEU E 95 7.75 -21.01 -12.23
N SER E 96 6.45 -20.93 -11.93
CA SER E 96 5.36 -21.16 -12.92
C SER E 96 5.36 -20.21 -14.09
N GLU E 97 5.92 -19.04 -13.93
CA GLU E 97 6.09 -18.11 -15.04
C GLU E 97 7.17 -17.12 -14.68
N LYS E 98 7.66 -16.42 -15.69
CA LYS E 98 8.55 -15.29 -15.51
C LYS E 98 7.95 -14.31 -14.52
N ALA E 99 8.77 -13.87 -13.58
CA ALA E 99 8.33 -12.98 -12.51
C ALA E 99 8.13 -11.56 -13.04
N THR E 100 7.15 -10.85 -12.50
CA THR E 100 6.93 -9.47 -12.89
C THR E 100 7.97 -8.59 -12.24
N LEU E 101 8.81 -7.96 -13.04
CA LEU E 101 9.85 -7.10 -12.52
C LEU E 101 9.35 -5.71 -12.25
N GLY E 102 9.93 -5.08 -11.23
CA GLY E 102 9.57 -3.75 -10.79
C GLY E 102 10.60 -3.27 -9.75
N PRO E 103 10.31 -2.16 -9.09
CA PRO E 103 11.21 -1.71 -8.03
C PRO E 103 11.37 -2.72 -6.89
N ALA E 104 10.36 -3.54 -6.63
CA ALA E 104 10.41 -4.49 -5.51
C ALA E 104 10.75 -5.95 -5.89
N VAL E 105 10.88 -6.23 -7.19
CA VAL E 105 11.17 -7.58 -7.70
C VAL E 105 12.18 -7.49 -8.85
N ARG E 106 13.40 -7.98 -8.62
CA ARG E 106 14.49 -7.87 -9.56
C ARG E 106 15.50 -9.01 -9.31
N PRO E 107 15.88 -9.77 -10.35
CA PRO E 107 16.91 -10.79 -10.10
C PRO E 107 18.23 -10.18 -9.65
N LEU E 108 19.00 -10.97 -8.94
CA LEU E 108 20.35 -10.61 -8.56
C LEU E 108 21.30 -11.39 -9.41
N PRO E 109 22.26 -10.72 -10.05
CA PRO E 109 23.30 -11.51 -10.74
C PRO E 109 24.24 -12.15 -9.74
N TRP E 110 24.83 -13.25 -10.16
CA TRP E 110 25.65 -14.05 -9.28
C TRP E 110 27.05 -14.19 -9.86
N GLN E 111 27.97 -14.49 -8.96
CA GLN E 111 29.38 -14.51 -9.26
C GLN E 111 29.69 -15.78 -10.02
N ARG E 112 30.29 -15.67 -11.19
CA ARG E 112 30.73 -16.90 -11.91
C ARG E 112 32.24 -17.11 -11.98
N VAL E 113 33.01 -16.11 -11.49
CA VAL E 113 34.44 -16.16 -11.49
C VAL E 113 34.83 -16.80 -10.17
N ASP E 114 35.45 -17.97 -10.26
CA ASP E 114 35.63 -18.82 -9.12
C ASP E 114 36.84 -18.38 -8.33
N ARG E 115 36.66 -17.29 -7.58
CA ARG E 115 37.69 -16.76 -6.70
C ARG E 115 37.02 -16.27 -5.43
N ASP E 116 37.70 -16.49 -4.32
CA ASP E 116 37.15 -16.12 -3.03
C ASP E 116 36.90 -14.64 -2.92
N VAL E 117 35.88 -14.32 -2.14
CA VAL E 117 35.65 -12.97 -1.68
C VAL E 117 36.78 -12.68 -0.68
N ALA E 118 37.39 -11.52 -0.82
CA ALA E 118 38.47 -11.09 0.07
C ALA E 118 38.00 -11.07 1.52
N PRO E 119 38.73 -11.75 2.42
CA PRO E 119 38.43 -11.71 3.84
C PRO E 119 38.33 -10.28 4.36
N GLY E 120 37.43 -10.07 5.29
CA GLY E 120 37.10 -8.73 5.78
C GLY E 120 36.04 -7.98 4.96
N THR E 121 35.77 -8.38 3.71
CA THR E 121 34.71 -7.72 2.91
C THR E 121 33.37 -7.82 3.63
N LEU E 122 32.59 -6.75 3.62
CA LEU E 122 31.27 -6.76 4.21
C LEU E 122 30.21 -7.25 3.23
N CYS E 123 29.51 -8.32 3.62
CA CYS E 123 28.43 -8.89 2.82
C CYS E 123 27.10 -8.86 3.61
N ASP E 124 26.02 -8.69 2.84
CA ASP E 124 24.69 -8.55 3.39
C ASP E 124 23.99 -9.90 3.34
N VAL E 125 23.44 -10.31 4.48
N VAL E 125 23.43 -10.31 4.46
CA VAL E 125 22.63 -11.51 4.57
CA VAL E 125 22.63 -11.51 4.56
C VAL E 125 21.27 -11.10 5.09
C VAL E 125 21.26 -11.09 5.09
N ALA E 126 20.21 -11.60 4.47
CA ALA E 126 18.86 -11.26 4.85
C ALA E 126 18.00 -12.51 4.93
N GLY E 127 16.95 -12.44 5.72
CA GLY E 127 16.01 -13.53 5.82
C GLY E 127 14.92 -13.26 6.83
N TRP E 128 13.92 -14.15 6.81
CA TRP E 128 12.86 -14.19 7.79
C TRP E 128 13.11 -15.34 8.78
N GLY E 129 14.35 -15.68 9.03
CA GLY E 129 14.67 -16.70 10.02
C GLY E 129 14.54 -16.14 11.41
N ILE E 130 14.76 -16.99 12.42
CA ILE E 130 14.52 -16.60 13.83
C ILE E 130 15.46 -15.49 14.30
N VAL E 131 14.94 -14.60 15.16
CA VAL E 131 15.66 -13.38 15.57
C VAL E 131 16.23 -13.45 16.99
N ASN E 132 15.90 -14.50 17.74
CA ASN E 132 16.53 -14.74 19.05
C ASN E 132 16.62 -16.24 19.34
N HIS E 133 17.33 -16.59 20.41
CA HIS E 133 17.53 -18.01 20.74
C HIS E 133 16.24 -18.69 21.22
N ALA E 134 15.24 -17.89 21.63
CA ALA E 134 13.90 -18.41 21.93
C ALA E 134 13.07 -18.83 20.72
N GLY E 135 13.61 -18.61 19.43
CA GLY E 135 12.91 -19.04 18.23
C GLY E 135 11.82 -18.10 17.74
N ARG E 136 11.84 -16.87 18.22
CA ARG E 136 10.88 -15.87 17.78
C ARG E 136 11.06 -15.65 16.26
N ARG E 137 9.97 -15.76 15.51
CA ARG E 137 9.97 -15.62 14.06
C ARG E 137 9.46 -14.22 13.70
N PRO E 138 10.27 -13.43 12.96
CA PRO E 138 9.80 -12.09 12.58
C PRO E 138 8.72 -12.13 11.49
N ASP E 139 7.82 -11.16 11.52
CA ASP E 139 6.88 -10.95 10.43
C ASP E 139 7.59 -10.31 9.22
N SER E 140 8.57 -9.45 9.47
CA SER E 140 9.19 -8.69 8.42
C SER E 140 10.67 -9.08 8.21
N LEU E 141 11.17 -8.79 7.02
CA LEU E 141 12.51 -9.19 6.59
C LEU E 141 13.57 -8.53 7.46
N GLN E 142 14.52 -9.33 7.91
CA GLN E 142 15.68 -8.85 8.66
C GLN E 142 16.94 -8.95 7.82
N HIS E 143 17.95 -8.17 8.18
CA HIS E 143 19.24 -8.30 7.55
C HIS E 143 20.34 -7.93 8.50
N VAL E 144 21.55 -8.28 8.09
CA VAL E 144 22.74 -7.94 8.82
C VAL E 144 23.91 -7.95 7.87
N LEU E 145 24.84 -7.03 8.09
CA LEU E 145 26.11 -6.98 7.35
C LEU E 145 27.14 -7.72 8.16
N LEU E 146 27.86 -8.63 7.50
CA LEU E 146 28.83 -9.52 8.18
C LEU E 146 30.12 -9.51 7.36
N PRO E 147 31.28 -9.44 8.06
CA PRO E 147 32.54 -9.56 7.34
C PRO E 147 32.88 -11.01 7.03
N VAL E 148 33.43 -11.21 5.84
CA VAL E 148 33.89 -12.52 5.41
C VAL E 148 35.11 -12.89 6.24
N LEU E 149 35.19 -14.15 6.61
CA LEU E 149 36.25 -14.67 7.43
C LEU E 149 37.05 -15.52 6.49
N ASP E 150 38.38 -15.36 6.48
CA ASP E 150 39.20 -16.22 5.59
C ASP E 150 39.07 -17.69 5.95
N ARG E 151 39.16 -18.53 4.93
CA ARG E 151 38.94 -19.97 5.08
C ARG E 151 39.91 -20.63 6.08
N ALA E 152 41.14 -20.14 6.13
CA ALA E 152 42.17 -20.69 7.03
C ALA E 152 41.74 -20.54 8.50
N THR E 153 41.47 -19.31 8.91
CA THR E 153 40.91 -19.03 10.24
C THR E 153 39.65 -19.85 10.50
N CYS E 154 38.74 -19.85 9.53
CA CYS E 154 37.49 -20.59 9.65
C CYS E 154 37.75 -22.08 9.88
N ASN E 155 38.77 -22.61 9.22
CA ASN E 155 39.18 -24.00 9.44
C ASN E 155 40.05 -24.12 10.70
N THR E 165 35.50 -26.52 2.99
CA THR E 165 36.08 -26.79 1.67
C THR E 165 36.27 -25.50 0.83
N GLU E 166 36.90 -25.63 -0.35
CA GLU E 166 37.02 -24.51 -1.30
C GLU E 166 35.69 -24.11 -1.97
N ARG E 167 34.66 -24.95 -1.79
CA ARG E 167 33.30 -24.72 -2.29
C ARG E 167 32.42 -23.96 -1.24
N LEU E 168 33.00 -23.65 -0.08
CA LEU E 168 32.31 -23.01 1.02
C LEU E 168 33.08 -21.77 1.46
N MET E 169 32.42 -20.88 2.19
CA MET E 169 33.06 -19.68 2.72
C MET E 169 32.41 -19.41 4.06
N CYS E 170 33.03 -18.55 4.85
CA CYS E 170 32.53 -18.23 6.15
C CYS E 170 32.41 -16.77 6.36
N ALA E 171 31.44 -16.39 7.21
CA ALA E 171 31.35 -15.06 7.74
C ALA E 171 31.36 -15.09 9.25
N GLU E 172 31.80 -14.02 9.84
CA GLU E 172 31.79 -13.86 11.30
C GLU E 172 30.41 -14.00 11.87
N SER E 173 30.34 -14.63 13.04
CA SER E 173 29.03 -14.95 13.67
C SER E 173 29.02 -14.41 15.14
N ASN E 174 29.74 -13.33 15.40
CA ASN E 174 29.88 -12.78 16.75
C ASN E 174 28.62 -11.98 17.15
N ARG E 175 27.64 -12.68 17.70
CA ARG E 175 26.27 -12.16 17.99
C ARG E 175 25.41 -11.87 16.74
N ARG E 176 25.97 -11.16 15.77
CA ARG E 176 25.36 -11.02 14.43
C ARG E 176 25.53 -12.34 13.63
N ASP E 177 24.43 -12.95 13.20
CA ASP E 177 24.52 -14.24 12.50
C ASP E 177 23.23 -14.62 11.77
N SER E 178 23.36 -15.51 10.80
CA SER E 178 22.23 -16.21 10.20
C SER E 178 21.78 -17.34 11.14
N CYS E 179 20.52 -17.75 11.00
CA CYS E 179 20.00 -18.80 11.88
C CYS E 179 18.80 -19.51 11.20
N LYS E 180 18.14 -20.39 11.94
CA LYS E 180 17.02 -21.19 11.44
C LYS E 180 15.98 -20.39 10.69
N GLY E 181 15.64 -20.85 9.48
CA GLY E 181 14.72 -20.19 8.57
C GLY E 181 15.43 -19.21 7.59
N ASP E 182 16.74 -18.94 7.82
CA ASP E 182 17.52 -18.13 6.89
C ASP E 182 18.23 -18.96 5.84
N SER E 183 18.26 -20.28 6.05
CA SER E 183 18.85 -21.19 5.08
C SER E 183 18.27 -20.98 3.71
N GLY E 184 19.19 -20.98 2.73
CA GLY E 184 18.82 -20.79 1.33
C GLY E 184 18.84 -19.36 0.88
N GLY E 185 18.99 -18.46 1.85
CA GLY E 185 18.98 -17.04 1.57
C GLY E 185 20.34 -16.58 1.07
N PRO E 186 20.38 -15.36 0.55
CA PRO E 186 21.55 -14.83 -0.14
C PRO E 186 22.58 -14.18 0.76
N LEU E 187 23.86 -14.43 0.48
CA LEU E 187 24.98 -13.62 0.99
CA LEU E 187 24.97 -13.61 0.98
C LEU E 187 25.43 -12.80 -0.21
N VAL E 188 25.25 -11.48 -0.14
CA VAL E 188 25.50 -10.57 -1.26
C VAL E 188 26.64 -9.64 -0.92
N CYS E 189 27.68 -9.64 -1.75
CA CYS E 189 28.87 -8.79 -1.52
C CYS E 189 29.02 -7.86 -2.68
N GLY E 190 28.93 -6.55 -2.41
CA GLY E 190 29.02 -5.51 -3.45
C GLY E 190 27.96 -5.64 -4.52
N GLY E 191 26.73 -5.98 -4.13
CA GLY E 191 25.62 -6.18 -5.08
C GLY E 191 25.64 -7.46 -5.93
N VAL E 192 26.55 -8.37 -5.64
CA VAL E 192 26.66 -9.63 -6.39
C VAL E 192 26.40 -10.79 -5.44
N LEU E 193 25.57 -11.76 -5.88
CA LEU E 193 25.36 -12.96 -5.07
C LEU E 193 26.66 -13.75 -5.02
N GLU E 194 27.15 -13.99 -3.81
CA GLU E 194 28.37 -14.74 -3.63
C GLU E 194 28.12 -16.05 -2.90
N GLY E 195 27.15 -16.06 -1.98
CA GLY E 195 26.87 -17.27 -1.26
C GLY E 195 25.41 -17.53 -0.94
N VAL E 196 25.15 -18.75 -0.50
CA VAL E 196 23.87 -19.17 -0.07
C VAL E 196 24.00 -19.73 1.33
N VAL E 197 23.11 -19.31 2.24
CA VAL E 197 23.14 -19.77 3.63
C VAL E 197 22.85 -21.32 3.64
N THR E 198 23.71 -22.10 4.32
CA THR E 198 23.44 -23.52 4.52
C THR E 198 22.87 -23.76 5.90
N VAL E 203 24.61 -24.00 15.22
CA VAL E 203 24.64 -22.98 16.24
C VAL E 203 24.48 -21.59 15.60
N CYS E 204 23.94 -20.66 16.37
CA CYS E 204 23.76 -19.27 15.93
C CYS E 204 24.31 -18.29 16.95
N GLY E 205 24.97 -17.23 16.47
CA GLY E 205 25.44 -16.17 17.33
C GLY E 205 26.73 -16.44 18.06
N ASN E 206 27.38 -17.56 17.75
CA ASN E 206 28.58 -18.02 18.44
C ASN E 206 29.82 -17.80 17.56
N ARG E 207 30.62 -16.77 17.92
CA ARG E 207 31.85 -16.42 17.21
C ARG E 207 32.80 -17.61 16.94
N LYS E 208 32.81 -18.60 17.84
CA LYS E 208 33.64 -19.80 17.66
C LYS E 208 33.19 -20.68 16.46
N LYS E 209 31.91 -20.57 16.05
CA LYS E 209 31.36 -21.27 14.87
C LYS E 209 30.78 -20.30 13.82
N PRO E 210 31.65 -19.75 12.95
CA PRO E 210 31.26 -18.89 11.83
C PRO E 210 30.12 -19.43 10.98
N GLY E 211 29.28 -18.55 10.46
CA GLY E 211 28.25 -18.96 9.50
C GLY E 211 28.92 -19.54 8.30
N ILE E 212 28.39 -20.63 7.80
CA ILE E 212 28.87 -21.29 6.61
C ILE E 212 27.94 -21.01 5.44
N TYR E 213 28.52 -20.67 4.30
CA TYR E 213 27.74 -20.27 3.11
C TYR E 213 28.31 -21.03 1.90
N THR E 214 27.43 -21.50 1.03
CA THR E 214 27.88 -22.19 -0.17
C THR E 214 28.26 -21.15 -1.23
N ARG E 215 29.45 -21.32 -1.83
CA ARG E 215 29.96 -20.37 -2.80
C ARG E 215 29.39 -20.63 -4.17
N VAL E 216 28.57 -19.71 -4.69
CA VAL E 216 27.86 -19.95 -5.94
C VAL E 216 28.77 -20.05 -7.13
N ALA E 217 29.89 -19.36 -7.10
CA ALA E 217 30.88 -19.45 -8.16
C ALA E 217 31.43 -20.86 -8.34
N SER E 218 31.59 -21.63 -7.27
CA SER E 218 31.97 -23.05 -7.38
C SER E 218 30.96 -23.87 -8.15
N TYR E 219 29.71 -23.42 -8.25
CA TYR E 219 28.67 -24.20 -8.92
C TYR E 219 28.15 -23.54 -10.17
N ALA E 220 28.97 -22.67 -10.76
CA ALA E 220 28.54 -21.85 -11.90
C ALA E 220 28.08 -22.70 -13.09
N ALA E 221 28.86 -23.74 -13.37
CA ALA E 221 28.57 -24.63 -14.46
C ALA E 221 27.25 -25.39 -14.28
N TRP E 222 27.02 -25.88 -13.07
CA TRP E 222 25.75 -26.55 -12.75
C TRP E 222 24.56 -25.57 -12.85
N ILE E 223 24.69 -24.36 -12.30
CA ILE E 223 23.60 -23.41 -12.38
C ILE E 223 23.25 -23.05 -13.83
N ASP E 224 24.27 -22.76 -14.64
CA ASP E 224 24.03 -22.50 -16.08
C ASP E 224 23.33 -23.64 -16.77
N SER E 225 23.83 -24.84 -16.53
N SER E 225 23.84 -24.85 -16.52
CA SER E 225 23.28 -26.03 -17.16
CA SER E 225 23.29 -26.05 -17.15
C SER E 225 21.81 -26.25 -16.87
C SER E 225 21.80 -26.26 -16.86
N VAL E 226 21.39 -26.00 -15.62
CA VAL E 226 19.97 -26.15 -15.23
C VAL E 226 19.09 -25.07 -15.85
N LEU E 227 19.53 -23.80 -15.75
CA LEU E 227 18.82 -22.70 -16.40
C LEU E 227 18.71 -22.90 -17.94
N ALA E 228 19.78 -23.39 -18.56
CA ALA E 228 19.79 -23.64 -20.00
C ALA E 228 18.83 -24.74 -20.48
N SER E 229 18.36 -25.62 -19.59
CA SER E 229 17.22 -26.50 -19.88
C SER E 229 15.91 -25.71 -19.68
N ALA E 230 15.54 -24.93 -20.70
CA ALA E 230 14.35 -24.08 -20.70
C ALA E 230 13.39 -24.57 -21.77
N ILE F 1 25.39 14.91 -20.47
CA ILE F 1 24.25 15.28 -19.56
C ILE F 1 24.32 16.81 -19.21
N LEU F 2 23.26 17.55 -19.52
CA LEU F 2 23.14 18.97 -19.13
C LEU F 2 22.37 19.05 -17.84
N GLY F 3 22.83 19.92 -16.94
CA GLY F 3 22.14 20.19 -15.69
C GLY F 3 22.21 19.11 -14.63
N GLY F 4 23.20 18.22 -14.76
CA GLY F 4 23.37 17.09 -13.85
C GLY F 4 24.51 17.31 -12.86
N ARG F 5 24.85 16.22 -12.14
CA ARG F 5 25.97 16.17 -11.23
C ARG F 5 26.90 15.05 -11.63
N GLU F 6 28.14 15.12 -11.15
CA GLU F 6 29.06 13.97 -11.20
C GLU F 6 28.43 12.85 -10.39
N ALA F 7 28.34 11.66 -10.98
CA ALA F 7 27.76 10.52 -10.30
C ALA F 7 28.74 10.00 -9.27
N GLU F 8 28.20 9.26 -8.30
CA GLU F 8 29.02 8.56 -7.33
C GLU F 8 29.75 7.48 -8.15
N ALA F 9 31.09 7.45 -8.03
CA ALA F 9 31.89 6.49 -8.75
C ALA F 9 31.31 5.08 -8.58
N HIS F 10 31.08 4.43 -9.72
CA HIS F 10 30.69 3.02 -9.77
C HIS F 10 29.37 2.66 -9.14
N ALA F 11 28.53 3.65 -8.83
CA ALA F 11 27.20 3.37 -8.29
C ALA F 11 26.21 2.95 -9.38
N ARG F 12 26.61 3.03 -10.65
CA ARG F 12 25.82 2.54 -11.79
C ARG F 12 26.67 1.52 -12.54
N PRO F 13 26.82 0.33 -11.95
CA PRO F 13 27.76 -0.65 -12.47
C PRO F 13 27.44 -1.22 -13.83
N TYR F 14 26.25 -0.96 -14.32
CA TYR F 14 25.77 -1.33 -15.67
C TYR F 14 26.23 -0.39 -16.82
N MET F 15 26.81 0.73 -16.44
CA MET F 15 27.05 1.82 -17.36
C MET F 15 28.25 1.48 -18.23
N ALA F 16 28.12 1.69 -19.53
CA ALA F 16 29.16 1.38 -20.48
C ALA F 16 29.44 2.60 -21.37
N SER F 17 30.72 2.82 -21.68
CA SER F 17 31.12 3.76 -22.73
C SER F 17 31.42 2.96 -24.00
N VAL F 18 30.70 3.25 -25.06
CA VAL F 18 30.96 2.65 -26.34
C VAL F 18 31.98 3.55 -27.02
N GLN F 19 33.13 2.97 -27.35
CA GLN F 19 34.28 3.73 -27.81
C GLN F 19 34.69 3.44 -29.26
N LEU F 20 35.15 4.50 -29.93
CA LEU F 20 35.60 4.42 -31.32
C LEU F 20 37.03 4.93 -31.36
N ASN F 21 37.97 4.04 -31.66
CA ASN F 21 39.38 4.36 -31.75
C ASN F 21 39.89 5.03 -30.47
N GLY F 22 39.60 4.42 -29.34
CA GLY F 22 40.09 4.89 -28.03
C GLY F 22 39.40 6.11 -27.41
N ALA F 23 38.34 6.61 -28.04
CA ALA F 23 37.62 7.78 -27.54
C ALA F 23 36.15 7.40 -27.28
N HIS F 24 35.53 8.05 -26.28
CA HIS F 24 34.11 7.87 -26.00
C HIS F 24 33.28 8.37 -27.17
N LEU F 25 32.34 7.54 -27.63
CA LEU F 25 31.40 7.92 -28.68
C LEU F 25 29.93 7.96 -28.21
N CYS F 26 29.53 6.93 -27.45
CA CYS F 26 28.12 6.73 -27.07
C CYS F 26 28.05 6.03 -25.73
N GLY F 27 26.89 6.18 -25.07
CA GLY F 27 26.63 5.42 -23.88
C GLY F 27 26.15 4.04 -24.28
N GLY F 28 26.15 3.14 -23.32
CA GLY F 28 25.52 1.86 -23.46
C GLY F 28 25.19 1.32 -22.11
N VAL F 29 24.45 0.20 -22.12
CA VAL F 29 24.05 -0.48 -20.91
C VAL F 29 24.40 -1.96 -20.96
N LEU F 30 25.10 -2.45 -19.95
CA LEU F 30 25.35 -3.90 -19.83
C LEU F 30 24.05 -4.59 -19.46
N VAL F 31 23.55 -5.47 -20.32
CA VAL F 31 22.24 -6.12 -20.11
C VAL F 31 22.33 -7.64 -19.91
N ALA F 32 23.47 -8.20 -20.23
CA ALA F 32 23.83 -9.55 -19.83
C ALA F 32 25.34 -9.55 -19.72
N GLU F 33 25.88 -10.66 -19.25
CA GLU F 33 27.31 -10.78 -19.03
C GLU F 33 28.11 -10.44 -20.30
N GLN F 34 27.61 -10.82 -21.47
CA GLN F 34 28.33 -10.61 -22.73
C GLN F 34 27.63 -9.64 -23.72
N TRP F 35 26.64 -8.86 -23.27
CA TRP F 35 25.86 -8.01 -24.20
C TRP F 35 25.65 -6.62 -23.67
N VAL F 36 25.91 -5.63 -24.54
CA VAL F 36 25.69 -4.24 -24.27
C VAL F 36 24.67 -3.66 -25.27
N LEU F 37 23.65 -2.97 -24.72
CA LEU F 37 22.62 -2.34 -25.52
C LEU F 37 22.98 -0.86 -25.68
N SER F 38 22.87 -0.34 -26.89
CA SER F 38 23.13 1.03 -27.20
C SER F 38 22.19 1.50 -28.31
N ALA F 39 22.52 2.60 -28.98
CA ALA F 39 21.69 3.16 -30.05
C ALA F 39 22.29 2.86 -31.43
N ALA F 40 21.45 2.46 -32.39
CA ALA F 40 21.91 2.17 -33.76
C ALA F 40 22.63 3.35 -34.40
N HIS F 41 22.14 4.57 -34.16
CA HIS F 41 22.77 5.76 -34.77
C HIS F 41 24.24 5.89 -34.42
N CYS F 42 24.64 5.33 -33.28
CA CYS F 42 26.03 5.36 -32.83
C CYS F 42 27.01 4.72 -33.79
N LEU F 43 26.58 3.68 -34.49
CA LEU F 43 27.42 2.91 -35.36
C LEU F 43 27.57 3.43 -36.80
N GLU F 44 27.30 4.70 -37.10
CA GLU F 44 27.69 5.29 -38.39
C GLU F 44 28.98 6.03 -38.19
N GLY F 49 35.30 2.16 -37.86
CA GLY F 49 36.61 2.05 -37.24
C GLY F 49 36.71 0.87 -36.26
N LYS F 50 37.57 1.00 -35.26
CA LYS F 50 37.69 0.05 -34.15
C LYS F 50 36.76 0.32 -32.92
N VAL F 51 35.76 -0.56 -32.73
CA VAL F 51 34.71 -0.36 -31.75
C VAL F 51 34.96 -1.22 -30.50
N GLN F 52 35.02 -0.59 -29.34
CA GLN F 52 35.20 -1.30 -28.07
C GLN F 52 34.22 -0.79 -27.01
N VAL F 53 34.17 -1.51 -25.88
CA VAL F 53 33.26 -1.16 -24.80
C VAL F 53 34.04 -1.13 -23.51
N LEU F 54 33.93 0.00 -22.80
CA LEU F 54 34.61 0.20 -21.54
C LEU F 54 33.61 0.01 -20.42
N LEU F 55 33.80 -1.02 -19.59
CA LEU F 55 32.98 -1.27 -18.40
C LEU F 55 33.73 -0.89 -17.10
N GLY F 56 32.98 -0.77 -16.01
CA GLY F 56 33.52 -0.45 -14.69
C GLY F 56 34.18 0.92 -14.54
N ALA F 57 33.82 1.87 -15.39
CA ALA F 57 34.49 3.17 -15.43
C ALA F 57 33.72 4.25 -14.66
N HIS F 58 34.48 5.18 -14.12
CA HIS F 58 33.95 6.46 -13.71
C HIS F 58 34.60 7.53 -14.55
N SER F 59 35.90 7.64 -14.42
CA SER F 59 36.71 8.53 -15.25
C SER F 59 37.08 7.80 -16.53
N LEU F 60 36.98 8.50 -17.66
CA LEU F 60 37.50 7.99 -18.94
C LEU F 60 39.04 7.91 -19.00
N SER F 61 39.73 8.82 -18.31
CA SER F 61 41.19 8.98 -18.43
C SER F 61 42.03 8.39 -17.28
N GLN F 62 41.49 8.30 -16.08
CA GLN F 62 42.29 7.94 -14.89
C GLN F 62 42.18 6.46 -14.55
N PRO F 63 43.30 5.87 -14.06
CA PRO F 63 43.32 4.45 -13.73
C PRO F 63 42.34 4.10 -12.61
N GLU F 64 41.55 3.05 -12.82
CA GLU F 64 40.64 2.55 -11.80
C GLU F 64 40.74 1.03 -11.80
N PRO F 65 40.77 0.41 -10.63
CA PRO F 65 40.90 -1.06 -10.57
C PRO F 65 39.82 -1.84 -11.33
N SER F 66 38.61 -1.28 -11.42
CA SER F 66 37.49 -1.95 -12.09
C SER F 66 37.39 -1.68 -13.59
N LYS F 67 38.08 -0.66 -14.09
CA LYS F 67 38.02 -0.37 -15.53
C LYS F 67 38.54 -1.53 -16.34
N ARG F 68 37.72 -2.02 -17.26
CA ARG F 68 38.18 -2.97 -18.24
C ARG F 68 37.61 -2.65 -19.62
N LEU F 69 38.45 -2.76 -20.64
CA LEU F 69 38.05 -2.48 -22.01
C LEU F 69 37.79 -3.82 -22.68
N TYR F 70 36.73 -3.90 -23.49
CA TYR F 70 36.34 -5.16 -24.15
C TYR F 70 36.19 -4.92 -25.65
N ASP F 71 36.63 -5.88 -26.44
CA ASP F 71 36.40 -5.85 -27.88
C ASP F 71 35.00 -6.33 -28.16
N VAL F 72 34.46 -5.92 -29.31
CA VAL F 72 33.15 -6.29 -29.75
C VAL F 72 33.23 -7.33 -30.85
N LEU F 73 32.69 -8.52 -30.58
CA LEU F 73 32.59 -9.60 -31.56
C LEU F 73 31.56 -9.29 -32.64
N ARG F 74 30.39 -8.82 -32.24
CA ARG F 74 29.29 -8.53 -33.16
C ARG F 74 28.48 -7.28 -32.80
N ALA F 75 28.05 -6.53 -33.82
CA ALA F 75 27.19 -5.39 -33.69
C ALA F 75 25.88 -5.70 -34.40
N VAL F 76 24.75 -5.70 -33.67
CA VAL F 76 23.43 -6.08 -34.20
C VAL F 76 22.42 -4.93 -34.10
N PRO F 77 22.29 -4.11 -35.15
CA PRO F 77 21.24 -3.09 -35.12
C PRO F 77 19.88 -3.71 -35.28
N HIS F 78 18.84 -3.01 -34.86
CA HIS F 78 17.49 -3.51 -35.08
C HIS F 78 17.22 -3.56 -36.61
N PRO F 79 16.62 -4.64 -37.11
CA PRO F 79 16.31 -4.79 -38.55
C PRO F 79 15.64 -3.58 -39.22
N ASP F 80 14.71 -2.97 -38.50
CA ASP F 80 13.97 -1.81 -39.00
C ASP F 80 14.66 -0.47 -38.73
N SER F 81 15.85 -0.46 -38.10
CA SER F 81 16.56 0.80 -37.88
CA SER F 81 16.62 0.77 -37.87
C SER F 81 17.05 1.38 -39.19
N GLN F 82 17.06 2.70 -39.28
CA GLN F 82 17.54 3.40 -40.47
C GLN F 82 18.18 4.73 -40.06
N PRO F 83 19.21 5.18 -40.82
CA PRO F 83 19.94 6.43 -40.48
C PRO F 83 19.10 7.70 -40.47
N ASP F 84 18.08 7.74 -41.28
CA ASP F 84 17.14 8.89 -41.34
C ASP F 84 16.21 9.03 -40.12
N THR F 85 15.61 7.93 -39.71
CA THR F 85 14.52 7.95 -38.72
C THR F 85 14.97 7.87 -37.26
N ILE F 86 14.05 8.16 -36.35
CA ILE F 86 14.25 7.97 -34.90
C ILE F 86 13.65 6.65 -34.37
N ASP F 87 13.01 5.86 -35.24
CA ASP F 87 12.32 4.66 -34.81
C ASP F 87 13.26 3.46 -34.83
N HIS F 88 13.09 2.56 -33.87
CA HIS F 88 13.84 1.30 -33.80
C HIS F 88 15.34 1.49 -33.61
N ASP F 89 15.73 2.56 -32.93
CA ASP F 89 17.14 2.98 -32.82
C ASP F 89 17.88 2.22 -31.69
N LEU F 90 17.89 0.88 -31.76
CA LEU F 90 18.60 0.04 -30.78
C LEU F 90 19.69 -0.74 -31.45
N LEU F 91 20.70 -1.09 -30.68
CA LEU F 91 21.87 -1.77 -31.14
C LEU F 91 22.34 -2.70 -30.04
N LEU F 92 22.61 -3.95 -30.38
CA LEU F 92 23.17 -4.88 -29.42
C LEU F 92 24.59 -5.25 -29.77
N LEU F 93 25.49 -5.07 -28.81
CA LEU F 93 26.92 -5.30 -28.98
C LEU F 93 27.31 -6.50 -28.15
N GLN F 94 27.87 -7.52 -28.80
CA GLN F 94 28.37 -8.70 -28.09
C GLN F 94 29.83 -8.48 -27.77
N LEU F 95 30.16 -8.61 -26.50
CA LEU F 95 31.54 -8.47 -26.05
C LEU F 95 32.34 -9.72 -26.39
N SER F 96 33.67 -9.55 -26.43
CA SER F 96 34.64 -10.65 -26.70
C SER F 96 34.62 -11.77 -25.66
N GLU F 97 34.17 -11.48 -24.46
CA GLU F 97 33.96 -12.50 -23.46
C GLU F 97 32.99 -11.98 -22.42
N LYS F 98 32.47 -12.90 -21.62
CA LYS F 98 31.69 -12.57 -20.46
C LYS F 98 32.45 -11.59 -19.58
N ALA F 99 31.77 -10.54 -19.14
CA ALA F 99 32.37 -9.49 -18.34
C ALA F 99 32.61 -9.96 -16.91
N THR F 100 33.69 -9.49 -16.29
CA THR F 100 33.96 -9.83 -14.92
C THR F 100 33.08 -9.03 -14.02
N LEU F 101 32.22 -9.70 -13.27
CA LEU F 101 31.30 -9.01 -12.39
C LEU F 101 31.94 -8.70 -11.05
N GLY F 102 31.52 -7.58 -10.46
CA GLY F 102 31.96 -7.16 -9.15
C GLY F 102 31.13 -5.97 -8.69
N PRO F 103 31.57 -5.25 -7.66
CA PRO F 103 30.80 -4.10 -7.19
C PRO F 103 30.62 -3.01 -8.26
N ALA F 104 31.59 -2.89 -9.18
CA ALA F 104 31.55 -1.81 -10.18
C ALA F 104 31.08 -2.25 -11.58
N VAL F 105 30.82 -3.57 -11.77
CA VAL F 105 30.39 -4.11 -13.06
C VAL F 105 29.28 -5.14 -12.81
N ARG F 106 28.05 -4.83 -13.25
CA ARG F 106 26.89 -5.66 -13.01
C ARG F 106 25.85 -5.36 -14.10
N PRO F 107 25.30 -6.41 -14.76
CA PRO F 107 24.24 -6.13 -15.73
C PRO F 107 23.02 -5.52 -15.06
N LEU F 108 22.25 -4.76 -15.84
CA LEU F 108 21.00 -4.20 -15.39
C LEU F 108 19.90 -5.01 -16.04
N PRO F 109 18.94 -5.51 -15.25
CA PRO F 109 17.80 -6.15 -15.92
C PRO F 109 16.90 -5.13 -16.56
N TRP F 110 16.20 -5.57 -17.58
CA TRP F 110 15.40 -4.67 -18.38
C TRP F 110 13.94 -5.12 -18.39
N GLN F 111 13.09 -4.17 -18.69
CA GLN F 111 11.66 -4.32 -18.58
C GLN F 111 11.18 -5.12 -19.77
N ARG F 112 10.48 -6.23 -19.53
CA ARG F 112 9.90 -6.99 -20.64
C ARG F 112 8.36 -6.94 -20.72
N VAL F 113 7.73 -6.29 -19.74
CA VAL F 113 6.31 -6.13 -19.69
C VAL F 113 6.02 -4.83 -20.41
N ASP F 114 5.32 -4.94 -21.55
CA ASP F 114 5.15 -3.83 -22.45
C ASP F 114 4.07 -2.90 -21.96
N ARG F 115 4.41 -2.11 -20.95
CA ARG F 115 3.50 -1.09 -20.44
C ARG F 115 4.30 0.15 -20.11
N ASP F 116 3.71 1.32 -20.37
CA ASP F 116 4.41 2.56 -20.12
C ASP F 116 4.78 2.72 -18.67
N VAL F 117 5.89 3.43 -18.48
CA VAL F 117 6.26 3.93 -17.19
C VAL F 117 5.25 5.05 -16.88
N ALA F 118 4.70 5.03 -15.66
CA ALA F 118 3.74 6.04 -15.24
C ALA F 118 4.34 7.44 -15.33
N PRO F 119 3.64 8.36 -16.03
CA PRO F 119 4.11 9.76 -16.10
C PRO F 119 4.35 10.35 -14.74
N GLY F 120 5.34 11.21 -14.64
CA GLY F 120 5.81 11.72 -13.36
C GLY F 120 6.83 10.85 -12.62
N THR F 121 6.95 9.56 -12.94
CA THR F 121 7.97 8.70 -12.30
C THR F 121 9.37 9.28 -12.54
N LEU F 122 10.22 9.24 -11.52
CA LEU F 122 11.59 9.71 -11.67
C LEU F 122 12.52 8.59 -12.19
N CYS F 123 13.16 8.86 -13.33
CA CYS F 123 14.12 7.94 -13.93
C CYS F 123 15.53 8.59 -14.04
N ASP F 124 16.53 7.75 -13.89
CA ASP F 124 17.92 8.16 -13.87
C ASP F 124 18.51 7.96 -15.27
N VAL F 125 19.14 9.00 -15.79
N VAL F 125 19.18 8.99 -15.75
CA VAL F 125 19.88 8.95 -17.04
CA VAL F 125 19.88 8.96 -17.00
C VAL F 125 21.32 9.35 -16.75
C VAL F 125 21.33 9.37 -16.76
N ALA F 126 22.26 8.60 -17.28
CA ALA F 126 23.67 8.85 -17.05
C ALA F 126 24.45 8.77 -18.36
N GLY F 127 25.58 9.44 -18.40
CA GLY F 127 26.45 9.39 -19.54
C GLY F 127 27.65 10.29 -19.43
N TRP F 128 28.56 10.10 -20.38
CA TRP F 128 29.72 10.96 -20.56
C TRP F 128 29.48 11.90 -21.75
N GLY F 129 28.24 12.22 -22.05
CA GLY F 129 27.95 13.18 -23.12
C GLY F 129 28.26 14.57 -22.68
N ILE F 130 28.06 15.52 -23.59
CA ILE F 130 28.48 16.93 -23.32
C ILE F 130 27.67 17.57 -22.19
N VAL F 131 28.34 18.42 -21.41
CA VAL F 131 27.76 19.02 -20.18
C VAL F 131 27.31 20.47 -20.33
N ASN F 132 27.63 21.09 -21.45
CA ASN F 132 27.10 22.43 -21.79
C ASN F 132 26.95 22.60 -23.31
N HIS F 133 26.31 23.69 -23.73
CA HIS F 133 26.06 23.90 -25.15
C HIS F 133 27.35 24.20 -25.96
N ALA F 134 28.40 24.60 -25.26
CA ALA F 134 29.75 24.72 -25.86
C ALA F 134 30.43 23.38 -26.21
N GLY F 135 29.82 22.23 -25.84
CA GLY F 135 30.35 20.90 -26.21
C GLY F 135 31.45 20.40 -25.29
N ARG F 136 31.57 20.98 -24.10
CA ARG F 136 32.52 20.50 -23.14
C ARG F 136 32.22 19.05 -22.78
N ARG F 137 33.24 18.20 -22.88
CA ARG F 137 33.11 16.76 -22.61
C ARG F 137 33.67 16.45 -21.24
N PRO F 138 32.86 15.84 -20.34
CA PRO F 138 33.37 15.53 -19.01
C PRO F 138 34.33 14.36 -19.01
N ASP F 139 35.29 14.37 -18.10
CA ASP F 139 36.14 13.20 -17.88
C ASP F 139 35.37 12.10 -17.11
N SER F 140 34.49 12.52 -16.22
CA SER F 140 33.81 11.58 -15.34
C SER F 140 32.30 11.50 -15.63
N LEU F 141 31.71 10.38 -15.22
CA LEU F 141 30.31 10.06 -15.50
C LEU F 141 29.39 11.06 -14.85
N GLN F 142 28.42 11.57 -15.61
CA GLN F 142 27.38 12.45 -15.11
C GLN F 142 26.04 11.73 -15.07
N HIS F 143 25.14 12.25 -14.25
CA HIS F 143 23.77 11.75 -14.26
C HIS F 143 22.79 12.82 -13.90
N VAL F 144 21.53 12.52 -14.14
CA VAL F 144 20.44 13.39 -13.77
C VAL F 144 19.18 12.55 -13.64
N LEU F 145 18.36 12.89 -12.66
CA LEU F 145 17.04 12.27 -12.45
C LEU F 145 16.02 13.14 -13.14
N LEU F 146 15.15 12.53 -13.96
CA LEU F 146 14.20 13.27 -14.81
C LEU F 146 12.84 12.59 -14.69
N PRO F 147 11.76 13.39 -14.59
CA PRO F 147 10.43 12.80 -14.58
C PRO F 147 9.96 12.43 -15.97
N VAL F 148 9.28 11.29 -16.05
CA VAL F 148 8.70 10.83 -17.30
C VAL F 148 7.53 11.77 -17.65
N LEU F 149 7.41 12.05 -18.94
CA LEU F 149 6.42 12.95 -19.44
C LEU F 149 5.45 12.05 -20.17
N ASP F 150 4.14 12.21 -19.94
CA ASP F 150 3.19 11.36 -20.68
C ASP F 150 3.25 11.64 -22.18
N ARG F 151 3.00 10.60 -22.96
CA ARG F 151 3.13 10.65 -24.41
C ARG F 151 2.23 11.70 -25.07
N ALA F 152 1.04 11.91 -24.50
CA ALA F 152 0.08 12.89 -25.05
C ALA F 152 0.66 14.30 -25.02
N THR F 153 1.07 14.76 -23.83
CA THR F 153 1.77 16.03 -23.67
C THR F 153 3.00 16.11 -24.59
N CYS F 154 3.80 15.04 -24.58
CA CYS F 154 5.01 15.00 -25.40
C CYS F 154 4.67 15.16 -26.88
N ASN F 155 3.55 14.58 -27.31
CA ASN F 155 3.07 14.78 -28.68
C ASN F 155 2.36 16.11 -28.84
N THR F 165 5.79 7.75 -30.94
CA THR F 165 5.04 6.49 -31.06
C THR F 165 4.90 5.75 -29.71
N GLU F 166 4.15 4.65 -29.71
CA GLU F 166 4.02 3.78 -28.52
C GLU F 166 5.31 2.99 -28.18
N ARG F 167 6.28 3.02 -29.10
CA ARG F 167 7.59 2.40 -28.92
C ARG F 167 8.64 3.38 -28.32
N LEU F 168 8.20 4.61 -28.04
CA LEU F 168 9.06 5.68 -27.55
C LEU F 168 8.41 6.26 -26.29
N MET F 169 9.21 6.98 -25.51
CA MET F 169 8.72 7.64 -24.29
C MET F 169 9.50 8.92 -24.16
N CYS F 170 9.02 9.83 -23.32
CA CYS F 170 9.69 11.10 -23.15
C CYS F 170 9.95 11.37 -21.71
N ALA F 171 11.02 12.12 -21.47
CA ALA F 171 11.28 12.70 -20.16
C ALA F 171 11.44 14.20 -20.32
N GLU F 172 11.14 14.92 -19.25
CA GLU F 172 11.31 16.36 -19.23
C GLU F 172 12.74 16.78 -19.53
N SER F 173 12.87 17.88 -20.24
CA SER F 173 14.17 18.39 -20.69
C SER F 173 14.36 19.87 -20.26
N ASN F 174 13.74 20.26 -19.15
CA ASN F 174 13.78 21.64 -18.66
C ASN F 174 15.13 21.94 -17.99
N ARG F 175 16.11 22.37 -18.80
CA ARG F 175 17.52 22.57 -18.39
C ARG F 175 18.30 21.26 -18.08
N ARG F 176 17.72 20.39 -17.26
CA ARG F 176 18.21 19.03 -17.05
C ARG F 176 17.86 18.16 -18.28
N ASP F 177 18.85 17.59 -18.94
CA ASP F 177 18.59 16.80 -20.16
C ASP F 177 19.78 15.94 -20.58
N SER F 178 19.49 14.90 -21.37
CA SER F 178 20.48 14.15 -22.10
C SER F 178 20.94 14.96 -23.33
N CYS F 179 22.13 14.69 -23.82
CA CYS F 179 22.67 15.42 -24.96
C CYS F 179 23.72 14.58 -25.70
N LYS F 180 24.38 15.18 -26.69
CA LYS F 180 25.35 14.50 -27.54
C LYS F 180 26.41 13.72 -26.76
N GLY F 181 26.58 12.47 -27.15
CA GLY F 181 27.44 11.50 -26.47
C GLY F 181 26.72 10.68 -25.39
N ASP F 182 25.49 11.05 -25.03
CA ASP F 182 24.66 10.28 -24.10
C ASP F 182 23.79 9.27 -24.81
N SER F 183 23.66 9.40 -26.14
CA SER F 183 22.93 8.47 -26.95
C SER F 183 23.38 7.05 -26.69
N GLY F 184 22.39 6.17 -26.57
CA GLY F 184 22.65 4.77 -26.30
C GLY F 184 22.70 4.40 -24.84
N GLY F 185 22.72 5.42 -24.00
CA GLY F 185 22.81 5.23 -22.58
C GLY F 185 21.42 4.91 -22.00
N PRO F 186 21.40 4.51 -20.75
CA PRO F 186 20.22 3.99 -20.08
C PRO F 186 19.34 5.01 -19.43
N LEU F 187 18.03 4.83 -19.57
CA LEU F 187 17.01 5.50 -18.73
CA LEU F 187 17.02 5.49 -18.72
C LEU F 187 16.51 4.41 -17.78
N VAL F 188 16.80 4.55 -16.50
CA VAL F 188 16.54 3.51 -15.49
C VAL F 188 15.48 4.01 -14.51
N CYS F 189 14.38 3.27 -14.39
CA CYS F 189 13.28 3.66 -13.52
C CYS F 189 13.08 2.59 -12.48
N GLY F 190 13.28 2.94 -11.20
CA GLY F 190 13.17 1.99 -10.09
C GLY F 190 14.14 0.83 -10.20
N GLY F 191 15.37 1.09 -10.66
CA GLY F 191 16.39 0.05 -10.84
C GLY F 191 16.21 -0.90 -12.03
N VAL F 192 15.27 -0.60 -12.92
CA VAL F 192 15.03 -1.41 -14.11
C VAL F 192 15.26 -0.59 -15.35
N LEU F 193 15.96 -1.15 -16.34
CA LEU F 193 16.15 -0.43 -17.60
C LEU F 193 14.80 -0.32 -18.31
N GLU F 194 14.40 0.90 -18.59
CA GLU F 194 13.15 1.16 -19.29
C GLU F 194 13.38 1.78 -20.64
N GLY F 195 14.43 2.56 -20.79
CA GLY F 195 14.68 3.20 -22.07
C GLY F 195 16.13 3.37 -22.43
N VAL F 196 16.32 3.70 -23.71
CA VAL F 196 17.62 3.98 -24.24
C VAL F 196 17.57 5.35 -24.88
N VAL F 197 18.56 6.18 -24.59
CA VAL F 197 18.64 7.53 -25.15
C VAL F 197 18.81 7.41 -26.70
N THR F 198 17.96 8.12 -27.46
CA THR F 198 18.15 8.21 -28.91
C THR F 198 18.84 9.50 -29.29
N VAL F 203 17.97 18.70 -30.05
CA VAL F 203 18.05 19.82 -29.11
C VAL F 203 18.33 19.28 -27.70
N CYS F 204 19.02 20.08 -26.89
CA CYS F 204 19.28 19.74 -25.49
C CYS F 204 18.90 20.89 -24.57
N GLY F 205 18.26 20.57 -23.43
CA GLY F 205 17.99 21.55 -22.39
C GLY F 205 16.76 22.40 -22.64
N ASN F 206 16.01 22.08 -23.69
CA ASN F 206 14.83 22.87 -24.11
C ASN F 206 13.53 22.15 -23.74
N ARG F 207 12.87 22.65 -22.68
CA ARG F 207 11.60 22.08 -22.20
C ARG F 207 10.53 21.83 -23.28
N LYS F 208 10.54 22.65 -24.33
CA LYS F 208 9.59 22.48 -25.44
C LYS F 208 9.84 21.21 -26.26
N LYS F 209 11.09 20.69 -26.24
CA LYS F 209 11.47 19.42 -26.90
C LYS F 209 12.01 18.38 -25.89
N PRO F 210 11.12 17.63 -25.23
CA PRO F 210 11.47 16.54 -24.30
C PRO F 210 12.47 15.54 -24.88
N GLY F 211 13.34 15.00 -24.03
CA GLY F 211 14.24 13.92 -24.46
C GLY F 211 13.38 12.77 -24.87
N ILE F 212 13.78 12.15 -25.96
CA ILE F 212 13.13 10.97 -26.49
C ILE F 212 13.97 9.73 -26.19
N TYR F 213 13.30 8.68 -25.72
CA TYR F 213 13.98 7.46 -25.29
C TYR F 213 13.24 6.27 -25.90
N THR F 214 14.00 5.28 -26.39
CA THR F 214 13.38 4.09 -26.94
C THR F 214 12.97 3.15 -25.81
N ARG F 215 11.73 2.66 -25.84
CA ARG F 215 11.21 1.80 -24.81
C ARG F 215 11.63 0.37 -25.01
N VAL F 216 12.48 -0.15 -24.13
CA VAL F 216 13.05 -1.50 -24.33
C VAL F 216 12.02 -2.60 -24.29
N ALA F 217 10.96 -2.41 -23.51
CA ALA F 217 9.87 -3.36 -23.43
C ALA F 217 9.18 -3.57 -24.79
N SER F 218 9.06 -2.52 -25.61
CA SER F 218 8.55 -2.69 -26.98
C SER F 218 9.43 -3.62 -27.83
N TYR F 219 10.69 -3.81 -27.47
CA TYR F 219 11.62 -4.61 -28.27
C TYR F 219 12.07 -5.88 -27.56
N ALA F 220 11.28 -6.32 -26.58
CA ALA F 220 11.66 -7.44 -25.71
C ALA F 220 11.93 -8.71 -26.48
N ALA F 221 11.06 -8.99 -27.44
CA ALA F 221 11.17 -10.19 -28.25
C ALA F 221 12.43 -10.18 -29.11
N TRP F 222 12.74 -9.05 -29.72
CA TRP F 222 13.98 -8.90 -30.49
C TRP F 222 15.22 -9.04 -29.59
N ILE F 223 15.23 -8.40 -28.43
CA ILE F 223 16.39 -8.50 -27.55
C ILE F 223 16.62 -9.96 -27.10
N ASP F 224 15.56 -10.63 -26.66
CA ASP F 224 15.69 -12.07 -26.30
C ASP F 224 16.24 -12.90 -27.43
N SER F 225 15.66 -12.71 -28.62
N SER F 225 15.65 -12.72 -28.62
CA SER F 225 16.05 -13.47 -29.79
CA SER F 225 16.05 -13.48 -29.80
C SER F 225 17.55 -13.34 -30.12
C SER F 225 17.53 -13.32 -30.19
N VAL F 226 18.09 -12.12 -30.01
CA VAL F 226 19.51 -11.88 -30.28
C VAL F 226 20.42 -12.49 -29.20
N LEU F 227 20.08 -12.27 -27.94
CA LEU F 227 20.81 -12.90 -26.84
C LEU F 227 20.77 -14.44 -26.90
N ALA F 228 19.62 -15.00 -27.27
CA ALA F 228 19.46 -16.45 -27.39
C ALA F 228 20.30 -17.09 -28.51
N SER F 229 20.78 -16.32 -29.49
CA SER F 229 21.83 -16.79 -30.42
C SER F 229 23.20 -16.63 -29.75
N ALA F 230 23.55 -17.61 -28.91
CA ALA F 230 24.79 -17.62 -28.13
C ALA F 230 25.70 -18.75 -28.59
N1 E85 G . -20.17 -28.08 18.77
N3 E85 G . -19.51 -26.99 18.24
C4 E85 G . -19.04 -26.28 19.31
C5 E85 G . -19.44 -26.93 20.57
C6 E85 G . -20.14 -28.07 20.12
C8 E85 G . -20.53 -28.75 22.33
N12 E85 G . -18.77 -25.61 22.49
C15 E85 G . -18.07 -24.26 24.26
C17 E85 G . -18.16 -23.78 25.55
C20 E85 G . -20.20 -25.04 25.86
C22 E85 G . -20.11 -25.52 24.57
C28 E85 G . -18.31 -24.29 18.11
O24 E85 G . -17.20 -22.90 25.99
C18 E85 G . -19.22 -24.17 26.36
C14 E85 G . -19.02 -25.14 23.74
C11 E85 G . -19.32 -26.73 21.96
N10 E85 G . -19.87 -27.66 22.79
N7 E85 G . -20.68 -28.97 21.02
N26 E85 G . -18.43 -25.06 19.23
C36 E85 G . -19.14 -24.35 17.00
C34 E85 G . -18.83 -23.59 15.87
C32 E85 G . -17.68 -22.78 15.83
C31 E85 G . -16.86 -22.70 16.93
C29 E85 G . -17.19 -23.46 18.05
C38 E85 G . -15.61 -21.85 16.92
N41 E85 G . -15.66 -20.89 18.02
N1 E85 H . 3.17 -2.82 35.98
N3 E85 H . 4.02 -1.92 35.33
C4 E85 H . 4.74 -1.39 36.31
C5 E85 H . 4.33 -1.89 37.66
C6 E85 H . 3.33 -2.83 37.32
C8 E85 H . 3.03 -3.38 39.59
N12 E85 H . 5.52 -0.77 39.42
C15 E85 H . 6.68 0.58 40.97
C17 E85 H . 6.86 1.16 42.24
C20 E85 H . 4.75 0.23 42.98
C22 E85 H . 4.56 -0.34 41.70
C28 E85 H . 5.50 0.60 35.07
O24 E85 H . 8.01 1.87 42.44
C18 E85 H . 5.91 0.98 43.24
C14 E85 H . 5.53 -0.18 40.67
C11 E85 H . 4.66 -1.73 39.01
N10 E85 H . 3.99 -2.49 39.93
N7 E85 H . 2.72 -3.55 38.29
N26 E85 H . 5.56 -0.33 36.11
C36 E85 H . 4.57 0.69 33.99
C34 E85 H . 4.74 1.69 33.01
C32 E85 H . 5.81 2.59 33.05
C31 E85 H . 6.72 2.50 34.11
C29 E85 H . 6.55 1.52 35.07
C38 E85 H . 7.94 3.36 34.33
N41 E85 H . 8.05 4.48 33.39
N1 E85 I . -23.50 10.24 -23.09
N3 E85 I . -24.29 9.89 -22.01
C4 E85 I . -24.58 11.06 -21.42
C5 E85 I . -23.94 12.18 -22.14
C6 E85 I . -23.28 11.54 -23.19
C8 E85 I . -22.46 13.56 -24.00
N12 E85 I . -24.37 14.26 -21.01
C15 E85 I . -24.88 16.07 -19.64
C17 E85 I . -24.71 17.37 -19.18
C20 E85 I . -22.79 17.64 -20.60
C22 E85 I . -22.96 16.33 -21.06
C28 E85 I . -25.37 10.03 -19.39
O24 E85 I . -25.63 17.82 -18.27
C18 E85 I . -23.67 18.16 -19.65
C14 E85 I . -24.02 15.53 -20.60
C11 E85 I . -23.84 13.57 -22.05
N10 E85 I . -23.09 14.21 -23.01
N7 E85 I . -22.55 12.23 -24.10
N26 E85 I . -25.25 11.10 -20.22
C36 E85 I . -24.63 8.84 -19.46
C34 E85 I . -24.93 7.76 -18.63
C32 E85 I . -25.96 7.84 -17.71
C31 E85 I . -26.69 9.00 -17.61
C29 E85 I . -26.40 10.08 -18.46
C38 E85 I . -27.82 9.08 -16.62
N41 E85 I . -27.86 10.36 -15.89
N1 E85 J . -0.23 37.89 -5.02
N3 E85 J . -0.82 37.50 -3.84
C4 E85 J . -1.23 38.63 -3.23
C5 E85 J . -0.92 39.80 -4.12
C6 E85 J . -0.28 39.21 -5.22
C8 E85 J . 0.01 41.29 -6.24
N12 E85 J . -1.50 41.89 -3.07
C15 E85 J . -1.36 43.71 -1.57
C17 E85 J . -0.81 44.90 -1.12
C20 E85 J . 0.82 44.86 -2.89
C22 E85 J . 0.28 43.64 -3.34
C28 E85 J . -1.99 37.60 -1.13
O24 E85 J . -1.37 45.49 -0.02
C18 E85 J . 0.27 45.49 -1.79
C14 E85 J . -0.84 43.04 -2.69
C11 E85 J . -1.08 41.18 -4.14
N10 E85 J . -0.60 41.88 -5.20
N7 E85 J . 0.16 39.97 -6.25
N26 E85 J . -1.81 38.68 -1.99
C36 E85 J . -1.28 36.35 -1.24
C34 E85 J . -1.62 35.29 -0.39
C32 E85 J . -2.64 35.40 0.55
C31 E85 J . -3.32 36.60 0.67
C29 E85 J . -3.00 37.68 -0.16
C38 E85 J . -4.41 36.69 1.70
N41 E85 J . -4.32 37.93 2.50
N1 E85 K . 17.88 -25.34 11.77
N3 E85 K . 19.08 -24.72 11.42
C4 E85 K . 19.52 -24.19 12.56
C5 E85 K . 18.57 -24.45 13.69
C6 E85 K . 17.56 -25.23 13.07
C8 E85 K . 16.39 -25.42 15.07
N12 E85 K . 19.32 -23.37 15.77
C15 E85 K . 20.09 -21.94 17.52
C17 E85 K . 19.94 -21.24 18.72
C20 E85 K . 17.64 -21.91 18.81
C22 E85 K . 17.80 -22.63 17.61
C28 E85 K . 21.03 -22.53 11.55
O24 E85 K . 20.98 -20.56 19.27
C18 E85 K . 18.70 -21.22 19.37
C14 E85 K . 19.04 -22.66 16.93
C11 E85 K . 18.45 -24.18 15.08
N10 E85 K . 17.35 -24.68 15.69
N7 E85 K . 16.48 -25.69 13.77
N26 E85 K . 20.59 -23.35 12.59
C36 E85 K . 20.49 -22.40 10.25
C34 E85 K . 21.11 -21.57 9.31
C32 E85 K . 22.24 -20.83 9.60
C31 E85 K . 22.80 -20.93 10.88
C29 E85 K . 22.17 -21.76 11.83
C38 E85 K . 24.03 -20.15 11.27
N41 E85 K . 25.24 -20.85 10.86
N1 E85 L . 24.16 13.98 -31.38
N3 E85 L . 23.02 13.92 -30.57
C4 E85 L . 22.60 15.21 -30.39
C5 E85 L . 23.54 16.11 -31.12
C6 E85 L . 24.48 15.24 -31.73
C8 E85 L . 25.62 17.04 -32.68
N12 E85 L . 22.92 18.38 -30.67
C15 E85 L . 24.89 19.71 -29.95
C17 E85 L . 25.39 20.71 -29.13
C20 E85 L . 23.20 21.02 -28.18
C22 E85 L . 22.70 20.03 -29.01
C28 E85 L . 21.03 14.78 -28.52
O24 E85 L . 26.72 21.01 -29.26
C18 E85 L . 24.55 21.40 -28.23
C14 E85 L . 23.53 19.36 -29.92
C11 E85 L . 23.67 17.47 -31.35
N10 E85 L . 24.73 17.88 -32.10
N7 E85 L . 25.49 15.72 -32.50
N26 E85 L . 21.56 15.59 -29.52
C36 E85 L . 21.56 13.53 -28.15
C34 E85 L . 20.92 12.70 -27.25
C32 E85 L . 19.73 13.08 -26.67
C31 E85 L . 19.20 14.31 -26.98
C29 E85 L . 19.84 15.15 -27.90
C38 E85 L . 17.89 14.68 -26.34
N41 E85 L . 17.99 15.64 -25.25
#